data_5M5G
#
_entry.id   5M5G
#
_cell.length_a   81.554
_cell.length_b   74.612
_cell.length_c   128.508
_cell.angle_alpha   90.00
_cell.angle_beta   107.70
_cell.angle_gamma   90.00
#
_symmetry.space_group_name_H-M   'P 1 21 1'
#
loop_
_entity.id
_entity.type
_entity.pdbx_description
1 polymer 'putative polycomb protein EED'
2 polymer 'Putative uncharacterized protein'
3 polymer 'HISTONE H3 11-Mer peptide'
4 polymer 'Fragment from molecular 2 (region containing putative polycomb protein Suz12)'
5 non-polymer 'ZINC ION'
6 non-polymer S-ADENOSYL-L-HOMOCYSTEINE
7 water water
#
loop_
_entity_poly.entity_id
_entity_poly.type
_entity_poly.pdbx_seq_one_letter_code
_entity_poly.pdbx_strand_id
1 'polypeptide(L)'
;MASAWSHPQFEKGGGSGGGSGGSAWSHPQFEKLEVLFQGPMPASDSAEWELPRLRTSFIFQDDYKYLGDDGSVSQDLAEF
FDVKFYPYSPPGAPPVFAATSKKHAVICRLTQTTDKDANPCEIIQLIRDDGNEANCASCWSKDPITDQPLLCIAGNEGNV
KVYNVTEGKLYRTLVGHGGGINDLATSPANPYIIASASDDTTIRIWSLAPEHEKQPCVCILGGEGHSYDLLSVAFHDNGR
YVLSAGHDQVINLWALPEFPNEHMEIPIVIYYPHFSSSEIHNNLVDCVAFYGDLILSRACHEDTIVLWRIEGFSSDDPIP
GPLDAPTPTDMTKQTRSYFTPTVSPQSRPAMFTRLAQFHTPDCGVQFFMRFRMYHVPGKHPILAFANAKSKTFFWDLARF
GEYARFMADLKEAQQSYNGRVVVVDQGQGISLAQAQQVHGPGVGVVMKPAWLVPKRVKKAPGAAGSGSGTAANGGHNNNN
NNNNNNNNNNHETGSQRSFSATNNLSNSGRDKESASMVSASPDPDSPFGFSRETLQAWADMYDLSNPVGLIKAHRSLAID
GAFVGRQVGWSPEGEWCVVVGNGNRALIYQRWGKERGLGSGTPGA
;
A
2 'polypeptide(L)'
;SNHHHHHHATPKNTEWTVDKIASALSVLAEEVPQNHSRLVNFLLEETEKRAPQPRHLSKTDPFAHMKSKAIDANRPRPEG
VPTMDVKFKQHSGEYGKSRNSGRRFQYPVVCIKPDREPVPPYRFHHAEIRKNILALNSQLNFVPHLRDVDPNSAEEQKYS
AWLMDLENLDSKSGFKIQPRSQKIAKRAQAEYAATLAPYLEPWLRKLNIEGCTKSNLIRFMASQPESDDSMTPQQKSNLL
DTYSDDMGSPQAVRNASMFTEAWDRVFNDQSKLRRVALRDILMLDKNVEPIFDNKRAKDAPGSQKPPDEALMQKVIDALG
SYTTLGCLICFSHDCEHGEIERDNQKRCFSLEEIGGLMPSLRRKWAAQIEQRQKTEGGSANAPPAHPPCRNECYRIHGTG
DPNQQVPPWSENEVGTLEWMFATIGYSQTLRPECFVGAILGRPCWDVHRKLQELDLRLPPVEPRTIPKQKSLPWYDRRKK
QLMSDWADATITHEHAVRELFAPCHHDGPCTAANGCPCASAGTHPVLCERFCLCTAEECPLKFTGCACHSSGKTCLQRQR
EGRPCICVQLNRECDPTLCKGCGARERADPENAYDEVLHSTGCQNVALQRGAAKAVVLGKSQLEACGYGLFAAEDIEEGE
FVIEYTGELISHDEGVRREHRRGDVFDEENKVSYLFTLLEQEGIWVDAAIYGNLSRYINHATDGNIMPKIMYVNHEWRIK
FTAIKDIKAGEELFFNYGDNFPNLTKKLVERNEQSGAETTPQQPKRANGLVPRGSEVMLPGRGVPKKPLRRPKRRPLLVP
KTTQPLFDPLSKVQLLPGQPLPQHPIDDSWLLLKHRDNLQDFIDLRPEEKEFLQEWDAFILRRHISSEQYLPRYFLRFVR
EKADWLVSKRSRGEEFSKLVATLLARRVLPERVVIEATQVLNDARGRLREQGGVIEG
;
B
3 'polypeptide(L)' TKAAR(M3L)SAPAT D
4 'polypeptide(L)' VMLPGRGVP E
#
# COMPACT_ATOMS: atom_id res chain seq x y z
N SER A 46 5.01 -40.59 26.80
CA SER A 46 3.56 -40.33 26.53
C SER A 46 3.27 -38.80 26.67
N ALA A 47 2.01 -38.46 26.99
CA ALA A 47 1.62 -37.11 27.41
C ALA A 47 1.70 -35.97 26.35
N GLU A 48 1.64 -36.30 25.07
CA GLU A 48 1.58 -35.30 23.99
C GLU A 48 0.36 -34.40 24.04
N TRP A 49 -0.70 -34.85 24.72
CA TRP A 49 -1.94 -34.08 24.88
C TRP A 49 -1.96 -33.14 26.08
N GLU A 50 -0.93 -33.20 26.92
CA GLU A 50 -0.91 -32.43 28.12
C GLU A 50 -0.78 -30.91 27.83
N LEU A 51 -1.64 -30.12 28.50
CA LEU A 51 -1.66 -28.69 28.43
C LEU A 51 -1.08 -28.04 29.70
N PRO A 52 -0.61 -26.79 29.63
CA PRO A 52 0.09 -26.23 30.80
C PRO A 52 -0.77 -25.89 32.00
N ARG A 53 -0.10 -25.77 33.14
CA ARG A 53 -0.70 -25.35 34.41
C ARG A 53 0.21 -24.28 35.00
N LEU A 54 -0.38 -23.37 35.80
CA LEU A 54 0.37 -22.34 36.51
C LEU A 54 1.34 -22.99 37.48
N ARG A 55 2.62 -22.59 37.38
CA ARG A 55 3.72 -23.08 38.24
C ARG A 55 4.33 -21.96 39.10
N THR A 56 4.59 -20.79 38.51
CA THR A 56 5.29 -19.70 39.16
C THR A 56 4.69 -18.39 38.68
N SER A 57 4.69 -17.37 39.53
CA SER A 57 4.42 -15.98 39.14
C SER A 57 5.38 -14.99 39.86
N PHE A 58 5.62 -13.84 39.23
CA PHE A 58 6.39 -12.80 39.87
C PHE A 58 5.96 -11.40 39.52
N ILE A 59 6.19 -10.48 40.44
CA ILE A 59 5.88 -9.07 40.26
C ILE A 59 7.23 -8.44 40.34
N PHE A 60 7.63 -7.66 39.32
CA PHE A 60 8.92 -6.98 39.32
C PHE A 60 8.56 -5.55 39.69
N GLN A 61 9.40 -4.96 40.53
CA GLN A 61 9.14 -3.63 41.12
C GLN A 61 8.73 -2.56 40.12
N ASP A 62 7.72 -1.77 40.48
CA ASP A 62 7.32 -0.60 39.71
C ASP A 62 8.52 0.26 39.26
N ASP A 63 8.60 0.55 37.96
CA ASP A 63 9.76 1.24 37.42
C ASP A 63 9.34 2.42 36.53
N TYR A 64 8.09 2.82 36.60
CA TYR A 64 7.56 3.91 35.81
C TYR A 64 6.60 4.86 36.50
N LYS A 65 6.08 4.53 37.68
CA LYS A 65 5.08 5.39 38.37
C LYS A 65 5.44 6.90 38.43
N TYR A 66 6.73 7.26 38.58
CA TYR A 66 7.16 8.69 38.58
C TYR A 66 7.39 9.32 37.21
N LEU A 67 7.33 8.54 36.13
CA LEU A 67 7.58 9.03 34.79
C LEU A 67 6.29 8.79 34.02
N GLN A 75 -5.34 4.63 34.38
CA GLN A 75 -4.13 3.94 33.97
C GLN A 75 -3.19 3.72 35.14
N ASP A 76 -2.70 2.49 35.33
CA ASP A 76 -1.49 2.29 36.13
C ASP A 76 -0.35 1.92 35.16
N LEU A 77 0.80 2.53 35.42
CA LEU A 77 1.80 2.84 34.40
C LEU A 77 2.82 1.71 34.11
N ALA A 78 3.15 0.88 35.08
CA ALA A 78 4.16 -0.16 34.88
C ALA A 78 3.63 -1.37 34.12
N GLU A 79 4.34 -1.79 33.07
CA GLU A 79 3.92 -2.98 32.30
C GLU A 79 5.13 -3.70 31.78
N PHE A 80 5.02 -5.03 31.76
CA PHE A 80 5.82 -5.87 30.88
C PHE A 80 5.06 -5.91 29.57
N PHE A 81 5.62 -5.25 28.54
CA PHE A 81 5.03 -5.25 27.19
C PHE A 81 5.48 -6.42 26.37
N ASP A 82 6.67 -6.98 26.63
CA ASP A 82 7.21 -8.04 25.79
C ASP A 82 7.87 -9.14 26.57
N VAL A 83 7.90 -10.35 25.99
CA VAL A 83 8.69 -11.47 26.49
C VAL A 83 9.12 -12.32 25.30
N LYS A 84 10.38 -12.68 25.25
CA LYS A 84 10.93 -13.48 24.20
C LYS A 84 11.97 -14.49 24.70
N PHE A 85 11.76 -15.76 24.38
CA PHE A 85 12.73 -16.83 24.62
C PHE A 85 13.91 -16.75 23.65
N TYR A 86 15.11 -16.94 24.16
CA TYR A 86 16.30 -16.98 23.33
C TYR A 86 16.19 -18.21 22.44
N PRO A 87 16.30 -18.04 21.14
CA PRO A 87 16.13 -19.19 20.25
C PRO A 87 17.36 -19.89 19.73
N TYR A 88 18.54 -19.42 20.04
CA TYR A 88 19.76 -19.97 19.42
C TYR A 88 20.65 -20.88 20.37
N SER A 89 20.07 -21.36 21.45
CA SER A 89 20.79 -22.21 22.38
C SER A 89 20.80 -23.62 21.86
N PRO A 90 21.74 -24.45 22.32
CA PRO A 90 21.75 -25.85 21.83
C PRO A 90 20.56 -26.64 22.32
N PRO A 91 20.23 -27.71 21.59
CA PRO A 91 19.05 -28.47 22.08
C PRO A 91 19.29 -28.96 23.50
N GLY A 92 18.31 -28.76 24.35
CA GLY A 92 18.38 -29.23 25.72
C GLY A 92 18.90 -28.23 26.73
N ALA A 93 19.42 -27.09 26.27
CA ALA A 93 19.96 -26.09 27.16
C ALA A 93 18.82 -25.51 28.00
N PRO A 94 19.13 -25.02 29.22
CA PRO A 94 18.03 -24.44 29.98
C PRO A 94 17.48 -23.23 29.22
N PRO A 95 16.15 -23.09 29.19
CA PRO A 95 15.59 -21.97 28.47
C PRO A 95 15.75 -20.63 29.18
N VAL A 96 16.01 -19.60 28.36
CA VAL A 96 16.23 -18.24 28.80
C VAL A 96 15.27 -17.29 28.12
N PHE A 97 14.59 -16.45 28.90
CA PHE A 97 13.79 -15.43 28.29
C PHE A 97 14.18 -14.07 28.78
N ALA A 98 13.83 -13.07 27.97
CA ALA A 98 13.94 -11.66 28.39
C ALA A 98 12.51 -11.12 28.49
N ALA A 99 12.17 -10.55 29.65
CA ALA A 99 10.92 -9.76 29.80
C ALA A 99 11.31 -8.27 29.80
N THR A 100 10.58 -7.48 29.01
CA THR A 100 10.89 -6.07 28.79
C THR A 100 9.74 -5.22 29.41
N SER A 101 10.10 -4.46 30.44
CA SER A 101 9.23 -3.47 31.04
C SER A 101 9.48 -2.13 30.33
N LYS A 102 8.83 -1.06 30.75
CA LYS A 102 9.09 0.27 30.16
C LYS A 102 10.50 0.74 30.29
N LYS A 103 11.20 0.35 31.38
CA LYS A 103 12.57 0.78 31.68
C LYS A 103 13.65 -0.27 31.82
N HIS A 104 13.28 -1.55 31.87
CA HIS A 104 14.21 -2.64 32.13
C HIS A 104 14.01 -3.84 31.23
N ALA A 105 15.08 -4.59 31.09
CA ALA A 105 15.08 -5.91 30.50
C ALA A 105 15.47 -6.92 31.64
N VAL A 106 14.52 -7.81 31.99
CA VAL A 106 14.73 -8.85 33.02
C VAL A 106 14.98 -10.19 32.34
N ILE A 107 16.22 -10.67 32.40
CA ILE A 107 16.62 -11.91 31.80
C ILE A 107 16.59 -13.11 32.78
N CYS A 108 15.77 -14.13 32.51
CA CYS A 108 15.51 -15.24 33.42
C CYS A 108 15.86 -16.56 32.81
N ARG A 109 16.32 -17.49 33.65
CA ARG A 109 16.51 -18.89 33.27
C ARG A 109 15.50 -19.75 33.98
N LEU A 110 14.90 -20.67 33.24
CA LEU A 110 13.97 -21.64 33.81
C LEU A 110 14.62 -23.02 33.83
N THR A 111 14.51 -23.66 35.01
CA THR A 111 15.02 -25.03 35.25
C THR A 111 13.93 -25.84 35.92
N GLN A 112 13.66 -27.04 35.39
CA GLN A 112 12.59 -27.87 35.93
C GLN A 112 13.01 -28.44 37.27
N THR A 113 12.08 -28.43 38.22
CA THR A 113 12.39 -28.80 39.61
C THR A 113 11.58 -30.01 40.05
N THR A 114 12.15 -30.77 40.98
CA THR A 114 11.42 -31.90 41.60
C THR A 114 10.60 -31.49 42.81
N ASP A 115 10.77 -30.24 43.23
CA ASP A 115 10.18 -29.71 44.42
C ASP A 115 9.17 -28.65 44.02
N LYS A 116 7.91 -28.91 44.36
CA LYS A 116 6.81 -28.04 44.08
C LYS A 116 6.99 -26.64 44.70
N ASP A 117 7.75 -26.56 45.79
CA ASP A 117 7.99 -25.32 46.54
C ASP A 117 9.22 -24.59 46.05
N ALA A 118 10.09 -25.28 45.35
CA ALA A 118 11.26 -24.61 44.80
C ALA A 118 10.85 -23.65 43.64
N ASN A 119 11.75 -22.69 43.39
CA ASN A 119 11.58 -21.65 42.39
C ASN A 119 12.36 -22.03 41.15
N PRO A 120 11.64 -22.39 40.07
CA PRO A 120 12.31 -22.71 38.80
C PRO A 120 12.91 -21.47 38.07
N CYS A 121 12.40 -20.27 38.38
CA CYS A 121 12.82 -19.03 37.71
C CYS A 121 14.01 -18.34 38.41
N GLU A 122 15.11 -18.17 37.73
CA GLU A 122 16.19 -17.34 38.28
C GLU A 122 16.57 -16.17 37.38
N ILE A 123 16.81 -15.01 37.97
CA ILE A 123 17.08 -13.80 37.20
C ILE A 123 18.55 -13.70 37.13
N ILE A 124 19.10 -13.89 35.96
CA ILE A 124 20.55 -13.90 35.70
C ILE A 124 21.08 -12.55 35.18
N GLN A 125 20.19 -11.63 34.77
CA GLN A 125 20.64 -10.30 34.33
C GLN A 125 19.52 -9.34 34.42
N LEU A 126 19.84 -8.11 34.78
CA LEU A 126 18.81 -7.07 34.87
C LEU A 126 19.42 -5.76 34.38
N ILE A 127 18.93 -5.28 33.23
CA ILE A 127 19.43 -4.05 32.59
C ILE A 127 18.44 -2.94 32.70
N ARG A 128 18.87 -1.77 33.16
CA ARG A 128 18.07 -0.56 33.07
C ARG A 128 18.52 0.27 31.87
N ASP A 129 17.54 0.64 31.02
CA ASP A 129 17.73 1.63 29.94
C ASP A 129 17.77 3.01 30.59
N ASP A 130 18.96 3.59 30.71
CA ASP A 130 19.06 4.84 31.45
C ASP A 130 18.83 6.11 30.62
N GLY A 131 17.83 6.09 29.75
CA GLY A 131 17.49 7.16 28.84
C GLY A 131 16.14 7.62 29.32
N ASN A 132 15.46 8.45 28.55
CA ASN A 132 14.21 9.08 28.97
C ASN A 132 13.00 8.64 28.16
N GLU A 133 13.03 7.40 27.70
CA GLU A 133 12.01 6.80 26.85
C GLU A 133 11.43 5.52 27.51
N ALA A 134 10.17 5.21 27.19
CA ALA A 134 9.51 3.96 27.52
C ALA A 134 9.65 2.92 26.40
N ASN A 135 10.18 1.74 26.75
CA ASN A 135 10.27 0.60 25.81
C ASN A 135 9.07 -0.29 25.81
N CYS A 136 8.92 -1.01 24.72
CA CYS A 136 7.78 -1.88 24.54
C CYS A 136 8.05 -3.03 23.53
N ALA A 137 9.29 -3.18 23.04
CA ALA A 137 9.54 -4.10 21.94
C ALA A 137 10.89 -4.71 22.07
N SER A 138 11.00 -6.00 21.79
CA SER A 138 12.25 -6.72 21.82
C SER A 138 12.31 -7.89 20.86
N CYS A 139 13.54 -8.26 20.52
CA CYS A 139 13.79 -9.46 19.76
C CYS A 139 15.24 -9.83 20.01
N TRP A 140 15.63 -11.07 19.67
CA TRP A 140 16.95 -11.56 19.89
C TRP A 140 17.69 -11.67 18.58
N SER A 141 18.95 -11.35 18.64
CA SER A 141 19.91 -11.57 17.56
C SER A 141 21.20 -12.15 18.18
N LYS A 142 22.27 -12.18 17.42
CA LYS A 142 23.54 -12.68 17.84
C LYS A 142 24.63 -11.84 17.21
N ASP A 143 25.72 -11.64 17.95
CA ASP A 143 26.93 -10.98 17.45
C ASP A 143 27.53 -11.75 16.28
N PRO A 144 27.67 -11.11 15.11
CA PRO A 144 28.16 -11.88 13.93
C PRO A 144 29.60 -12.38 14.00
N ILE A 145 30.38 -11.90 14.96
CA ILE A 145 31.77 -12.29 15.19
C ILE A 145 31.89 -13.25 16.40
N THR A 146 31.25 -12.96 17.52
CA THR A 146 31.38 -13.80 18.69
C THR A 146 30.30 -14.83 18.91
N ASP A 147 29.17 -14.68 18.20
CA ASP A 147 27.99 -15.51 18.37
C ASP A 147 27.32 -15.36 19.73
N GLN A 148 27.63 -14.31 20.48
CA GLN A 148 27.07 -14.07 21.79
C GLN A 148 25.63 -13.56 21.63
N PRO A 149 24.75 -13.80 22.60
CA PRO A 149 23.38 -13.25 22.46
C PRO A 149 23.27 -11.71 22.41
N LEU A 150 22.42 -11.17 21.54
CA LEU A 150 22.13 -9.73 21.48
C LEU A 150 20.68 -9.56 21.72
N LEU A 151 20.32 -8.75 22.70
CA LEU A 151 18.92 -8.37 22.96
C LEU A 151 18.62 -6.94 22.40
N CYS A 152 17.65 -6.86 21.46
CA CYS A 152 17.28 -5.61 20.83
C CYS A 152 16.05 -5.09 21.56
N ILE A 153 16.09 -3.84 21.95
CA ILE A 153 15.01 -3.22 22.68
C ILE A 153 14.69 -1.90 21.98
N ALA A 154 13.41 -1.64 21.80
CA ALA A 154 12.98 -0.37 21.27
C ALA A 154 11.65 0.11 21.92
N GLY A 155 11.46 1.42 21.82
CA GLY A 155 10.32 2.15 22.37
C GLY A 155 10.10 3.53 21.74
N ASN A 156 9.65 4.48 22.57
CA ASN A 156 9.05 5.66 22.05
C ASN A 156 10.07 6.69 21.50
N GLU A 157 11.35 6.53 21.69
CA GLU A 157 12.31 7.42 21.07
C GLU A 157 12.57 7.09 19.63
N GLY A 158 12.36 5.83 19.25
CA GLY A 158 12.52 5.44 17.85
C GLY A 158 13.88 4.96 17.45
N ASN A 159 14.65 4.52 18.43
CA ASN A 159 15.91 3.84 18.13
C ASN A 159 15.85 2.37 18.63
N VAL A 160 16.54 1.46 17.95
CA VAL A 160 16.74 0.11 18.41
C VAL A 160 18.04 0.00 19.20
N LYS A 161 17.91 -0.30 20.46
CA LYS A 161 19.11 -0.48 21.29
C LYS A 161 19.46 -1.96 21.24
N VAL A 162 20.70 -2.27 20.91
CA VAL A 162 21.16 -3.64 20.84
C VAL A 162 22.17 -3.87 21.96
N TYR A 163 21.77 -4.67 22.95
CA TYR A 163 22.56 -5.01 24.12
C TYR A 163 23.26 -6.39 24.09
N ASN A 164 24.56 -6.36 24.35
CA ASN A 164 25.34 -7.52 24.76
C ASN A 164 24.90 -7.87 26.19
N VAL A 165 24.06 -8.88 26.36
CA VAL A 165 23.45 -9.15 27.69
C VAL A 165 24.38 -9.89 28.65
N THR A 166 25.26 -10.75 28.11
CA THR A 166 26.09 -11.53 28.99
C THR A 166 27.12 -10.65 29.62
N GLU A 167 27.70 -9.69 28.88
CA GLU A 167 28.58 -8.66 29.46
C GLU A 167 27.91 -7.39 30.06
N GLY A 168 26.60 -7.19 29.91
CA GLY A 168 25.91 -5.99 30.38
C GLY A 168 26.36 -4.70 29.66
N LYS A 169 26.45 -4.71 28.34
CA LYS A 169 26.98 -3.63 27.52
C LYS A 169 26.06 -3.28 26.34
N LEU A 170 26.11 -2.03 25.88
CA LEU A 170 25.47 -1.62 24.62
C LEU A 170 26.38 -2.04 23.51
N TYR A 171 25.88 -2.83 22.58
CA TYR A 171 26.69 -3.31 21.47
C TYR A 171 26.63 -2.26 20.32
N ARG A 172 25.41 -1.88 19.94
CA ARG A 172 25.16 -0.74 19.06
C ARG A 172 23.71 -0.22 19.13
N THR A 173 23.50 0.96 18.50
CA THR A 173 22.18 1.55 18.35
C THR A 173 21.81 1.66 16.85
N LEU A 174 20.57 1.29 16.49
CA LEU A 174 20.03 1.45 15.12
C LEU A 174 19.15 2.67 15.12
N VAL A 175 19.59 3.66 14.37
CA VAL A 175 19.00 5.01 14.31
C VAL A 175 18.45 5.23 12.88
N GLY A 176 17.31 5.89 12.72
CA GLY A 176 16.69 6.09 11.40
C GLY A 176 15.20 6.29 11.39
N HIS A 177 14.47 5.59 12.26
CA HIS A 177 13.05 5.80 12.34
C HIS A 177 12.72 7.22 12.76
N GLY A 178 11.56 7.71 12.29
CA GLY A 178 11.05 9.02 12.63
C GLY A 178 10.01 9.09 13.73
N GLY A 179 9.71 7.95 14.36
CA GLY A 179 8.80 7.92 15.50
C GLY A 179 9.05 6.70 16.36
N GLY A 180 8.26 6.57 17.41
CA GLY A 180 8.35 5.44 18.31
C GLY A 180 8.27 4.13 17.58
N ILE A 181 8.97 3.14 18.10
CA ILE A 181 8.92 1.73 17.60
C ILE A 181 7.97 0.93 18.48
N ASN A 182 6.99 0.25 17.86
CA ASN A 182 6.06 -0.59 18.60
C ASN A 182 6.28 -2.08 18.56
N ASP A 183 7.09 -2.55 17.60
CA ASP A 183 7.32 -4.00 17.48
C ASP A 183 8.61 -4.30 16.72
N LEU A 184 9.21 -5.42 17.07
CA LEU A 184 10.46 -5.91 16.46
C LEU A 184 10.34 -7.40 16.20
N ALA A 185 10.91 -7.88 15.10
CA ALA A 185 10.95 -9.32 14.82
C ALA A 185 12.21 -9.64 14.10
N THR A 186 12.82 -10.72 14.50
CA THR A 186 14.04 -11.23 13.87
C THR A 186 13.65 -12.22 12.75
N SER A 187 14.39 -12.22 11.65
CA SER A 187 14.13 -13.14 10.58
C SER A 187 14.48 -14.58 10.96
N PRO A 188 13.58 -15.51 10.70
CA PRO A 188 13.95 -16.93 10.97
C PRO A 188 15.00 -17.45 10.04
N ALA A 189 15.15 -16.88 8.86
CA ALA A 189 16.17 -17.34 7.93
C ALA A 189 17.48 -16.71 8.12
N ASN A 190 17.54 -15.63 8.87
CA ASN A 190 18.83 -14.97 9.07
C ASN A 190 18.77 -14.18 10.38
N PRO A 191 19.55 -14.61 11.39
CA PRO A 191 19.41 -14.07 12.73
C PRO A 191 19.96 -12.66 12.83
N TYR A 192 20.72 -12.23 11.82
CA TYR A 192 21.22 -10.86 11.76
C TYR A 192 20.24 -9.82 11.19
N ILE A 193 19.07 -10.25 10.67
CA ILE A 193 18.06 -9.41 9.99
C ILE A 193 16.90 -9.20 10.97
N ILE A 194 16.56 -7.93 11.19
CA ILE A 194 15.61 -7.50 12.19
C ILE A 194 14.65 -6.52 11.47
N ALA A 195 13.35 -6.64 11.71
CA ALA A 195 12.37 -5.67 11.22
C ALA A 195 11.80 -4.90 12.39
N SER A 196 11.61 -3.58 12.20
CA SER A 196 10.99 -2.76 13.19
C SER A 196 9.78 -2.04 12.62
N ALA A 197 8.71 -1.94 13.41
CA ALA A 197 7.44 -1.29 12.99
C ALA A 197 7.27 -0.06 13.80
N SER A 198 6.90 1.06 13.16
CA SER A 198 6.96 2.34 13.84
C SER A 198 5.76 3.22 13.68
N ASP A 199 5.68 4.22 14.56
CA ASP A 199 4.69 5.30 14.43
C ASP A 199 4.92 6.13 13.18
N ASP A 200 6.15 6.10 12.60
CA ASP A 200 6.38 6.81 11.33
C ASP A 200 5.70 6.11 10.13
N THR A 201 5.00 5.01 10.40
CA THR A 201 4.13 4.28 9.50
C THR A 201 4.91 3.33 8.60
N THR A 202 6.23 3.27 8.75
CA THR A 202 7.07 2.42 7.92
C THR A 202 7.60 1.20 8.71
N ILE A 203 8.09 0.18 7.98
CA ILE A 203 8.87 -0.89 8.52
C ILE A 203 10.28 -0.65 7.98
N ARG A 204 11.28 -0.72 8.85
CA ARG A 204 12.71 -0.75 8.39
C ARG A 204 13.24 -2.13 8.63
N ILE A 205 13.96 -2.62 7.63
CA ILE A 205 14.65 -3.85 7.76
C ILE A 205 16.12 -3.54 7.95
N TRP A 206 16.70 -4.08 9.03
CA TRP A 206 18.10 -3.91 9.37
C TRP A 206 18.94 -5.21 9.31
N SER A 207 20.24 -5.07 9.01
CA SER A 207 21.21 -6.14 9.07
C SER A 207 22.29 -5.80 10.05
N LEU A 208 22.55 -6.71 10.99
CA LEU A 208 23.66 -6.60 11.91
C LEU A 208 24.90 -7.25 11.36
N ALA A 209 24.87 -7.76 10.13
CA ALA A 209 26.06 -8.37 9.53
C ALA A 209 27.17 -7.34 9.39
N PRO A 210 28.44 -7.79 9.49
CA PRO A 210 29.54 -6.80 9.38
C PRO A 210 29.56 -5.99 8.06
N GLU A 211 29.26 -6.62 6.93
CA GLU A 211 29.26 -5.88 5.67
C GLU A 211 28.28 -4.64 5.56
N HIS A 212 27.31 -4.53 6.46
CA HIS A 212 26.32 -3.48 6.51
C HIS A 212 26.51 -2.59 7.72
N GLU A 213 27.65 -2.67 8.38
CA GLU A 213 27.84 -1.89 9.60
C GLU A 213 27.70 -0.37 9.44
N LYS A 214 28.23 0.17 8.33
CA LYS A 214 28.18 1.63 8.09
C LYS A 214 26.73 2.12 7.80
N GLN A 215 25.91 1.24 7.24
CA GLN A 215 24.56 1.61 6.76
C GLN A 215 23.71 0.35 6.94
N PRO A 216 23.25 0.15 8.19
CA PRO A 216 22.56 -1.11 8.50
C PRO A 216 21.09 -1.24 8.04
N CYS A 217 20.50 -0.18 7.48
CA CYS A 217 19.16 -0.25 6.92
C CYS A 217 19.17 -0.77 5.49
N VAL A 218 18.72 -2.02 5.33
CA VAL A 218 18.75 -2.71 4.05
C VAL A 218 17.50 -2.52 3.24
N CYS A 219 16.38 -2.20 3.91
CA CYS A 219 15.10 -2.09 3.26
C CYS A 219 14.10 -1.24 4.03
N ILE A 220 13.33 -0.44 3.31
CA ILE A 220 12.25 0.33 3.92
C ILE A 220 10.91 -0.09 3.21
N LEU A 221 9.90 -0.41 4.02
CA LEU A 221 8.63 -0.77 3.51
C LEU A 221 7.81 0.49 3.68
N GLY A 222 7.61 1.21 2.58
CA GLY A 222 7.07 2.57 2.58
C GLY A 222 5.94 2.78 1.58
N GLY A 223 6.02 3.82 0.74
CA GLY A 223 4.93 4.13 -0.22
C GLY A 223 3.69 4.44 0.56
N GLU A 224 2.56 3.90 0.13
CA GLU A 224 1.27 4.25 0.73
C GLU A 224 0.50 3.00 1.21
N GLY A 225 1.17 1.86 1.33
CA GLY A 225 0.59 0.68 1.96
C GLY A 225 -0.07 0.90 3.32
N HIS A 226 0.58 1.69 4.16
CA HIS A 226 0.05 2.07 5.46
C HIS A 226 -0.13 3.57 5.62
N SER A 227 -1.15 3.97 6.39
CA SER A 227 -1.43 5.39 6.63
C SER A 227 -1.40 5.84 8.08
N TYR A 228 -1.12 4.94 9.01
CA TYR A 228 -1.11 5.28 10.39
C TYR A 228 -0.15 4.35 11.09
N ASP A 229 0.04 4.63 12.38
CA ASP A 229 1.00 3.95 13.26
C ASP A 229 0.91 2.44 13.19
N LEU A 230 2.06 1.80 12.96
CA LEU A 230 2.17 0.33 12.95
C LEU A 230 2.32 -0.30 14.36
N LEU A 231 1.54 -1.32 14.66
CA LEU A 231 1.61 -2.05 15.89
C LEU A 231 2.28 -3.42 15.83
N SER A 232 2.36 -4.05 14.66
CA SER A 232 2.82 -5.46 14.59
C SER A 232 3.56 -5.75 13.28
N VAL A 233 4.66 -6.47 13.36
CA VAL A 233 5.42 -6.91 12.19
C VAL A 233 5.80 -8.36 12.43
N ALA A 234 5.81 -9.20 11.41
CA ALA A 234 6.14 -10.61 11.57
C ALA A 234 6.78 -11.16 10.27
N PHE A 235 7.80 -12.02 10.40
CA PHE A 235 8.41 -12.68 9.25
C PHE A 235 7.82 -14.05 9.03
N HIS A 236 7.72 -14.41 7.76
CA HIS A 236 7.53 -15.81 7.35
C HIS A 236 8.80 -16.61 7.73
N ASP A 237 8.64 -17.93 7.91
CA ASP A 237 9.77 -18.85 8.10
C ASP A 237 10.86 -18.78 7.06
N ASN A 238 10.54 -18.42 5.83
CA ASN A 238 11.47 -18.38 4.76
C ASN A 238 12.23 -17.08 4.79
N GLY A 239 11.88 -16.12 5.65
CA GLY A 239 12.62 -14.83 5.74
C GLY A 239 12.44 -13.81 4.60
N ARG A 240 11.57 -14.13 3.62
CA ARG A 240 11.33 -13.32 2.43
C ARG A 240 9.95 -12.64 2.40
N TYR A 241 9.04 -13.00 3.31
CA TYR A 241 7.78 -12.34 3.40
C TYR A 241 7.63 -11.77 4.80
N VAL A 242 7.01 -10.59 4.86
CA VAL A 242 6.84 -9.84 6.07
C VAL A 242 5.38 -9.42 6.11
N LEU A 243 4.76 -9.62 7.26
CA LEU A 243 3.43 -9.08 7.56
C LEU A 243 3.53 -7.86 8.43
N SER A 244 2.71 -6.86 8.16
CA SER A 244 2.62 -5.63 8.98
C SER A 244 1.18 -5.21 9.15
N ALA A 245 0.86 -4.60 10.30
CA ALA A 245 -0.50 -4.15 10.66
C ALA A 245 -0.46 -3.07 11.76
N GLY A 246 -1.51 -2.26 11.85
CA GLY A 246 -1.66 -1.31 12.93
C GLY A 246 -3.01 -0.60 12.93
N HIS A 247 -2.96 0.67 13.30
CA HIS A 247 -4.11 1.52 13.49
C HIS A 247 -4.90 1.79 12.26
N ASP A 248 -4.32 1.64 11.07
CA ASP A 248 -5.06 1.90 9.86
C ASP A 248 -5.95 0.75 9.45
N GLN A 249 -5.94 -0.34 10.21
CA GLN A 249 -6.76 -1.55 9.97
C GLN A 249 -6.36 -2.34 8.74
N VAL A 250 -5.24 -1.99 8.14
CA VAL A 250 -4.71 -2.73 6.98
C VAL A 250 -3.71 -3.79 7.44
N ILE A 251 -3.83 -4.99 6.88
CA ILE A 251 -2.82 -6.04 7.01
C ILE A 251 -2.15 -6.14 5.63
N ASN A 252 -0.86 -5.95 5.61
CA ASN A 252 -0.07 -6.03 4.38
C ASN A 252 0.95 -7.16 4.40
N LEU A 253 1.10 -7.87 3.27
CA LEU A 253 2.14 -8.84 3.07
C LEU A 253 3.14 -8.29 2.07
N TRP A 254 4.42 -8.30 2.44
CA TRP A 254 5.46 -7.73 1.56
C TRP A 254 6.49 -8.79 1.19
N ALA A 255 7.06 -8.68 0.00
CA ALA A 255 8.04 -9.62 -0.44
C ALA A 255 9.32 -8.92 -0.40
N LEU A 256 10.30 -9.44 0.30
CA LEU A 256 11.60 -8.82 0.37
C LEU A 256 12.52 -9.39 -0.68
N PRO A 257 13.34 -8.54 -1.32
CA PRO A 257 14.32 -9.02 -2.29
C PRO A 257 15.52 -9.62 -1.56
N GLU A 258 16.47 -10.21 -2.27
CA GLU A 258 17.72 -10.64 -1.65
C GLU A 258 18.63 -9.45 -1.44
N PHE A 259 19.18 -9.35 -0.26
CA PHE A 259 20.00 -8.22 0.12
C PHE A 259 21.43 -8.57 -0.19
N PRO A 260 22.15 -7.73 -0.94
CA PRO A 260 23.51 -8.10 -1.26
C PRO A 260 24.43 -8.17 -0.01
N ASN A 261 25.45 -9.02 -0.12
CA ASN A 261 26.46 -9.22 0.93
C ASN A 261 27.59 -8.19 0.82
N GLU A 262 27.21 -6.92 0.70
CA GLU A 262 28.15 -5.83 0.63
C GLU A 262 27.43 -4.58 1.14
N HIS A 263 28.21 -3.53 1.35
CA HIS A 263 27.72 -2.21 1.72
C HIS A 263 26.64 -1.68 0.76
N MET A 264 25.55 -1.23 1.35
CA MET A 264 24.41 -0.64 0.61
C MET A 264 24.35 0.85 1.01
N GLU A 265 24.59 1.74 0.06
CA GLU A 265 24.60 3.17 0.39
C GLU A 265 23.19 3.63 0.78
N ILE A 266 22.18 3.07 0.14
CA ILE A 266 20.78 3.31 0.48
C ILE A 266 20.05 1.98 0.68
N PRO A 267 19.03 1.95 1.54
CA PRO A 267 18.16 0.78 1.60
C PRO A 267 17.39 0.59 0.31
N ILE A 268 16.94 -0.62 0.04
CA ILE A 268 15.98 -0.87 -1.03
C ILE A 268 14.59 -0.45 -0.51
N VAL A 269 13.91 0.41 -1.25
CA VAL A 269 12.59 0.92 -0.88
C VAL A 269 11.53 0.12 -1.61
N ILE A 270 10.54 -0.35 -0.86
CA ILE A 270 9.42 -1.10 -1.45
C ILE A 270 8.21 -0.18 -1.26
N TYR A 271 7.54 0.13 -2.37
CA TYR A 271 6.40 1.02 -2.38
C TYR A 271 5.08 0.31 -2.26
N TYR A 272 5.01 -0.98 -2.66
CA TYR A 272 3.73 -1.70 -2.72
C TYR A 272 3.83 -3.09 -2.09
N PRO A 273 2.92 -3.41 -1.15
CA PRO A 273 2.75 -4.77 -0.68
C PRO A 273 2.16 -5.65 -1.75
N HIS A 274 2.44 -6.93 -1.68
CA HIS A 274 1.95 -7.92 -2.71
C HIS A 274 0.53 -8.40 -2.37
N PHE A 275 0.16 -8.21 -1.12
CA PHE A 275 -1.22 -8.42 -0.74
C PHE A 275 -1.54 -7.33 0.26
N SER A 276 -2.74 -6.79 0.15
CA SER A 276 -3.18 -5.79 1.08
C SER A 276 -4.65 -5.91 1.40
N SER A 277 -5.01 -5.84 2.68
CA SER A 277 -6.44 -5.82 3.04
C SER A 277 -6.78 -5.14 4.35
N SER A 278 -7.86 -4.41 4.33
CA SER A 278 -8.45 -3.84 5.53
C SER A 278 -9.82 -4.50 5.83
N GLU A 279 -10.02 -5.69 5.25
CA GLU A 279 -11.32 -6.35 5.25
C GLU A 279 -11.47 -7.55 6.19
N ILE A 280 -10.38 -8.02 6.78
CA ILE A 280 -10.43 -9.16 7.67
C ILE A 280 -11.00 -8.76 9.03
N HIS A 281 -10.65 -7.58 9.48
CA HIS A 281 -11.12 -7.00 10.72
C HIS A 281 -11.77 -5.67 10.45
N ASN A 282 -12.50 -5.18 11.45
CA ASN A 282 -13.27 -3.94 11.34
C ASN A 282 -12.75 -2.93 12.35
N ASN A 283 -11.54 -3.17 12.87
CA ASN A 283 -10.94 -2.38 13.89
C ASN A 283 -9.45 -2.42 13.73
N LEU A 284 -8.75 -1.58 14.49
CA LEU A 284 -7.29 -1.56 14.49
C LEU A 284 -6.73 -3.00 14.76
N VAL A 285 -5.56 -3.29 14.20
CA VAL A 285 -5.06 -4.65 14.26
C VAL A 285 -3.78 -4.48 15.00
N ASP A 286 -3.58 -5.27 16.07
CA ASP A 286 -2.41 -5.15 16.91
C ASP A 286 -1.53 -6.33 17.02
N CYS A 287 -1.83 -7.40 16.33
CA CYS A 287 -1.00 -8.60 16.35
C CYS A 287 -1.24 -9.46 15.09
N VAL A 288 -0.16 -9.72 14.38
CA VAL A 288 -0.20 -10.45 13.12
C VAL A 288 0.94 -11.45 13.19
N ALA A 289 0.68 -12.69 12.76
CA ALA A 289 1.68 -13.72 12.59
C ALA A 289 1.37 -14.64 11.45
N PHE A 290 2.40 -15.25 10.88
CA PHE A 290 2.23 -16.35 9.97
C PHE A 290 2.10 -17.60 10.81
N TYR A 291 1.33 -18.55 10.35
CA TYR A 291 1.36 -19.90 10.88
C TYR A 291 1.57 -20.79 9.64
N GLY A 292 2.81 -21.19 9.37
CA GLY A 292 3.19 -21.69 8.06
C GLY A 292 2.90 -20.67 6.98
N ASP A 293 2.01 -21.00 6.06
CA ASP A 293 1.53 -20.05 5.05
C ASP A 293 0.23 -19.39 5.44
N LEU A 294 -0.42 -19.89 6.50
CA LEU A 294 -1.69 -19.29 6.94
C LEU A 294 -1.35 -18.03 7.75
N ILE A 295 -2.36 -17.22 8.02
CA ILE A 295 -2.22 -16.03 8.81
C ILE A 295 -3.13 -16.04 10.05
N LEU A 296 -2.56 -15.60 11.19
CA LEU A 296 -3.25 -15.30 12.43
C LEU A 296 -3.19 -13.79 12.70
N SER A 297 -4.34 -13.22 13.03
CA SER A 297 -4.38 -11.84 13.45
C SER A 297 -5.53 -11.55 14.45
N ARG A 298 -5.32 -10.53 15.27
CA ARG A 298 -6.39 -9.97 16.14
C ARG A 298 -6.54 -8.48 16.01
N ALA A 299 -7.78 -8.04 16.16
CA ALA A 299 -8.09 -6.64 16.23
C ALA A 299 -8.72 -6.31 17.56
N CYS A 300 -8.73 -5.02 17.89
CA CYS A 300 -9.45 -4.46 19.02
C CYS A 300 -10.97 -4.63 18.87
N HIS A 301 -11.65 -4.83 19.98
CA HIS A 301 -13.13 -4.79 20.07
C HIS A 301 -13.75 -6.03 19.50
N GLU A 302 -13.02 -7.10 19.32
CA GLU A 302 -13.63 -8.25 18.54
C GLU A 302 -13.72 -9.56 19.29
N ASP A 303 -12.84 -9.76 20.28
CA ASP A 303 -12.84 -10.92 21.13
C ASP A 303 -12.51 -12.24 20.35
N THR A 304 -11.66 -12.11 19.34
CA THR A 304 -11.21 -13.23 18.52
C THR A 304 -9.73 -13.14 18.08
N ILE A 305 -9.15 -14.30 17.80
CA ILE A 305 -7.92 -14.42 16.97
C ILE A 305 -8.39 -15.10 15.70
N VAL A 306 -8.23 -14.43 14.53
CA VAL A 306 -8.72 -14.91 13.24
C VAL A 306 -7.62 -15.68 12.50
N LEU A 307 -7.90 -16.94 12.13
CA LEU A 307 -7.06 -17.75 11.25
C LEU A 307 -7.67 -17.55 9.88
N TRP A 308 -6.85 -17.09 8.94
CA TRP A 308 -7.26 -16.93 7.57
C TRP A 308 -6.12 -17.27 6.59
N ARG A 309 -6.42 -17.26 5.29
CA ARG A 309 -5.42 -17.46 4.27
C ARG A 309 -5.59 -16.53 3.11
N ILE A 310 -4.45 -16.18 2.52
CA ILE A 310 -4.43 -15.46 1.25
C ILE A 310 -4.66 -16.50 0.15
N GLU A 311 -5.67 -16.33 -0.69
CA GLU A 311 -5.88 -17.24 -1.85
C GLU A 311 -4.73 -17.18 -2.85
N GLY A 312 -4.15 -18.33 -3.16
CA GLY A 312 -3.10 -18.44 -4.17
C GLY A 312 -1.71 -18.23 -3.60
N PHE A 313 -1.57 -18.05 -2.29
CA PHE A 313 -0.31 -17.78 -1.66
C PHE A 313 0.25 -19.10 -1.21
N SER A 314 1.45 -19.38 -1.70
CA SER A 314 2.21 -20.53 -1.28
C SER A 314 3.66 -20.15 -1.25
N SER A 315 4.34 -20.48 -0.18
CA SER A 315 5.75 -20.16 -0.08
C SER A 315 6.64 -21.13 -0.85
N ASP A 316 6.05 -22.14 -1.46
CA ASP A 316 6.73 -23.00 -2.44
C ASP A 316 6.87 -22.34 -3.79
N ASP A 317 6.07 -21.32 -4.08
CA ASP A 317 6.17 -20.64 -5.37
C ASP A 317 7.35 -19.65 -5.36
N PRO A 318 7.87 -19.28 -6.53
CA PRO A 318 8.96 -18.29 -6.53
C PRO A 318 8.53 -16.97 -5.86
N ILE A 319 9.49 -16.24 -5.31
CA ILE A 319 9.20 -15.01 -4.62
C ILE A 319 8.93 -13.93 -5.69
N PRO A 320 7.76 -13.30 -5.68
CA PRO A 320 7.50 -12.26 -6.68
C PRO A 320 8.40 -11.02 -6.50
N GLY A 321 8.67 -10.32 -7.60
CA GLY A 321 9.48 -9.10 -7.58
C GLY A 321 8.63 -7.85 -7.34
N PRO A 322 9.30 -6.73 -7.07
CA PRO A 322 8.60 -5.54 -6.65
C PRO A 322 7.53 -5.05 -7.61
N LEU A 323 7.77 -5.21 -8.91
CA LEU A 323 6.86 -4.74 -9.94
C LEU A 323 5.78 -5.75 -10.31
N ASP A 324 5.70 -6.86 -9.60
CA ASP A 324 4.56 -7.78 -9.72
C ASP A 324 3.44 -7.41 -8.77
N ALA A 325 3.73 -6.45 -7.89
CA ALA A 325 2.82 -6.11 -6.84
C ALA A 325 1.66 -5.40 -7.41
N PRO A 326 0.46 -5.57 -6.81
CA PRO A 326 -0.68 -4.76 -7.25
C PRO A 326 -0.57 -3.32 -6.80
N THR A 327 -1.32 -2.43 -7.41
CA THR A 327 -1.34 -1.04 -6.97
C THR A 327 -2.79 -0.67 -6.68
N PRO A 328 -3.01 0.30 -5.76
CA PRO A 328 -4.40 0.68 -5.45
C PRO A 328 -4.90 1.61 -6.54
N THR A 329 -5.49 1.05 -7.57
CA THR A 329 -5.97 1.83 -8.70
C THR A 329 -7.36 2.33 -8.39
N ASP A 330 -8.19 1.46 -7.82
CA ASP A 330 -9.53 1.82 -7.46
C ASP A 330 -9.57 1.93 -5.92
N MET A 331 -9.73 3.16 -5.45
CA MET A 331 -9.83 3.45 -4.02
C MET A 331 -11.01 2.80 -3.31
N THR A 332 -11.98 2.24 -4.04
CA THR A 332 -13.08 1.49 -3.44
C THR A 332 -12.79 0.00 -3.16
N LYS A 333 -11.68 -0.53 -3.65
CA LYS A 333 -11.33 -1.92 -3.39
C LYS A 333 -10.50 -1.86 -2.15
N GLN A 334 -10.91 -2.54 -1.08
CA GLN A 334 -10.16 -2.56 0.17
C GLN A 334 -9.27 -3.82 0.40
N THR A 335 -9.21 -4.69 -0.61
CA THR A 335 -8.34 -5.83 -0.69
C THR A 335 -7.77 -5.82 -2.10
N ARG A 336 -6.47 -6.07 -2.23
CA ARG A 336 -5.81 -6.32 -3.52
C ARG A 336 -4.70 -7.30 -3.33
N SER A 337 -4.39 -8.06 -4.37
CA SER A 337 -3.46 -9.18 -4.20
C SER A 337 -2.81 -9.58 -5.52
N TYR A 338 -1.52 -9.85 -5.46
CA TYR A 338 -0.82 -10.39 -6.59
C TYR A 338 -1.17 -11.87 -6.73
N PHE A 339 -1.57 -12.50 -5.63
CA PHE A 339 -1.63 -13.96 -5.58
C PHE A 339 -2.91 -14.50 -6.16
N THR A 340 -3.91 -13.69 -6.32
CA THR A 340 -5.27 -14.16 -6.68
C THR A 340 -5.36 -15.29 -7.71
N PRO A 341 -6.09 -16.38 -7.39
CA PRO A 341 -6.28 -17.44 -8.40
C PRO A 341 -7.17 -17.00 -9.61
N THR A 342 -6.85 -17.47 -10.79
CA THR A 342 -7.62 -17.08 -12.01
C THR A 342 -8.99 -17.77 -12.21
N VAL A 343 -9.25 -18.90 -11.53
CA VAL A 343 -10.47 -19.67 -11.72
C VAL A 343 -11.45 -19.48 -10.55
N SER A 344 -12.58 -18.87 -10.88
CA SER A 344 -13.67 -18.63 -9.95
C SER A 344 -14.91 -18.14 -10.71
N PRO A 345 -16.12 -18.45 -10.20
CA PRO A 345 -17.34 -17.91 -10.82
C PRO A 345 -17.57 -16.42 -10.56
N GLN A 346 -16.92 -15.86 -9.54
CA GLN A 346 -16.90 -14.41 -9.31
C GLN A 346 -15.99 -13.72 -10.34
N SER A 347 -16.47 -12.58 -10.82
CA SER A 347 -15.70 -11.72 -11.72
C SER A 347 -14.39 -11.27 -11.06
N ARG A 348 -14.47 -10.83 -9.80
CA ARG A 348 -13.29 -10.52 -8.99
C ARG A 348 -13.20 -11.64 -7.94
N PRO A 349 -12.28 -12.62 -8.15
CA PRO A 349 -12.28 -13.80 -7.25
C PRO A 349 -11.98 -13.36 -5.83
N ALA A 350 -12.37 -14.18 -4.86
CA ALA A 350 -12.00 -13.95 -3.47
C ALA A 350 -10.47 -13.97 -3.31
N MET A 351 -9.94 -12.95 -2.66
CA MET A 351 -8.48 -12.83 -2.37
C MET A 351 -8.04 -13.38 -1.03
N PHE A 352 -8.96 -13.69 -0.17
CA PHE A 352 -8.64 -14.32 1.13
C PHE A 352 -9.83 -15.15 1.55
N THR A 353 -9.63 -16.10 2.44
CA THR A 353 -10.71 -16.90 3.03
C THR A 353 -10.52 -16.92 4.55
N ARG A 354 -11.55 -16.50 5.29
CA ARG A 354 -11.54 -16.61 6.75
C ARG A 354 -11.68 -18.08 6.99
N LEU A 355 -10.82 -18.67 7.82
CA LEU A 355 -10.89 -20.06 8.10
C LEU A 355 -11.54 -20.41 9.44
N ALA A 356 -11.08 -19.77 10.49
CA ALA A 356 -11.62 -20.02 11.80
C ALA A 356 -11.40 -18.84 12.72
N GLN A 357 -12.16 -18.82 13.84
CA GLN A 357 -12.03 -17.76 14.86
C GLN A 357 -11.93 -18.35 16.25
N PHE A 358 -10.77 -18.14 16.86
CA PHE A 358 -10.53 -18.53 18.26
C PHE A 358 -11.16 -17.51 19.20
N HIS A 359 -12.07 -17.98 20.07
CA HIS A 359 -12.79 -17.08 20.98
C HIS A 359 -11.95 -16.66 22.18
N THR A 360 -11.85 -15.35 22.34
CA THR A 360 -10.92 -14.68 23.26
C THR A 360 -11.78 -13.67 24.09
N PRO A 361 -12.77 -14.15 24.87
CA PRO A 361 -13.73 -13.24 25.51
C PRO A 361 -13.08 -12.24 26.47
N ASP A 362 -13.70 -11.10 26.61
CA ASP A 362 -13.31 -10.08 27.61
C ASP A 362 -11.98 -9.41 27.38
N CYS A 363 -11.73 -9.02 26.14
CA CYS A 363 -10.64 -8.11 25.86
C CYS A 363 -11.15 -6.68 25.83
N GLY A 364 -12.45 -6.52 25.67
CA GLY A 364 -13.11 -5.20 25.73
C GLY A 364 -12.57 -4.23 24.67
N VAL A 365 -12.21 -3.06 25.13
CA VAL A 365 -11.62 -2.02 24.29
C VAL A 365 -10.08 -2.00 24.35
N GLN A 366 -9.47 -2.89 25.10
CA GLN A 366 -8.02 -3.07 25.16
C GLN A 366 -7.35 -3.44 23.86
N PHE A 367 -6.20 -2.84 23.61
CA PHE A 367 -5.35 -3.24 22.49
C PHE A 367 -3.91 -3.20 23.00
N PHE A 368 -3.04 -3.65 22.12
CA PHE A 368 -1.71 -4.09 22.42
C PHE A 368 -1.59 -5.29 23.29
N MET A 369 -2.16 -6.36 22.77
CA MET A 369 -2.22 -7.67 23.42
C MET A 369 -1.85 -8.68 22.35
N ARG A 370 -0.85 -9.49 22.58
CA ARG A 370 -0.32 -10.35 21.57
C ARG A 370 -0.45 -11.79 21.99
N PHE A 371 -0.69 -12.65 21.00
CA PHE A 371 -0.81 -14.13 21.11
C PHE A 371 0.45 -14.79 20.59
N ARG A 372 0.66 -16.06 20.90
CA ARG A 372 1.81 -16.74 20.44
C ARG A 372 1.53 -18.21 20.28
N MET A 373 2.03 -18.72 19.18
CA MET A 373 1.98 -20.15 18.82
C MET A 373 3.29 -20.88 19.12
N TYR A 374 3.18 -22.06 19.71
CA TYR A 374 4.28 -22.99 19.81
C TYR A 374 4.20 -23.92 18.61
N HIS A 375 5.25 -23.88 17.79
CA HIS A 375 5.23 -24.53 16.50
C HIS A 375 6.62 -25.09 16.17
N VAL A 376 6.81 -26.36 16.48
CA VAL A 376 8.11 -27.02 16.44
C VAL A 376 7.83 -28.42 15.90
N PRO A 377 8.71 -28.96 15.06
CA PRO A 377 8.44 -30.28 14.48
C PRO A 377 8.43 -31.34 15.57
N GLY A 378 7.48 -32.27 15.50
CA GLY A 378 7.39 -33.35 16.46
C GLY A 378 6.63 -33.05 17.75
N LYS A 379 6.03 -31.87 17.87
CA LYS A 379 5.15 -31.55 18.96
C LYS A 379 3.88 -30.86 18.48
N HIS A 380 2.84 -30.97 19.26
CA HIS A 380 1.58 -30.36 18.92
C HIS A 380 1.69 -28.80 18.84
N PRO A 381 1.05 -28.20 17.86
CA PRO A 381 1.04 -26.76 17.79
C PRO A 381 0.04 -26.26 18.78
N ILE A 382 0.46 -25.34 19.66
CA ILE A 382 -0.37 -24.76 20.72
C ILE A 382 -0.46 -23.25 20.62
N LEU A 383 -1.67 -22.72 20.62
CA LEU A 383 -1.91 -21.28 20.62
C LEU A 383 -2.19 -20.81 22.06
N ALA A 384 -1.58 -19.68 22.46
CA ALA A 384 -1.76 -19.12 23.77
C ALA A 384 -1.96 -17.62 23.71
N PHE A 385 -2.88 -17.14 24.55
CA PHE A 385 -3.24 -15.74 24.62
C PHE A 385 -3.93 -15.46 25.98
N ALA A 386 -3.59 -14.33 26.59
CA ALA A 386 -4.26 -13.84 27.79
C ALA A 386 -5.10 -12.61 27.51
N ASN A 387 -6.30 -12.56 28.09
CA ASN A 387 -7.23 -11.47 27.79
C ASN A 387 -7.03 -10.26 28.69
N ALA A 388 -7.97 -9.34 28.68
CA ALA A 388 -7.92 -8.13 29.54
C ALA A 388 -8.66 -8.30 30.91
N LYS A 389 -9.03 -9.53 31.30
CA LYS A 389 -9.84 -9.77 32.48
C LYS A 389 -9.37 -11.07 33.13
N SER A 390 -8.06 -11.15 33.31
CA SER A 390 -7.45 -12.17 34.14
C SER A 390 -7.64 -13.67 33.75
N LYS A 391 -7.57 -13.98 32.47
CA LYS A 391 -7.58 -15.37 31.98
C LYS A 391 -6.49 -15.64 30.96
N THR A 392 -5.92 -16.84 31.01
CA THR A 392 -5.02 -17.35 29.98
C THR A 392 -5.73 -18.53 29.24
N PHE A 393 -5.73 -18.46 27.91
CA PHE A 393 -6.37 -19.43 27.03
C PHE A 393 -5.34 -20.21 26.25
N PHE A 394 -5.64 -21.49 26.07
CA PHE A 394 -4.83 -22.45 25.28
C PHE A 394 -5.69 -23.25 24.30
N TRP A 395 -5.17 -23.46 23.08
CA TRP A 395 -5.77 -24.33 22.08
C TRP A 395 -4.65 -25.21 21.58
N ASP A 396 -4.87 -26.51 21.64
CA ASP A 396 -4.02 -27.50 21.00
C ASP A 396 -4.63 -27.78 19.63
N LEU A 397 -3.92 -27.28 18.61
CA LEU A 397 -4.37 -27.39 17.21
C LEU A 397 -4.48 -28.83 16.70
N ALA A 398 -3.67 -29.75 17.24
CA ALA A 398 -3.79 -31.18 16.79
C ALA A 398 -5.08 -31.86 17.29
N ARG A 399 -5.75 -31.30 18.31
CA ARG A 399 -7.07 -31.81 18.70
C ARG A 399 -8.12 -31.69 17.64
N PHE A 400 -8.09 -30.57 16.90
CA PHE A 400 -9.03 -30.34 15.80
C PHE A 400 -9.13 -31.50 14.83
N GLY A 401 -7.98 -32.03 14.45
CA GLY A 401 -7.87 -33.02 13.39
C GLY A 401 -8.37 -34.37 13.83
N GLU A 402 -8.03 -34.78 15.05
CA GLU A 402 -8.55 -36.00 15.65
C GLU A 402 -10.02 -35.91 15.92
N TYR A 403 -10.49 -34.77 16.40
CA TYR A 403 -11.90 -34.61 16.61
C TYR A 403 -12.65 -34.75 15.28
N ALA A 404 -12.14 -34.08 14.25
CA ALA A 404 -12.68 -34.18 12.91
C ALA A 404 -12.73 -35.60 12.35
N ARG A 405 -11.68 -36.36 12.56
CA ARG A 405 -11.60 -37.76 12.14
C ARG A 405 -12.61 -38.63 12.92
N PHE A 406 -12.69 -38.40 14.21
CA PHE A 406 -13.65 -39.05 15.05
C PHE A 406 -15.13 -38.75 14.63
N MET A 407 -15.49 -37.51 14.38
CA MET A 407 -16.87 -37.20 13.98
C MET A 407 -17.21 -37.64 12.56
N ALA A 408 -16.22 -37.66 11.65
CA ALA A 408 -16.40 -38.25 10.28
C ALA A 408 -16.74 -39.75 10.34
N ASP A 409 -15.92 -40.49 11.09
CA ASP A 409 -16.15 -41.89 11.44
C ASP A 409 -17.47 -42.14 12.16
N LEU A 410 -17.77 -41.33 13.17
CA LEU A 410 -19.06 -41.42 13.87
C LEU A 410 -20.25 -41.10 12.93
N LYS A 411 -20.13 -40.10 12.08
CA LYS A 411 -21.18 -39.80 11.11
C LYS A 411 -21.37 -40.92 10.09
N GLU A 412 -20.29 -41.42 9.48
CA GLU A 412 -20.26 -42.63 8.61
C GLU A 412 -20.95 -43.86 9.25
N ALA A 413 -20.48 -44.23 10.43
CA ALA A 413 -21.09 -45.31 11.18
C ALA A 413 -22.58 -45.12 11.48
N GLN A 414 -23.02 -43.91 11.80
CA GLN A 414 -24.45 -43.72 12.11
C GLN A 414 -25.33 -43.96 10.89
N GLN A 415 -24.89 -43.46 9.73
CA GLN A 415 -25.56 -43.68 8.43
C GLN A 415 -25.56 -45.15 7.99
N SER A 416 -24.41 -45.82 8.03
CA SER A 416 -24.31 -47.21 7.63
C SER A 416 -25.00 -48.24 8.54
N TYR A 417 -25.10 -48.00 9.84
CA TYR A 417 -25.64 -48.95 10.85
C TYR A 417 -26.91 -48.43 11.55
N ASN A 418 -27.56 -47.47 10.92
CA ASN A 418 -28.84 -46.97 11.40
C ASN A 418 -28.83 -46.50 12.88
N GLY A 419 -27.82 -45.68 13.21
CA GLY A 419 -27.55 -45.26 14.59
C GLY A 419 -27.00 -46.30 15.57
N ARG A 420 -26.72 -47.52 15.13
CA ARG A 420 -26.19 -48.57 16.06
C ARG A 420 -24.65 -48.48 16.13
N VAL A 421 -24.19 -47.51 16.94
CA VAL A 421 -22.77 -47.19 17.04
C VAL A 421 -22.32 -47.17 18.49
N VAL A 422 -21.29 -47.95 18.76
CA VAL A 422 -20.64 -47.99 20.05
C VAL A 422 -19.24 -47.40 19.87
N VAL A 423 -18.90 -46.48 20.77
CA VAL A 423 -17.64 -45.75 20.75
C VAL A 423 -16.80 -46.29 21.87
N VAL A 424 -15.55 -46.58 21.57
CA VAL A 424 -14.66 -47.00 22.60
C VAL A 424 -13.36 -46.18 22.60
N ASP A 425 -12.86 -45.82 23.79
CA ASP A 425 -11.69 -44.93 23.91
C ASP A 425 -10.40 -45.56 23.37
N GLN A 426 -9.56 -44.77 22.71
CA GLN A 426 -8.21 -45.25 22.31
C GLN A 426 -7.34 -45.37 23.58
N GLY A 427 -6.30 -46.23 23.53
CA GLY A 427 -5.49 -46.64 24.72
C GLY A 427 -5.91 -47.98 25.34
N ILE A 430 -7.75 -52.14 24.21
CA ILE A 430 -8.77 -52.65 23.28
C ILE A 430 -8.53 -52.03 21.90
N SER A 431 -8.20 -52.88 20.93
CA SER A 431 -8.12 -52.55 19.49
C SER A 431 -9.50 -52.43 18.80
N LEU A 432 -9.54 -51.77 17.64
CA LEU A 432 -10.79 -51.67 16.84
C LEU A 432 -11.27 -53.07 16.55
N ALA A 433 -10.37 -53.87 15.96
CA ALA A 433 -10.65 -55.26 15.58
C ALA A 433 -11.31 -56.08 16.70
N GLN A 434 -10.78 -55.99 17.91
CA GLN A 434 -11.37 -56.77 18.99
C GLN A 434 -12.65 -56.18 19.58
N ALA A 435 -12.87 -54.87 19.48
CA ALA A 435 -14.17 -54.33 19.92
C ALA A 435 -15.34 -54.77 18.97
N GLN A 436 -15.02 -54.96 17.69
CA GLN A 436 -15.97 -55.42 16.63
C GLN A 436 -16.49 -56.86 16.85
N GLN A 437 -15.63 -57.74 17.37
CA GLN A 437 -16.02 -59.08 17.80
C GLN A 437 -17.01 -59.02 18.96
N VAL A 438 -16.75 -58.17 19.92
CA VAL A 438 -17.58 -58.12 21.14
C VAL A 438 -19.04 -57.71 20.90
N HIS A 439 -19.28 -56.78 19.97
CA HIS A 439 -20.63 -56.22 19.74
C HIS A 439 -21.36 -56.81 18.56
N GLY A 440 -20.62 -57.49 17.69
CA GLY A 440 -21.18 -58.21 16.56
C GLY A 440 -21.20 -57.36 15.30
N PRO A 441 -21.59 -57.99 14.17
CA PRO A 441 -21.49 -57.27 12.89
C PRO A 441 -22.66 -56.28 12.61
N GLY A 442 -23.73 -56.33 13.42
CA GLY A 442 -24.81 -55.36 13.33
C GLY A 442 -24.51 -53.97 13.90
N VAL A 443 -23.42 -53.89 14.67
CA VAL A 443 -23.04 -52.69 15.45
C VAL A 443 -21.74 -52.01 14.87
N GLY A 444 -21.81 -50.72 14.63
CA GLY A 444 -20.63 -49.92 14.28
C GLY A 444 -19.80 -49.66 15.52
N VAL A 445 -18.48 -49.79 15.35
CA VAL A 445 -17.52 -49.39 16.37
C VAL A 445 -16.63 -48.21 15.93
N VAL A 446 -16.61 -47.14 16.75
CA VAL A 446 -15.74 -46.00 16.51
C VAL A 446 -14.78 -45.80 17.66
N MET A 447 -13.48 -45.70 17.32
CA MET A 447 -12.44 -45.36 18.31
C MET A 447 -12.46 -43.84 18.62
N LYS A 448 -12.53 -43.49 19.90
CA LYS A 448 -12.61 -42.07 20.35
C LYS A 448 -11.35 -41.71 21.10
N PRO A 449 -10.77 -40.53 20.77
CA PRO A 449 -9.56 -40.11 21.49
C PRO A 449 -9.81 -40.04 23.02
N ALA A 450 -8.84 -40.46 23.81
CA ALA A 450 -9.04 -40.48 25.28
C ALA A 450 -9.34 -39.08 25.91
N TRP A 451 -8.76 -38.02 25.31
CA TRP A 451 -8.91 -36.65 25.84
C TRP A 451 -10.30 -36.08 25.60
N LEU A 452 -11.04 -36.70 24.69
CA LEU A 452 -12.34 -36.20 24.34
C LEU A 452 -13.32 -36.77 25.38
N VAL A 453 -13.64 -35.99 26.41
CA VAL A 453 -14.37 -36.49 27.58
C VAL A 453 -15.82 -36.00 27.59
N PRO A 454 -16.79 -36.93 27.75
CA PRO A 454 -18.21 -36.57 27.77
C PRO A 454 -18.70 -35.72 28.96
N LYS A 455 -19.97 -35.35 28.97
CA LYS A 455 -20.57 -34.52 30.05
C LYS A 455 -21.14 -35.29 31.26
N VAL A 518 -24.17 -35.38 12.70
CA VAL A 518 -24.19 -36.39 13.75
C VAL A 518 -25.37 -36.22 14.71
N SER A 519 -26.12 -37.31 14.89
CA SER A 519 -27.28 -37.31 15.77
C SER A 519 -26.86 -37.69 17.20
N ALA A 520 -27.60 -37.13 18.14
CA ALA A 520 -27.47 -37.45 19.57
C ALA A 520 -28.15 -38.79 19.94
N SER A 521 -27.75 -39.38 21.05
CA SER A 521 -28.36 -40.61 21.59
C SER A 521 -29.87 -40.43 21.70
N PRO A 522 -30.67 -41.44 21.22
CA PRO A 522 -32.16 -41.36 21.28
C PRO A 522 -32.72 -40.94 22.66
N ASP A 523 -32.32 -41.68 23.72
CA ASP A 523 -32.74 -41.44 25.13
C ASP A 523 -31.49 -41.37 26.03
N PRO A 524 -31.63 -40.84 27.26
CA PRO A 524 -30.44 -40.72 28.15
C PRO A 524 -29.67 -41.98 28.47
N ASP A 525 -30.34 -43.12 28.52
CA ASP A 525 -29.66 -44.37 28.93
C ASP A 525 -29.41 -45.34 27.77
N SER A 526 -29.53 -44.86 26.53
CA SER A 526 -29.18 -45.65 25.35
C SER A 526 -27.69 -46.00 25.28
N PRO A 527 -27.33 -47.20 24.80
CA PRO A 527 -25.90 -47.51 24.69
C PRO A 527 -25.21 -46.88 23.46
N PHE A 528 -25.96 -46.19 22.61
CA PHE A 528 -25.41 -45.67 21.37
C PHE A 528 -25.37 -44.15 21.38
N GLY A 529 -24.23 -43.60 20.95
CA GLY A 529 -24.09 -42.17 20.76
C GLY A 529 -23.99 -41.37 22.05
N PHE A 530 -24.07 -40.06 21.93
CA PHE A 530 -23.79 -39.16 23.06
C PHE A 530 -24.94 -38.19 23.17
N SER A 531 -25.14 -37.62 24.35
CA SER A 531 -26.15 -36.59 24.52
C SER A 531 -25.84 -35.33 23.72
N ARG A 532 -26.89 -34.58 23.42
CA ARG A 532 -26.81 -33.34 22.70
C ARG A 532 -25.84 -32.39 23.41
N GLU A 533 -25.85 -32.42 24.74
CA GLU A 533 -25.07 -31.51 25.54
C GLU A 533 -23.60 -31.88 25.47
N THR A 534 -23.30 -33.18 25.42
CA THR A 534 -21.96 -33.63 25.13
C THR A 534 -21.45 -33.15 23.78
N LEU A 535 -22.28 -33.26 22.76
CA LEU A 535 -21.88 -33.05 21.40
C LEU A 535 -21.66 -31.53 21.16
N GLN A 536 -22.52 -30.72 21.79
CA GLN A 536 -22.46 -29.29 21.71
C GLN A 536 -21.18 -28.79 22.36
N ALA A 537 -20.89 -29.27 23.57
CA ALA A 537 -19.72 -28.87 24.29
C ALA A 537 -18.44 -29.19 23.49
N TRP A 538 -18.35 -30.40 22.93
CA TRP A 538 -17.24 -30.76 22.06
C TRP A 538 -17.10 -29.87 20.81
N ALA A 539 -18.21 -29.64 20.15
CA ALA A 539 -18.29 -28.79 19.00
C ALA A 539 -17.83 -27.33 19.27
N ASP A 540 -18.28 -26.77 20.37
CA ASP A 540 -17.80 -25.48 20.85
C ASP A 540 -16.29 -25.36 20.84
N MET A 541 -15.62 -26.41 21.30
CA MET A 541 -14.16 -26.44 21.36
C MET A 541 -13.41 -26.87 20.06
N TYR A 542 -14.00 -27.73 19.25
CA TYR A 542 -13.24 -28.47 18.26
C TYR A 542 -13.80 -28.39 16.88
N ASP A 543 -15.04 -27.96 16.71
CA ASP A 543 -15.68 -27.98 15.40
C ASP A 543 -15.16 -26.77 14.58
N LEU A 544 -14.79 -26.99 13.32
CA LEU A 544 -14.11 -25.99 12.51
C LEU A 544 -14.87 -25.74 11.23
N SER A 545 -16.18 -25.92 11.27
CA SER A 545 -16.99 -25.96 10.08
C SER A 545 -17.51 -24.62 9.73
N ASN A 546 -17.50 -23.72 10.72
CA ASN A 546 -18.05 -22.38 10.55
C ASN A 546 -16.96 -21.25 10.66
N PRO A 547 -16.58 -20.61 9.55
CA PRO A 547 -15.59 -19.55 9.59
C PRO A 547 -15.94 -18.36 10.53
N VAL A 548 -17.22 -18.09 10.80
CA VAL A 548 -17.64 -17.02 11.70
C VAL A 548 -18.14 -17.54 13.04
N GLY A 549 -17.86 -18.81 13.30
CA GLY A 549 -18.08 -19.43 14.61
C GLY A 549 -16.98 -19.00 15.58
N LEU A 550 -17.14 -19.39 16.85
CA LEU A 550 -16.26 -18.98 17.93
C LEU A 550 -15.77 -20.25 18.58
N ILE A 551 -14.46 -20.44 18.60
CA ILE A 551 -13.91 -21.67 19.11
C ILE A 551 -13.55 -21.43 20.56
N LYS A 552 -14.23 -22.14 21.44
CA LYS A 552 -13.97 -22.08 22.85
C LYS A 552 -12.56 -22.59 23.17
N ALA A 553 -11.87 -21.96 24.12
CA ALA A 553 -10.56 -22.43 24.53
C ALA A 553 -10.55 -23.86 25.08
N HIS A 554 -9.49 -24.58 24.80
CA HIS A 554 -9.39 -25.94 25.22
C HIS A 554 -9.02 -25.89 26.66
N ARG A 555 -8.39 -24.80 27.09
CA ARG A 555 -8.07 -24.60 28.47
C ARG A 555 -8.06 -23.13 28.79
N SER A 556 -8.70 -22.81 29.92
CA SER A 556 -8.92 -21.47 30.38
C SER A 556 -8.53 -21.44 31.87
N LEU A 557 -7.47 -20.71 32.20
CA LEU A 557 -6.95 -20.63 33.54
C LEU A 557 -7.11 -19.25 34.10
N ALA A 558 -7.60 -19.18 35.34
CA ALA A 558 -7.87 -17.89 35.98
C ALA A 558 -6.59 -17.32 36.55
N ILE A 559 -6.49 -16.01 36.58
CA ILE A 559 -5.32 -15.34 37.13
C ILE A 559 -5.82 -14.55 38.35
N ASP A 560 -5.07 -14.58 39.45
CA ASP A 560 -5.42 -13.76 40.60
C ASP A 560 -5.05 -12.35 40.29
N GLY A 561 -6.00 -11.46 40.57
CA GLY A 561 -5.80 -10.03 40.47
C GLY A 561 -6.44 -9.59 39.19
N ALA A 562 -6.07 -8.40 38.78
CA ALA A 562 -6.51 -7.75 37.58
C ALA A 562 -5.24 -7.73 36.66
N PHE A 563 -5.32 -8.45 35.54
CA PHE A 563 -4.16 -8.70 34.68
C PHE A 563 -4.64 -8.55 33.24
N VAL A 564 -3.87 -7.80 32.47
CA VAL A 564 -4.07 -7.65 31.05
C VAL A 564 -2.85 -8.27 30.44
N GLY A 565 -3.07 -9.27 29.62
CA GLY A 565 -2.00 -9.90 28.86
C GLY A 565 -1.43 -9.03 27.73
N ARG A 566 -0.11 -8.89 27.70
CA ARG A 566 0.61 -8.16 26.66
C ARG A 566 1.34 -9.06 25.69
N GLN A 567 1.90 -10.15 26.18
CA GLN A 567 2.68 -11.00 25.32
C GLN A 567 2.86 -12.38 25.89
N VAL A 568 3.02 -13.36 25.02
CA VAL A 568 3.23 -14.75 25.41
C VAL A 568 4.52 -15.25 24.78
N GLY A 569 5.28 -16.03 25.55
CA GLY A 569 6.45 -16.74 25.05
C GLY A 569 6.50 -18.24 25.39
N TRP A 570 7.05 -19.01 24.47
CA TRP A 570 7.18 -20.47 24.66
C TRP A 570 8.64 -20.79 24.64
N SER A 571 9.04 -21.70 25.54
CA SER A 571 10.42 -22.26 25.53
C SER A 571 10.63 -23.18 24.34
N PRO A 572 11.90 -23.36 23.90
CA PRO A 572 12.14 -24.22 22.75
C PRO A 572 11.48 -25.60 22.80
N GLU A 573 11.48 -26.24 23.95
CA GLU A 573 10.85 -27.56 24.06
C GLU A 573 9.38 -27.53 24.50
N GLY A 574 8.79 -26.35 24.64
CA GLY A 574 7.37 -26.28 24.88
C GLY A 574 6.87 -26.59 26.28
N GLU A 575 7.78 -26.77 27.24
CA GLU A 575 7.44 -27.15 28.61
C GLU A 575 7.08 -25.94 29.48
N TRP A 576 7.45 -24.75 29.01
CA TRP A 576 7.14 -23.49 29.69
C TRP A 576 6.42 -22.52 28.75
N CYS A 577 5.42 -21.84 29.29
CA CYS A 577 4.80 -20.73 28.62
C CYS A 577 4.71 -19.54 29.59
N VAL A 578 5.30 -18.42 29.20
CA VAL A 578 5.40 -17.23 30.02
C VAL A 578 4.50 -16.20 29.41
N VAL A 579 3.57 -15.70 30.20
CA VAL A 579 2.64 -14.64 29.84
C VAL A 579 3.03 -13.43 30.70
N VAL A 580 3.19 -12.27 30.06
CA VAL A 580 3.56 -11.04 30.78
C VAL A 580 2.56 -9.98 30.52
N GLY A 581 2.47 -9.02 31.46
CA GLY A 581 1.51 -7.94 31.36
C GLY A 581 1.68 -6.85 32.40
N ASN A 582 0.54 -6.29 32.81
CA ASN A 582 0.49 -5.07 33.59
C ASN A 582 0.86 -5.31 35.03
N GLY A 583 1.38 -4.25 35.66
CA GLY A 583 1.92 -4.30 37.02
C GLY A 583 3.29 -4.96 37.07
N ASN A 584 3.98 -4.97 35.94
CA ASN A 584 5.18 -5.79 35.72
C ASN A 584 5.03 -7.21 36.24
N ARG A 585 3.94 -7.90 35.87
CA ARG A 585 3.74 -9.27 36.31
C ARG A 585 4.08 -10.27 35.24
N ALA A 586 4.65 -11.40 35.66
CA ALA A 586 4.92 -12.55 34.78
C ALA A 586 4.28 -13.78 35.39
N LEU A 587 3.61 -14.55 34.53
CA LEU A 587 2.94 -15.78 34.89
C LEU A 587 3.65 -16.84 34.12
N ILE A 588 4.18 -17.85 34.78
CA ILE A 588 4.91 -18.95 34.13
C ILE A 588 4.13 -20.29 34.30
N TYR A 589 3.61 -20.77 33.18
CA TYR A 589 2.85 -22.01 33.11
C TYR A 589 3.80 -23.12 32.67
N GLN A 590 3.54 -24.34 33.14
CA GLN A 590 4.43 -25.49 32.89
C GLN A 590 3.58 -26.67 32.45
N ARG A 591 4.22 -27.58 31.74
CA ARG A 591 3.71 -28.94 31.51
C ARG A 591 4.89 -29.90 31.48
N TRP A 592 4.63 -31.21 31.61
CA TRP A 592 5.71 -32.21 31.58
C TRP A 592 6.75 -31.93 32.67
N GLY A 593 6.26 -31.51 33.82
CA GLY A 593 7.07 -31.16 34.98
C GLY A 593 7.70 -32.39 35.65
N LYS A 594 8.76 -32.18 36.43
CA LYS A 594 9.44 -33.23 37.18
C LYS A 594 9.05 -33.27 38.69
N GLU A 595 8.11 -32.42 39.09
CA GLU A 595 7.64 -32.32 40.49
C GLU A 595 7.22 -33.66 41.07
N ARG A 596 7.69 -33.95 42.28
CA ARG A 596 7.38 -35.22 42.98
C ARG A 596 6.37 -34.94 44.12
N GLY A 597 5.31 -35.77 44.18
CA GLY A 597 4.20 -35.56 45.13
C GLY A 597 4.44 -36.14 46.53
N TRP B 16 -41.79 -30.15 -9.35
CA TRP B 16 -41.12 -29.09 -8.51
C TRP B 16 -42.08 -27.98 -8.08
N THR B 17 -41.92 -27.57 -6.83
CA THR B 17 -42.61 -26.44 -6.22
C THR B 17 -41.54 -25.66 -5.44
N VAL B 18 -41.92 -24.60 -4.75
CA VAL B 18 -40.94 -23.87 -3.94
C VAL B 18 -40.51 -24.69 -2.76
N ASP B 19 -41.50 -25.14 -2.01
CA ASP B 19 -41.31 -25.99 -0.84
C ASP B 19 -40.30 -27.11 -1.06
N LYS B 20 -40.39 -27.76 -2.22
CA LYS B 20 -39.54 -28.91 -2.55
C LYS B 20 -38.12 -28.52 -2.90
N ILE B 21 -37.94 -27.38 -3.57
CA ILE B 21 -36.60 -26.91 -3.96
C ILE B 21 -35.84 -26.49 -2.70
N ALA B 22 -36.53 -25.74 -1.85
CA ALA B 22 -35.97 -25.23 -0.60
C ALA B 22 -35.48 -26.36 0.28
N SER B 23 -36.34 -27.36 0.41
CA SER B 23 -36.06 -28.59 1.14
C SER B 23 -34.81 -29.28 0.58
N ALA B 24 -34.70 -29.34 -0.77
CA ALA B 24 -33.53 -29.90 -1.46
C ALA B 24 -32.26 -29.06 -1.32
N LEU B 25 -32.40 -27.73 -1.39
CA LEU B 25 -31.28 -26.83 -1.16
C LEU B 25 -30.78 -26.94 0.25
N SER B 26 -31.68 -27.01 1.23
CA SER B 26 -31.30 -27.23 2.64
C SER B 26 -30.43 -28.45 2.84
N VAL B 27 -30.65 -29.52 2.07
CA VAL B 27 -29.80 -30.72 2.16
C VAL B 27 -28.48 -30.52 1.46
N LEU B 28 -28.51 -29.87 0.33
CA LEU B 28 -27.28 -29.58 -0.41
C LEU B 28 -26.36 -28.59 0.39
N ALA B 29 -26.97 -27.59 1.02
CA ALA B 29 -26.28 -26.62 1.85
C ALA B 29 -25.47 -27.22 3.00
N GLU B 30 -25.79 -28.43 3.41
CA GLU B 30 -24.96 -29.14 4.38
C GLU B 30 -23.55 -29.43 3.91
N GLU B 31 -23.34 -29.45 2.59
CA GLU B 31 -21.99 -29.59 2.02
C GLU B 31 -21.04 -28.45 2.44
N VAL B 32 -21.59 -27.26 2.70
CA VAL B 32 -20.81 -26.04 2.96
C VAL B 32 -19.99 -26.16 4.25
N PRO B 33 -20.62 -26.38 5.40
CA PRO B 33 -19.79 -26.60 6.60
C PRO B 33 -18.97 -27.87 6.61
N GLN B 34 -19.42 -28.89 5.89
CA GLN B 34 -18.66 -30.12 5.79
C GLN B 34 -17.37 -29.90 5.03
N ASN B 35 -17.44 -29.30 3.85
CA ASN B 35 -16.26 -28.96 3.09
C ASN B 35 -15.38 -27.93 3.81
N HIS B 36 -15.98 -26.96 4.52
CA HIS B 36 -15.16 -25.95 5.20
C HIS B 36 -14.30 -26.60 6.28
N SER B 37 -14.91 -27.49 7.05
CA SER B 37 -14.19 -28.22 8.08
C SER B 37 -13.08 -29.07 7.47
N ARG B 38 -13.34 -29.67 6.30
CA ARG B 38 -12.31 -30.46 5.60
C ARG B 38 -11.15 -29.57 5.16
N LEU B 39 -11.46 -28.43 4.57
CA LEU B 39 -10.44 -27.48 4.17
C LEU B 39 -9.56 -27.06 5.39
N VAL B 40 -10.16 -26.50 6.44
CA VAL B 40 -9.37 -25.92 7.52
C VAL B 40 -8.51 -27.00 8.19
N ASN B 41 -9.11 -28.15 8.45
CA ASN B 41 -8.36 -29.30 9.00
C ASN B 41 -7.22 -29.82 8.15
N PHE B 42 -7.42 -29.93 6.85
CA PHE B 42 -6.33 -30.25 5.91
C PHE B 42 -5.19 -29.19 5.99
N LEU B 43 -5.53 -27.89 5.96
CA LEU B 43 -4.54 -26.83 6.05
C LEU B 43 -3.80 -26.88 7.37
N LEU B 44 -4.51 -27.12 8.48
CA LEU B 44 -3.81 -27.30 9.75
C LEU B 44 -2.76 -28.40 9.73
N GLU B 45 -3.14 -29.54 9.18
CA GLU B 45 -2.27 -30.74 9.15
C GLU B 45 -1.07 -30.55 8.21
N GLU B 46 -1.27 -29.97 7.06
CA GLU B 46 -0.16 -29.58 6.22
C GLU B 46 0.81 -28.63 6.89
N THR B 47 0.28 -27.67 7.63
CA THR B 47 1.12 -26.71 8.34
C THR B 47 1.87 -27.41 9.47
N GLU B 48 1.18 -28.23 10.26
CA GLU B 48 1.88 -28.93 11.36
C GLU B 48 3.00 -29.79 10.79
N LYS B 49 2.80 -30.41 9.64
CA LYS B 49 3.79 -31.31 9.06
C LYS B 49 5.00 -30.53 8.62
N ARG B 50 4.83 -29.29 8.20
CA ARG B 50 5.93 -28.59 7.56
C ARG B 50 6.57 -27.58 8.50
N ALA B 51 6.44 -27.82 9.81
CA ALA B 51 7.02 -26.97 10.79
C ALA B 51 8.55 -26.95 10.65
N PRO B 52 9.16 -25.79 10.80
CA PRO B 52 10.61 -25.74 10.48
C PRO B 52 11.51 -26.14 11.69
N GLN B 53 12.66 -26.75 11.38
CA GLN B 53 13.67 -27.05 12.41
C GLN B 53 14.28 -25.74 12.90
N PRO B 54 14.59 -25.60 14.22
CA PRO B 54 15.32 -24.40 14.66
C PRO B 54 16.65 -24.26 13.92
N ARG B 55 17.01 -23.04 13.54
CA ARG B 55 18.23 -22.76 12.79
C ARG B 55 19.17 -21.85 13.59
N HIS B 56 20.43 -21.81 13.14
CA HIS B 56 21.44 -20.91 13.66
C HIS B 56 21.68 -21.14 15.13
N LEU B 57 21.60 -22.41 15.55
CA LEU B 57 21.84 -22.78 16.93
C LEU B 57 23.33 -22.69 17.24
N SER B 58 23.61 -22.06 18.36
CA SER B 58 24.96 -22.00 18.86
C SER B 58 25.50 -23.39 19.35
N LYS B 59 26.84 -23.55 19.33
CA LYS B 59 27.49 -24.79 19.80
C LYS B 59 27.38 -24.95 21.31
N THR B 60 27.38 -23.85 22.06
CA THR B 60 27.27 -23.99 23.50
C THR B 60 26.20 -23.11 24.09
N ASP B 61 25.76 -23.41 25.31
CA ASP B 61 24.87 -22.57 26.04
C ASP B 61 25.57 -21.24 26.45
N PRO B 62 25.22 -20.10 25.78
CA PRO B 62 25.93 -18.85 26.08
C PRO B 62 25.63 -18.28 27.43
N PHE B 63 24.52 -18.73 28.03
CA PHE B 63 24.09 -18.29 29.37
C PHE B 63 24.63 -19.17 30.55
N ALA B 64 25.28 -20.31 30.28
CA ALA B 64 25.60 -21.35 31.31
C ALA B 64 26.41 -20.82 32.51
N HIS B 65 27.47 -20.07 32.24
CA HIS B 65 28.27 -19.38 33.28
C HIS B 65 27.55 -18.30 34.15
N MET B 66 26.34 -17.87 33.83
CA MET B 66 25.73 -16.76 34.54
C MET B 66 24.88 -17.25 35.69
N LYS B 67 25.11 -16.70 36.86
CA LYS B 67 24.47 -17.16 38.09
C LYS B 67 23.38 -16.19 38.44
N SER B 68 22.42 -16.63 39.23
CA SER B 68 21.41 -15.76 39.82
C SER B 68 22.05 -14.56 40.46
N LYS B 69 21.48 -13.38 40.27
CA LYS B 69 21.93 -12.15 40.93
C LYS B 69 21.12 -11.83 42.19
N ALA B 70 20.17 -12.70 42.56
CA ALA B 70 19.29 -12.47 43.72
C ALA B 70 20.08 -12.27 45.01
N ILE B 71 19.68 -11.28 45.80
CA ILE B 71 20.18 -11.04 47.13
C ILE B 71 18.95 -11.20 48.00
N ASP B 72 19.06 -11.93 49.12
CA ASP B 72 17.91 -12.12 50.03
C ASP B 72 17.35 -10.77 50.52
N ALA B 73 16.05 -10.76 50.87
CA ALA B 73 15.30 -9.58 51.31
C ALA B 73 15.77 -9.04 52.63
N ASN B 74 16.02 -9.98 53.53
CA ASN B 74 16.64 -9.72 54.84
C ASN B 74 18.01 -8.96 54.82
N ARG B 75 18.82 -9.04 53.74
CA ARG B 75 20.17 -8.43 53.70
C ARG B 75 20.03 -6.96 53.46
N PRO B 76 21.02 -6.13 53.91
CA PRO B 76 20.96 -4.71 53.58
C PRO B 76 21.20 -4.51 52.08
N ARG B 77 20.76 -3.36 51.60
CA ARG B 77 20.88 -3.02 50.18
C ARG B 77 22.30 -2.64 49.86
N PRO B 78 22.89 -3.15 48.76
CA PRO B 78 24.26 -2.77 48.33
C PRO B 78 24.53 -1.24 48.23
N GLU B 79 25.77 -0.88 48.51
CA GLU B 79 26.21 0.51 48.61
C GLU B 79 26.36 1.05 47.19
N GLY B 80 25.67 2.15 46.87
CA GLY B 80 25.93 2.87 45.59
C GLY B 80 25.39 2.32 44.28
N VAL B 81 25.44 0.99 44.10
CA VAL B 81 24.70 0.25 43.03
C VAL B 81 23.16 0.24 43.24
N PRO B 82 22.36 0.54 42.20
CA PRO B 82 20.87 0.50 42.31
C PRO B 82 20.28 -0.92 42.37
N THR B 83 19.09 -1.03 42.91
CA THR B 83 18.55 -2.31 43.28
C THR B 83 17.06 -2.33 42.96
N MET B 84 16.57 -3.46 42.46
CA MET B 84 15.13 -3.61 42.22
C MET B 84 14.63 -4.93 42.84
N ASP B 85 13.43 -4.88 43.37
CA ASP B 85 12.81 -6.04 43.96
C ASP B 85 11.93 -6.81 43.00
N VAL B 86 11.97 -8.12 43.17
CA VAL B 86 10.99 -9.02 42.60
C VAL B 86 10.44 -9.94 43.67
N LYS B 87 9.13 -10.09 43.65
CA LYS B 87 8.48 -11.08 44.50
C LYS B 87 7.99 -12.33 43.72
N PHE B 88 8.46 -13.53 44.11
CA PHE B 88 8.02 -14.79 43.52
C PHE B 88 6.98 -15.57 44.34
N LYS B 89 5.92 -16.06 43.69
CA LYS B 89 4.98 -17.04 44.27
C LYS B 89 5.06 -18.36 43.54
N GLN B 90 4.89 -19.47 44.26
CA GLN B 90 4.87 -20.78 43.62
C GLN B 90 3.43 -21.30 43.63
N HIS B 91 3.03 -22.00 42.55
CA HIS B 91 1.65 -22.48 42.38
C HIS B 91 1.58 -23.96 42.02
N SER B 92 0.39 -24.56 42.27
CA SER B 92 0.16 -26.00 42.15
C SER B 92 -1.32 -26.36 42.11
N GLY B 93 -1.61 -27.54 41.58
CA GLY B 93 -2.99 -27.98 41.42
C GLY B 93 -3.62 -27.47 40.14
N GLU B 94 -4.91 -27.80 39.99
CA GLU B 94 -5.67 -27.52 38.77
C GLU B 94 -6.05 -26.04 38.69
N TYR B 95 -6.46 -25.47 39.84
CA TYR B 95 -6.85 -24.06 39.98
C TYR B 95 -5.72 -23.01 40.29
N GLY B 96 -4.44 -23.34 40.10
CA GLY B 96 -3.34 -22.36 40.28
C GLY B 96 -3.18 -21.71 41.67
N LYS B 97 -3.60 -22.40 42.72
CA LYS B 97 -3.50 -21.88 44.07
C LYS B 97 -2.05 -21.67 44.46
N SER B 98 -1.82 -20.53 45.09
CA SER B 98 -0.52 -20.17 45.59
C SER B 98 -0.13 -21.11 46.77
N ARG B 99 1.11 -21.59 46.76
CA ARG B 99 1.62 -22.44 47.85
C ARG B 99 1.99 -21.71 49.17
N ASN B 100 2.24 -20.41 49.08
CA ASN B 100 2.41 -19.51 50.22
C ASN B 100 2.33 -18.04 49.75
N SER B 101 2.54 -17.10 50.66
CA SER B 101 2.48 -15.66 50.33
C SER B 101 3.58 -15.17 49.41
N GLY B 102 4.66 -15.95 49.25
CA GLY B 102 5.75 -15.63 48.36
C GLY B 102 7.03 -15.30 49.08
N ARG B 103 8.04 -14.92 48.31
CA ARG B 103 9.37 -14.57 48.81
C ARG B 103 9.93 -13.42 47.94
N ARG B 104 10.40 -12.35 48.58
CA ARG B 104 10.92 -11.18 47.87
C ARG B 104 12.47 -11.24 47.78
N PHE B 105 13.04 -10.82 46.66
CA PHE B 105 14.49 -10.77 46.49
C PHE B 105 14.88 -9.42 45.89
N GLN B 106 16.14 -9.06 46.02
CA GLN B 106 16.66 -7.76 45.61
C GLN B 106 17.65 -8.06 44.51
N TYR B 107 17.67 -7.26 43.46
CA TYR B 107 18.61 -7.51 42.38
C TYR B 107 19.39 -6.27 42.03
N PRO B 108 20.68 -6.41 41.84
CA PRO B 108 21.39 -5.25 41.38
C PRO B 108 21.04 -4.98 39.94
N VAL B 109 21.02 -3.70 39.57
CA VAL B 109 20.73 -3.23 38.21
C VAL B 109 21.99 -2.80 37.43
N VAL B 110 22.15 -3.29 36.20
CA VAL B 110 23.16 -2.77 35.28
C VAL B 110 22.50 -1.59 34.53
N CYS B 111 23.07 -0.39 34.69
CA CYS B 111 22.55 0.86 34.10
C CYS B 111 23.30 1.14 32.83
N ILE B 112 22.58 1.21 31.70
CA ILE B 112 23.18 1.44 30.38
C ILE B 112 22.55 2.69 29.73
N LYS B 113 23.40 3.69 29.52
CA LYS B 113 22.99 4.98 28.98
C LYS B 113 23.02 4.86 27.47
N PRO B 114 21.93 5.27 26.80
CA PRO B 114 22.01 5.32 25.35
C PRO B 114 23.09 6.30 24.93
N ASP B 115 23.76 6.03 23.81
CA ASP B 115 24.78 6.96 23.32
C ASP B 115 24.47 7.61 21.95
N ARG B 116 23.28 7.37 21.38
CA ARG B 116 22.94 8.01 20.09
C ARG B 116 21.56 8.64 20.21
N GLU B 117 21.42 9.83 19.65
CA GLU B 117 20.11 10.52 19.62
C GLU B 117 19.37 9.96 18.42
N PRO B 118 18.01 9.98 18.44
CA PRO B 118 17.30 9.58 17.22
C PRO B 118 17.46 10.66 16.16
N VAL B 119 17.19 10.33 14.89
CA VAL B 119 17.15 11.33 13.83
C VAL B 119 15.98 12.27 14.10
N PRO B 120 15.97 13.50 13.52
CA PRO B 120 14.79 14.33 13.74
C PRO B 120 13.50 13.60 13.22
N PRO B 121 12.37 13.84 13.87
CA PRO B 121 11.19 13.06 13.58
C PRO B 121 10.56 13.28 12.20
N TYR B 122 9.71 12.33 11.81
CA TYR B 122 9.00 12.39 10.54
C TYR B 122 7.89 11.33 10.52
N ARG B 123 6.93 11.55 9.64
CA ARG B 123 5.85 10.65 9.30
C ARG B 123 5.95 10.28 7.79
N PHE B 124 5.73 8.99 7.48
CA PHE B 124 5.82 8.37 6.13
C PHE B 124 7.22 8.28 5.57
N HIS B 125 7.36 7.45 4.56
CA HIS B 125 8.58 7.38 3.80
C HIS B 125 8.63 8.49 2.76
N HIS B 126 9.60 9.39 2.91
CA HIS B 126 9.74 10.54 1.98
C HIS B 126 10.48 10.11 0.70
N ALA B 127 9.72 9.91 -0.39
CA ALA B 127 10.26 9.56 -1.73
C ALA B 127 10.29 10.78 -2.67
N GLU B 128 11.27 10.74 -3.55
CA GLU B 128 11.55 11.84 -4.41
C GLU B 128 10.78 11.65 -5.70
N ILE B 129 10.14 12.70 -6.20
CA ILE B 129 9.54 12.66 -7.55
C ILE B 129 10.17 13.76 -8.43
N ARG B 130 10.40 13.44 -9.68
CA ARG B 130 10.94 14.45 -10.64
C ARG B 130 9.95 15.56 -10.93
N LYS B 131 8.66 15.23 -11.04
CA LYS B 131 7.61 16.18 -11.33
C LYS B 131 6.41 15.97 -10.44
N ASN B 132 5.59 16.97 -10.29
CA ASN B 132 4.37 16.83 -9.53
C ASN B 132 3.55 15.69 -10.04
N ILE B 133 2.93 14.92 -9.14
CA ILE B 133 2.08 13.79 -9.53
C ILE B 133 0.63 14.11 -9.10
N LEU B 134 -0.31 13.62 -9.87
CA LEU B 134 -1.71 13.84 -9.61
C LEU B 134 -2.27 12.82 -8.63
N ALA B 135 -2.92 13.28 -7.59
CA ALA B 135 -3.51 12.39 -6.62
C ALA B 135 -5.02 12.25 -6.77
N LEU B 136 -5.52 11.15 -6.21
CA LEU B 136 -6.98 10.95 -6.13
C LEU B 136 -7.46 11.51 -4.85
N ASN B 137 -8.76 11.81 -4.78
CA ASN B 137 -9.40 12.24 -3.51
C ASN B 137 -9.49 11.01 -2.63
N SER B 138 -9.37 11.19 -1.32
CA SER B 138 -9.37 10.04 -0.42
C SER B 138 -10.36 10.20 0.73
N GLN B 139 -10.68 9.07 1.34
CA GLN B 139 -11.64 8.94 2.43
C GLN B 139 -10.89 8.35 3.65
N LEU B 140 -11.25 8.78 4.87
CA LEU B 140 -10.84 8.08 6.08
C LEU B 140 -11.60 6.74 6.27
N ASN B 141 -10.86 5.63 6.20
CA ASN B 141 -11.33 4.26 6.38
C ASN B 141 -10.90 3.61 7.71
N PHE B 142 -10.35 4.36 8.68
CA PHE B 142 -10.00 3.82 10.01
C PHE B 142 -10.29 4.83 11.10
N VAL B 143 -9.98 4.47 12.34
CA VAL B 143 -10.18 5.35 13.50
C VAL B 143 -8.79 5.81 13.96
N PRO B 144 -8.42 7.06 13.69
CA PRO B 144 -7.15 7.50 14.22
C PRO B 144 -7.20 7.54 15.77
N HIS B 145 -6.42 6.65 16.38
CA HIS B 145 -6.17 6.67 17.82
C HIS B 145 -4.99 7.58 18.14
N LEU B 146 -5.20 8.48 19.09
CA LEU B 146 -4.19 9.51 19.43
C LEU B 146 -3.55 9.26 20.81
N ARG B 147 -4.40 8.80 21.74
CA ARG B 147 -4.05 8.57 23.15
C ARG B 147 -5.24 7.92 23.81
N ASP B 148 -5.00 7.39 25.00
CA ASP B 148 -6.09 6.82 25.81
C ASP B 148 -6.87 7.99 26.43
N VAL B 149 -8.19 7.83 26.47
CA VAL B 149 -9.12 8.79 27.06
C VAL B 149 -10.02 8.09 28.06
N ASP B 150 -10.01 8.62 29.29
CA ASP B 150 -10.87 8.09 30.36
C ASP B 150 -12.32 8.21 29.94
N PRO B 151 -13.16 7.18 30.24
CA PRO B 151 -14.57 7.27 29.79
C PRO B 151 -15.36 8.31 30.61
N ASN B 152 -16.24 9.06 29.92
CA ASN B 152 -17.05 10.15 30.51
C ASN B 152 -16.20 11.31 31.03
N SER B 153 -15.29 11.80 30.18
CA SER B 153 -14.39 12.88 30.56
C SER B 153 -14.35 13.94 29.48
N ALA B 154 -13.66 15.04 29.79
CA ALA B 154 -13.42 16.14 28.84
C ALA B 154 -12.63 15.65 27.62
N GLU B 155 -11.58 14.84 27.87
CA GLU B 155 -10.73 14.31 26.79
C GLU B 155 -11.48 13.34 25.84
N GLU B 156 -12.28 12.42 26.40
CA GLU B 156 -13.11 11.53 25.58
C GLU B 156 -14.00 12.33 24.64
N GLN B 157 -14.61 13.39 25.17
CA GLN B 157 -15.49 14.26 24.38
C GLN B 157 -14.78 15.05 23.27
N LYS B 158 -13.57 15.51 23.55
CA LYS B 158 -12.73 16.25 22.62
C LYS B 158 -12.30 15.34 21.47
N TYR B 159 -11.79 14.16 21.83
CA TYR B 159 -11.46 13.10 20.88
C TYR B 159 -12.65 12.71 20.00
N SER B 160 -13.81 12.43 20.62
CA SER B 160 -14.98 11.96 19.86
C SER B 160 -15.68 13.08 19.02
N ALA B 161 -15.44 14.36 19.36
CA ALA B 161 -15.86 15.54 18.52
C ALA B 161 -14.96 15.70 17.26
N TRP B 162 -13.65 15.52 17.43
CA TRP B 162 -12.68 15.48 16.33
C TRP B 162 -13.05 14.37 15.35
N LEU B 163 -13.36 13.17 15.85
CA LEU B 163 -13.74 12.07 14.98
C LEU B 163 -14.97 12.43 14.17
N MET B 164 -15.91 13.13 14.81
CA MET B 164 -17.17 13.50 14.17
C MET B 164 -16.90 14.52 13.06
N ASP B 165 -16.09 15.53 13.37
CA ASP B 165 -15.59 16.51 12.38
C ASP B 165 -14.94 15.82 11.15
N LEU B 166 -14.00 14.90 11.41
CA LEU B 166 -13.43 14.06 10.33
C LEU B 166 -14.50 13.38 9.44
N GLU B 167 -15.53 12.80 10.09
CA GLU B 167 -16.64 12.13 9.39
C GLU B 167 -17.55 13.14 8.66
N ASN B 168 -17.70 14.33 9.24
CA ASN B 168 -18.41 15.42 8.57
C ASN B 168 -17.70 15.94 7.31
N LEU B 169 -16.36 15.85 7.23
CA LEU B 169 -15.65 16.20 5.98
C LEU B 169 -15.89 15.20 4.86
N ASP B 170 -16.06 13.92 5.21
CA ASP B 170 -16.23 12.87 4.22
C ASP B 170 -17.65 12.86 3.66
N SER B 171 -18.66 13.09 4.51
CA SER B 171 -20.05 13.22 4.01
C SER B 171 -20.16 14.48 3.15
N LYS B 172 -19.45 15.53 3.56
CA LYS B 172 -19.33 16.76 2.75
C LYS B 172 -18.43 16.62 1.49
N SER B 173 -17.67 15.52 1.36
CA SER B 173 -16.78 15.32 0.19
C SER B 173 -17.50 14.86 -1.09
N GLY B 174 -18.60 14.12 -0.93
CA GLY B 174 -19.32 13.53 -2.06
C GLY B 174 -18.70 12.18 -2.42
N PHE B 175 -18.83 11.21 -1.49
CA PHE B 175 -18.29 9.85 -1.65
C PHE B 175 -19.05 8.81 -0.80
N PRO B 179 -21.85 4.37 6.61
CA PRO B 179 -22.42 3.97 7.93
C PRO B 179 -21.82 2.66 8.48
N ARG B 180 -21.24 2.71 9.68
CA ARG B 180 -20.49 1.56 10.24
C ARG B 180 -21.27 0.25 10.17
N SER B 181 -22.44 0.22 10.81
CA SER B 181 -23.28 -1.00 10.87
C SER B 181 -23.49 -1.68 9.50
N GLN B 182 -23.67 -0.87 8.45
CA GLN B 182 -23.89 -1.37 7.09
C GLN B 182 -22.59 -1.87 6.46
N LYS B 183 -21.49 -1.21 6.77
CA LYS B 183 -20.19 -1.67 6.31
C LYS B 183 -19.86 -3.04 6.92
N ILE B 184 -20.12 -3.21 8.21
CA ILE B 184 -19.94 -4.53 8.86
C ILE B 184 -20.81 -5.61 8.19
N ALA B 185 -22.07 -5.29 7.92
CA ALA B 185 -23.02 -6.27 7.40
C ALA B 185 -22.69 -6.68 5.97
N LYS B 186 -22.44 -5.67 5.15
CA LYS B 186 -21.96 -5.83 3.78
C LYS B 186 -20.72 -6.70 3.69
N ARG B 187 -19.71 -6.43 4.53
CA ARG B 187 -18.47 -7.24 4.51
C ARG B 187 -18.80 -8.65 4.81
N ALA B 188 -19.63 -8.85 5.81
CA ALA B 188 -20.03 -10.21 6.21
C ALA B 188 -20.85 -10.89 5.10
N GLN B 189 -21.69 -10.13 4.42
CA GLN B 189 -22.43 -10.67 3.28
C GLN B 189 -21.54 -10.99 2.08
N ALA B 190 -20.56 -10.12 1.82
CA ALA B 190 -19.63 -10.35 0.74
C ALA B 190 -18.84 -11.59 0.94
N GLU B 191 -18.44 -11.91 2.17
CA GLU B 191 -17.71 -13.17 2.38
C GLU B 191 -18.61 -14.39 2.17
N TYR B 192 -19.83 -14.31 2.66
CA TYR B 192 -20.76 -15.43 2.53
C TYR B 192 -21.13 -15.68 1.04
N ALA B 193 -21.22 -14.60 0.29
CA ALA B 193 -21.45 -14.68 -1.17
C ALA B 193 -20.31 -15.36 -1.88
N ALA B 194 -19.06 -15.06 -1.46
CA ALA B 194 -17.92 -15.72 -2.07
C ALA B 194 -17.86 -17.19 -1.76
N THR B 195 -18.20 -17.51 -0.52
CA THR B 195 -18.31 -18.89 -0.06
C THR B 195 -19.35 -19.71 -0.88
N LEU B 196 -20.55 -19.17 -1.12
CA LEU B 196 -21.64 -19.90 -1.81
C LEU B 196 -21.54 -19.88 -3.30
N ALA B 197 -20.95 -18.87 -3.92
CA ALA B 197 -20.87 -18.81 -5.41
C ALA B 197 -20.35 -20.09 -6.09
N PRO B 198 -19.30 -20.71 -5.56
CA PRO B 198 -18.85 -21.95 -6.24
C PRO B 198 -19.80 -23.13 -6.18
N TYR B 199 -20.76 -23.12 -5.25
CA TYR B 199 -21.72 -24.21 -5.10
C TYR B 199 -22.94 -24.10 -6.02
N LEU B 200 -23.20 -22.92 -6.57
CA LEU B 200 -24.46 -22.70 -7.26
C LEU B 200 -24.58 -23.61 -8.47
N GLU B 201 -23.56 -23.62 -9.33
CA GLU B 201 -23.60 -24.42 -10.55
C GLU B 201 -23.62 -25.92 -10.24
N PRO B 202 -22.71 -26.41 -9.40
CA PRO B 202 -22.84 -27.83 -9.08
C PRO B 202 -24.23 -28.21 -8.56
N TRP B 203 -24.82 -27.38 -7.70
CA TRP B 203 -26.16 -27.64 -7.18
C TRP B 203 -27.27 -27.60 -8.24
N LEU B 204 -27.23 -26.64 -9.14
CA LEU B 204 -28.15 -26.64 -10.30
C LEU B 204 -28.05 -27.92 -11.13
N ARG B 205 -26.84 -28.40 -11.40
CA ARG B 205 -26.67 -29.67 -12.12
C ARG B 205 -27.26 -30.86 -11.37
N LYS B 206 -26.91 -31.02 -10.09
CA LYS B 206 -27.51 -32.05 -9.23
C LYS B 206 -29.03 -32.01 -9.11
N LEU B 207 -29.61 -30.82 -9.14
CA LEU B 207 -31.06 -30.67 -8.97
C LEU B 207 -31.82 -30.90 -10.28
N ASN B 208 -31.13 -30.57 -11.37
CA ASN B 208 -31.52 -30.87 -12.72
C ASN B 208 -32.94 -30.45 -13.08
N ILE B 209 -33.27 -29.21 -12.72
CA ILE B 209 -34.53 -28.55 -13.06
C ILE B 209 -34.33 -27.93 -14.44
N GLU B 210 -35.31 -28.09 -15.31
CA GLU B 210 -35.13 -27.80 -16.75
C GLU B 210 -34.89 -26.30 -17.08
N CYS B 212 -33.59 -24.08 -14.79
CA CYS B 212 -32.73 -23.47 -13.78
C CYS B 212 -31.30 -23.77 -14.17
N THR B 213 -30.80 -22.84 -14.94
CA THR B 213 -29.39 -22.68 -15.15
C THR B 213 -29.14 -21.29 -14.64
N LYS B 214 -27.86 -20.94 -14.52
CA LYS B 214 -27.45 -19.63 -14.01
C LYS B 214 -27.93 -18.53 -14.96
N SER B 215 -27.76 -18.72 -16.27
CA SER B 215 -28.22 -17.73 -17.29
C SER B 215 -29.69 -17.41 -17.19
N ASN B 216 -30.49 -18.43 -16.92
CA ASN B 216 -31.94 -18.26 -16.70
C ASN B 216 -32.25 -17.54 -15.40
N LEU B 217 -31.45 -17.80 -14.37
CA LEU B 217 -31.56 -17.07 -13.11
C LEU B 217 -31.11 -15.60 -13.21
N ILE B 218 -30.10 -15.32 -14.05
CA ILE B 218 -29.69 -13.94 -14.37
C ILE B 218 -30.78 -13.28 -15.20
N ARG B 219 -31.29 -13.99 -16.21
CA ARG B 219 -32.41 -13.45 -16.96
C ARG B 219 -33.56 -13.06 -16.01
N PHE B 220 -33.95 -13.97 -15.11
CA PHE B 220 -35.04 -13.69 -14.15
C PHE B 220 -34.82 -12.45 -13.26
N MET B 221 -33.65 -12.41 -12.60
CA MET B 221 -33.21 -11.22 -11.84
C MET B 221 -33.33 -9.89 -12.64
N ALA B 222 -32.82 -9.90 -13.87
CA ALA B 222 -32.89 -8.72 -14.73
C ALA B 222 -34.35 -8.27 -14.95
N SER B 223 -35.25 -9.24 -15.12
CA SER B 223 -36.70 -9.01 -15.29
C SER B 223 -37.42 -8.94 -13.93
N GLN B 224 -36.97 -8.04 -13.05
CA GLN B 224 -37.40 -8.05 -11.66
C GLN B 224 -36.87 -6.79 -10.96
N PRO B 225 -37.76 -6.01 -10.28
CA PRO B 225 -37.27 -4.87 -9.46
C PRO B 225 -36.52 -5.28 -8.15
N GLU B 226 -35.44 -4.62 -7.71
CA GLU B 226 -34.79 -3.44 -8.31
C GLU B 226 -33.29 -3.64 -8.39
N THR B 232 -30.18 -0.88 -11.76
CA THR B 232 -31.02 0.19 -12.32
C THR B 232 -30.79 0.53 -13.82
N PRO B 233 -31.88 0.49 -14.66
CA PRO B 233 -31.76 0.65 -16.15
C PRO B 233 -31.19 2.02 -16.59
N GLN B 234 -30.25 2.11 -17.54
CA GLN B 234 -29.95 1.12 -18.58
C GLN B 234 -29.00 -0.01 -18.21
N GLN B 235 -28.67 -0.18 -16.93
CA GLN B 235 -27.90 -1.36 -16.53
C GLN B 235 -28.69 -2.64 -16.84
N LYS B 236 -29.93 -2.73 -16.35
CA LYS B 236 -30.84 -3.85 -16.69
C LYS B 236 -31.05 -4.03 -18.21
N SER B 237 -31.00 -2.94 -18.94
CA SER B 237 -31.08 -2.94 -20.40
C SER B 237 -29.85 -3.61 -20.98
N ASN B 238 -28.67 -3.21 -20.50
CA ASN B 238 -27.36 -3.77 -20.94
C ASN B 238 -27.28 -5.30 -20.78
N LEU B 239 -27.82 -5.77 -19.66
CA LEU B 239 -27.81 -7.18 -19.33
C LEU B 239 -28.74 -7.96 -20.24
N LEU B 240 -29.99 -7.54 -20.34
CA LEU B 240 -30.96 -8.19 -21.23
C LEU B 240 -30.51 -8.15 -22.69
N ASP B 241 -29.80 -7.09 -23.06
CA ASP B 241 -29.23 -6.96 -24.41
C ASP B 241 -28.33 -8.15 -24.77
N THR B 242 -27.55 -8.67 -23.81
CA THR B 242 -26.68 -9.81 -24.09
C THR B 242 -27.37 -11.13 -23.72
N TYR B 243 -28.24 -11.13 -22.72
CA TYR B 243 -28.92 -12.35 -22.29
C TYR B 243 -30.26 -12.75 -23.01
N SER B 244 -31.03 -11.78 -23.55
CA SER B 244 -32.42 -12.04 -24.03
C SER B 244 -33.43 -12.23 -22.87
N ASP B 245 -34.62 -12.76 -23.17
CA ASP B 245 -35.60 -13.19 -22.15
C ASP B 245 -35.92 -14.71 -22.16
N ASP B 246 -35.24 -15.48 -23.02
CA ASP B 246 -35.46 -16.93 -23.19
C ASP B 246 -34.46 -17.75 -22.35
N ALA B 252 -39.24 -21.56 -22.45
CA ALA B 252 -40.48 -22.28 -22.14
C ALA B 252 -41.06 -21.89 -20.76
N VAL B 253 -41.59 -22.87 -20.00
CA VAL B 253 -41.90 -22.73 -18.56
C VAL B 253 -40.68 -22.26 -17.66
N ARG B 254 -40.84 -21.07 -17.05
CA ARG B 254 -39.74 -20.37 -16.37
C ARG B 254 -39.95 -20.44 -14.89
N ASN B 255 -39.54 -21.57 -14.30
CA ASN B 255 -39.53 -21.78 -12.84
C ASN B 255 -38.15 -21.38 -12.18
N ALA B 256 -37.44 -20.49 -12.88
CA ALA B 256 -36.35 -19.72 -12.30
C ALA B 256 -36.84 -18.97 -11.09
N SER B 257 -38.07 -18.48 -11.16
CA SER B 257 -38.75 -17.83 -10.04
C SER B 257 -38.86 -18.71 -8.79
N MET B 258 -39.15 -19.98 -8.98
CA MET B 258 -39.33 -20.87 -7.84
C MET B 258 -37.99 -21.14 -7.14
N PHE B 259 -36.99 -21.49 -7.95
CA PHE B 259 -35.65 -21.67 -7.46
C PHE B 259 -35.22 -20.42 -6.70
N THR B 260 -35.47 -19.24 -7.29
CA THR B 260 -35.08 -17.98 -6.68
C THR B 260 -35.70 -17.74 -5.29
N GLU B 261 -36.95 -18.16 -5.11
CA GLU B 261 -37.65 -17.97 -3.84
C GLU B 261 -37.16 -18.96 -2.80
N ALA B 262 -37.02 -20.21 -3.24
CA ALA B 262 -36.38 -21.26 -2.42
C ALA B 262 -35.00 -20.79 -1.88
N TRP B 263 -34.08 -20.44 -2.79
CA TRP B 263 -32.79 -19.85 -2.40
C TRP B 263 -32.92 -18.77 -1.34
N ASP B 264 -33.79 -17.80 -1.58
CA ASP B 264 -33.93 -16.68 -0.64
C ASP B 264 -34.49 -17.12 0.71
N ARG B 265 -35.43 -18.05 0.71
CA ARG B 265 -35.91 -18.66 1.95
C ARG B 265 -34.75 -19.31 2.69
N VAL B 266 -33.94 -20.07 1.99
CA VAL B 266 -32.89 -20.83 2.63
C VAL B 266 -31.67 -19.97 3.03
N PHE B 267 -31.17 -19.12 2.14
CA PHE B 267 -29.89 -18.45 2.38
C PHE B 267 -30.01 -16.97 2.74
N ASN B 268 -31.19 -16.39 2.51
CA ASN B 268 -31.44 -15.01 2.91
C ASN B 268 -32.43 -14.80 4.08
N ASP B 269 -32.17 -15.45 5.21
CA ASP B 269 -32.97 -15.28 6.44
C ASP B 269 -32.81 -13.89 7.06
N GLN B 270 -33.94 -13.36 7.55
CA GLN B 270 -33.99 -12.08 8.25
C GLN B 270 -33.75 -12.27 9.76
N ARG B 274 -24.98 -13.93 8.74
CA ARG B 274 -24.51 -14.50 7.46
C ARG B 274 -25.70 -14.93 6.60
N ARG B 275 -26.06 -14.05 5.66
CA ARG B 275 -27.20 -14.23 4.79
C ARG B 275 -26.89 -13.66 3.41
N VAL B 276 -27.55 -14.15 2.38
CA VAL B 276 -27.30 -13.66 1.04
C VAL B 276 -28.39 -14.07 0.09
N ALA B 277 -28.90 -13.07 -0.63
CA ALA B 277 -29.91 -13.33 -1.65
C ALA B 277 -29.21 -13.80 -2.96
N LEU B 278 -29.92 -14.55 -3.80
CA LEU B 278 -29.35 -15.10 -5.02
C LEU B 278 -28.88 -13.96 -5.89
N ARG B 279 -29.62 -12.87 -5.87
CA ARG B 279 -29.28 -11.59 -6.50
C ARG B 279 -27.82 -11.17 -6.22
N ASP B 280 -27.38 -11.34 -4.97
CA ASP B 280 -26.08 -10.81 -4.54
C ASP B 280 -24.95 -11.63 -5.12
N ILE B 281 -25.17 -12.93 -5.26
CA ILE B 281 -24.21 -13.82 -5.91
C ILE B 281 -24.11 -13.53 -7.41
N LEU B 282 -25.27 -13.50 -8.06
CA LEU B 282 -25.38 -13.26 -9.50
C LEU B 282 -24.81 -11.91 -9.94
N MET B 283 -25.06 -10.84 -9.18
CA MET B 283 -24.41 -9.53 -9.48
C MET B 283 -22.87 -9.56 -9.43
N LEU B 284 -22.31 -10.47 -8.65
CA LEU B 284 -20.87 -10.60 -8.60
C LEU B 284 -20.34 -11.65 -9.59
N ASP B 285 -21.24 -12.33 -10.30
CA ASP B 285 -20.82 -13.29 -11.33
C ASP B 285 -19.95 -12.75 -12.49
N LYS B 286 -19.03 -13.59 -12.97
CA LYS B 286 -18.13 -13.22 -14.05
C LYS B 286 -18.86 -12.88 -15.34
N ASN B 287 -20.04 -13.48 -15.56
CA ASN B 287 -20.85 -13.15 -16.77
C ASN B 287 -21.85 -12.02 -16.57
N VAL B 288 -21.70 -11.25 -15.49
CA VAL B 288 -22.67 -10.23 -15.11
C VAL B 288 -21.94 -8.94 -14.78
N GLU B 289 -21.06 -8.96 -13.79
CA GLU B 289 -20.51 -7.72 -13.23
C GLU B 289 -19.83 -6.78 -14.24
N PRO B 290 -19.00 -7.29 -15.16
CA PRO B 290 -18.34 -6.38 -16.11
C PRO B 290 -19.28 -5.78 -17.16
N ILE B 291 -20.53 -6.24 -17.24
CA ILE B 291 -21.54 -5.60 -18.10
C ILE B 291 -22.30 -4.56 -17.26
N PHE B 292 -21.62 -4.05 -16.23
CA PHE B 292 -21.91 -2.78 -15.57
C PHE B 292 -20.60 -1.96 -15.53
N GLU B 309 -19.74 11.77 -44.90
CA GLU B 309 -19.24 11.70 -43.53
C GLU B 309 -19.23 10.28 -42.88
N ALA B 310 -19.44 9.21 -43.67
CA ALA B 310 -19.47 7.83 -43.14
C ALA B 310 -18.05 7.30 -42.91
N LEU B 311 -17.13 7.61 -43.85
CA LEU B 311 -15.69 7.41 -43.68
C LEU B 311 -15.16 8.03 -42.40
N MET B 312 -15.55 9.29 -42.17
CA MET B 312 -15.12 10.03 -40.97
C MET B 312 -15.73 9.56 -39.68
N GLN B 313 -17.00 9.15 -39.66
CA GLN B 313 -17.58 8.56 -38.43
C GLN B 313 -16.88 7.26 -38.05
N LYS B 314 -16.42 6.50 -39.03
CA LYS B 314 -15.64 5.29 -38.76
C LYS B 314 -14.31 5.68 -38.13
N VAL B 315 -13.61 6.67 -38.69
CA VAL B 315 -12.30 7.10 -38.17
C VAL B 315 -12.38 7.67 -36.73
N ILE B 316 -13.39 8.50 -36.47
CA ILE B 316 -13.66 9.03 -35.13
C ILE B 316 -13.89 7.88 -34.14
N ASP B 317 -14.70 6.91 -34.55
CA ASP B 317 -15.00 5.73 -33.69
C ASP B 317 -13.74 4.91 -33.41
N ALA B 318 -12.89 4.78 -34.43
CA ALA B 318 -11.67 3.97 -34.34
C ALA B 318 -10.61 4.57 -33.43
N LEU B 319 -10.46 5.89 -33.50
CA LEU B 319 -9.44 6.59 -32.76
C LEU B 319 -9.89 7.02 -31.37
N GLY B 320 -11.10 6.63 -30.92
CA GLY B 320 -11.71 7.07 -29.66
C GLY B 320 -10.90 6.98 -28.38
N SER B 321 -10.23 5.87 -28.18
CA SER B 321 -9.40 5.65 -26.99
C SER B 321 -8.21 6.64 -26.97
N TYR B 322 -7.68 6.94 -28.16
CA TYR B 322 -6.48 7.73 -28.28
C TYR B 322 -6.73 9.22 -28.15
N THR B 323 -7.93 9.65 -28.51
CA THR B 323 -8.30 11.04 -28.53
C THR B 323 -8.92 11.38 -27.20
N THR B 324 -9.57 10.42 -26.55
CA THR B 324 -10.06 10.60 -25.17
C THR B 324 -8.97 10.65 -24.04
N LEU B 325 -7.87 9.90 -24.20
CA LEU B 325 -6.87 9.74 -23.15
C LEU B 325 -5.52 10.34 -23.46
N GLY B 326 -5.18 10.48 -24.74
CA GLY B 326 -3.87 10.95 -25.15
C GLY B 326 -3.67 12.36 -24.67
N CYS B 327 -2.69 12.58 -23.79
CA CYS B 327 -2.42 13.86 -23.23
C CYS B 327 -1.76 14.86 -24.19
N LEU B 328 -2.32 16.07 -24.24
CA LEU B 328 -1.81 17.09 -25.15
C LEU B 328 -0.43 17.58 -24.78
N ILE B 329 -0.10 17.51 -23.47
CA ILE B 329 1.15 18.01 -22.92
C ILE B 329 2.27 16.98 -22.98
N CYS B 330 2.06 15.76 -22.43
CA CYS B 330 3.13 14.79 -22.26
C CYS B 330 3.00 13.51 -23.11
N PHE B 331 1.90 13.35 -23.85
CA PHE B 331 1.71 12.33 -24.83
C PHE B 331 1.43 10.90 -24.35
N SER B 332 1.18 10.72 -23.07
CA SER B 332 0.88 9.43 -22.45
C SER B 332 -0.62 9.38 -22.18
N HIS B 333 -1.13 8.17 -22.01
CA HIS B 333 -2.56 7.92 -21.87
C HIS B 333 -2.99 7.78 -20.45
N ASP B 334 -2.02 7.77 -19.55
CA ASP B 334 -2.30 7.86 -18.14
C ASP B 334 -1.15 8.62 -17.51
N CYS B 335 -1.41 9.80 -17.00
CA CYS B 335 -0.35 10.68 -16.64
C CYS B 335 -0.77 11.58 -15.48
N GLU B 336 0.03 12.62 -15.24
CA GLU B 336 -0.16 13.55 -14.14
C GLU B 336 -1.02 14.76 -14.52
N HIS B 337 -1.43 14.85 -15.80
CA HIS B 337 -2.24 15.99 -16.25
C HIS B 337 -3.71 15.62 -16.23
N GLY B 338 -4.55 16.60 -16.44
CA GLY B 338 -5.99 16.36 -16.36
C GLY B 338 -6.55 16.71 -15.02
N GLU B 339 -7.85 16.51 -14.89
CA GLU B 339 -8.57 16.91 -13.70
C GLU B 339 -9.22 15.69 -13.09
N ILE B 340 -9.29 15.66 -11.78
CA ILE B 340 -9.98 14.62 -11.01
C ILE B 340 -11.26 15.20 -10.43
N GLU B 341 -12.40 14.63 -10.77
CA GLU B 341 -13.67 15.08 -10.21
C GLU B 341 -13.84 14.54 -8.80
N ARG B 342 -14.88 15.01 -8.12
CA ARG B 342 -15.09 14.71 -6.69
C ARG B 342 -15.22 13.23 -6.44
N ASP B 343 -15.71 12.48 -7.43
CA ASP B 343 -15.86 11.01 -7.32
C ASP B 343 -14.68 10.22 -7.89
N ASN B 344 -13.59 10.91 -8.15
CA ASN B 344 -12.37 10.32 -8.73
C ASN B 344 -12.43 9.84 -10.17
N GLN B 345 -13.46 10.25 -10.90
CA GLN B 345 -13.41 10.16 -12.35
C GLN B 345 -12.44 11.21 -12.90
N LYS B 346 -11.81 10.90 -14.01
CA LYS B 346 -10.77 11.72 -14.52
C LYS B 346 -11.08 12.25 -15.92
N ARG B 347 -11.05 13.57 -16.08
CA ARG B 347 -10.98 14.26 -17.37
C ARG B 347 -9.54 14.44 -17.80
N CYS B 348 -9.10 13.68 -18.77
CA CYS B 348 -7.76 13.80 -19.28
C CYS B 348 -7.62 15.07 -20.06
N PHE B 349 -6.43 15.62 -20.12
CA PHE B 349 -6.21 16.84 -20.85
C PHE B 349 -5.85 16.36 -22.22
N SER B 350 -6.91 16.02 -22.95
CA SER B 350 -6.82 15.32 -24.23
C SER B 350 -7.46 16.08 -25.40
N LEU B 351 -7.38 15.46 -26.60
CA LEU B 351 -8.15 15.95 -27.74
C LEU B 351 -9.64 16.19 -27.49
N GLU B 352 -10.30 15.35 -26.71
CA GLU B 352 -11.71 15.53 -26.39
C GLU B 352 -11.95 16.83 -25.73
N GLU B 353 -11.05 17.22 -24.82
CA GLU B 353 -11.16 18.49 -24.07
C GLU B 353 -11.27 19.72 -24.99
N ILE B 354 -10.72 19.61 -26.18
CA ILE B 354 -10.80 20.61 -27.20
C ILE B 354 -11.64 20.20 -28.43
N GLY B 355 -12.76 19.52 -28.17
CA GLY B 355 -13.78 19.26 -29.17
C GLY B 355 -13.68 18.00 -30.01
N GLY B 356 -12.75 17.09 -29.67
CA GLY B 356 -12.55 15.82 -30.37
C GLY B 356 -11.60 15.91 -31.53
N LEU B 357 -11.57 14.85 -32.36
CA LEU B 357 -10.69 14.76 -33.54
C LEU B 357 -10.95 15.81 -34.62
N MET B 358 -12.23 16.07 -34.88
CA MET B 358 -12.66 16.76 -36.12
C MET B 358 -12.25 18.24 -36.17
N PRO B 359 -12.53 19.00 -35.08
CA PRO B 359 -12.12 20.42 -35.15
C PRO B 359 -10.65 20.55 -35.45
N SER B 360 -9.80 19.70 -34.88
CA SER B 360 -8.34 19.87 -35.08
C SER B 360 -7.92 19.32 -36.47
N LEU B 361 -8.62 18.26 -36.91
CA LEU B 361 -8.33 17.61 -38.18
C LEU B 361 -8.77 18.52 -39.35
N ARG B 362 -10.00 19.04 -39.30
CA ARG B 362 -10.44 20.05 -40.30
C ARG B 362 -9.41 21.17 -40.50
N ARG B 363 -8.87 21.68 -39.39
CA ARG B 363 -7.91 22.79 -39.42
C ARG B 363 -6.57 22.41 -40.00
N LYS B 364 -6.16 21.18 -39.76
CA LYS B 364 -4.98 20.62 -40.42
C LYS B 364 -5.17 20.58 -41.94
N TRP B 365 -6.34 20.13 -42.39
CA TRP B 365 -6.59 19.90 -43.81
C TRP B 365 -6.47 21.23 -44.53
N ALA B 366 -7.17 22.24 -43.98
CA ALA B 366 -7.09 23.62 -44.44
C ALA B 366 -5.64 24.12 -44.59
N ALA B 367 -4.88 24.05 -43.52
CA ALA B 367 -3.47 24.48 -43.55
C ALA B 367 -2.61 23.74 -44.61
N GLN B 368 -3.02 22.54 -45.01
CA GLN B 368 -2.35 21.80 -46.09
C GLN B 368 -2.65 22.37 -47.47
N ILE B 369 -3.94 22.52 -47.79
CA ILE B 369 -4.34 22.99 -49.11
C ILE B 369 -3.72 24.36 -49.38
N GLU B 370 -3.58 25.19 -48.35
CA GLU B 370 -2.93 26.50 -48.48
C GLU B 370 -1.37 26.51 -48.48
N GLN B 371 -0.74 25.40 -48.89
CA GLN B 371 0.74 25.29 -49.00
C GLN B 371 1.20 24.89 -50.41
N PRO B 387 11.08 10.36 -52.46
CA PRO B 387 11.59 9.12 -51.88
C PRO B 387 10.48 8.05 -51.87
N PRO B 388 10.60 6.97 -52.70
CA PRO B 388 9.72 5.77 -52.63
C PRO B 388 10.22 4.72 -51.63
N CYS B 389 9.32 3.97 -51.00
CA CYS B 389 9.72 2.99 -49.98
C CYS B 389 10.48 1.74 -50.49
N ARG B 390 10.91 0.89 -49.56
CA ARG B 390 11.62 -0.36 -49.83
C ARG B 390 10.77 -1.62 -49.55
N ASN B 391 9.53 -1.59 -50.02
CA ASN B 391 8.49 -2.61 -49.73
C ASN B 391 7.55 -2.75 -50.94
N GLU B 392 8.17 -2.92 -52.12
CA GLU B 392 7.47 -2.95 -53.42
C GLU B 392 6.49 -1.77 -53.57
N CYS B 393 7.08 -0.58 -53.73
CA CYS B 393 6.37 0.71 -53.70
C CYS B 393 5.42 0.90 -54.89
N TYR B 394 4.25 1.51 -54.68
CA TYR B 394 3.43 1.94 -55.80
C TYR B 394 4.25 3.01 -56.53
N ILE B 396 7.15 2.65 -58.12
CA ILE B 396 7.87 1.59 -58.83
C ILE B 396 6.88 0.56 -59.42
N HIS B 397 6.26 -0.27 -58.57
CA HIS B 397 5.20 -1.21 -59.00
C HIS B 397 3.88 -0.40 -59.06
N GLY B 398 2.72 -1.04 -59.09
CA GLY B 398 1.51 -0.31 -59.44
C GLY B 398 0.25 -0.86 -58.86
N THR B 399 0.01 -2.16 -59.07
CA THR B 399 -1.18 -2.84 -58.55
C THR B 399 -1.08 -4.37 -58.85
N PRO B 407 -5.13 -12.01 -51.56
CA PRO B 407 -5.22 -12.25 -50.10
C PRO B 407 -6.22 -11.26 -49.50
N PRO B 408 -7.49 -11.68 -49.22
CA PRO B 408 -8.55 -10.72 -48.88
C PRO B 408 -8.25 -9.83 -47.67
N TRP B 409 -8.71 -8.58 -47.73
CA TRP B 409 -8.50 -7.59 -46.66
C TRP B 409 -9.58 -7.67 -45.58
N SER B 410 -9.18 -7.92 -44.32
CA SER B 410 -10.14 -7.90 -43.18
C SER B 410 -10.62 -6.48 -42.84
N GLU B 411 -11.73 -6.39 -42.11
CA GLU B 411 -12.32 -5.12 -41.63
C GLU B 411 -11.29 -4.18 -40.98
N ASN B 412 -10.46 -4.74 -40.10
CA ASN B 412 -9.48 -3.98 -39.32
C ASN B 412 -8.29 -3.46 -40.15
N GLU B 413 -7.92 -4.21 -41.18
CA GLU B 413 -6.95 -3.78 -42.19
C GLU B 413 -7.52 -2.66 -43.06
N VAL B 414 -8.83 -2.71 -43.30
CA VAL B 414 -9.58 -1.67 -44.00
C VAL B 414 -9.52 -0.38 -43.16
N GLY B 415 -10.07 -0.46 -41.95
CA GLY B 415 -9.92 0.60 -40.94
C GLY B 415 -8.54 1.27 -40.96
N THR B 416 -7.50 0.48 -40.93
CA THR B 416 -6.15 1.02 -40.84
C THR B 416 -5.84 1.97 -41.96
N LEU B 417 -6.20 1.54 -43.18
CA LEU B 417 -6.02 2.34 -44.38
C LEU B 417 -6.82 3.63 -44.28
N GLU B 418 -8.08 3.49 -43.86
CA GLU B 418 -9.02 4.59 -43.65
C GLU B 418 -8.46 5.73 -42.74
N TRP B 419 -8.21 5.41 -41.45
CA TRP B 419 -7.72 6.43 -40.49
C TRP B 419 -6.39 6.98 -40.93
N MET B 420 -5.51 6.17 -41.52
CA MET B 420 -4.23 6.75 -42.02
C MET B 420 -4.45 7.70 -43.22
N PHE B 421 -5.36 7.29 -44.11
CA PHE B 421 -5.73 8.13 -45.26
C PHE B 421 -6.26 9.49 -44.77
N ALA B 422 -7.34 9.47 -43.99
CA ALA B 422 -7.92 10.67 -43.33
C ALA B 422 -6.86 11.63 -42.70
N THR B 423 -6.06 11.11 -41.78
CA THR B 423 -5.13 11.91 -40.98
C THR B 423 -3.86 12.37 -41.75
N ILE B 424 -3.37 11.59 -42.71
CA ILE B 424 -2.26 12.08 -43.58
C ILE B 424 -2.80 13.29 -44.36
N GLY B 425 -4.12 13.24 -44.66
CA GLY B 425 -4.85 14.33 -45.33
C GLY B 425 -4.35 14.70 -46.72
N TYR B 426 -4.53 15.96 -47.08
CA TYR B 426 -4.08 16.47 -48.37
C TYR B 426 -2.56 16.76 -48.27
N SER B 427 -1.78 15.72 -47.99
CA SER B 427 -0.34 15.90 -47.77
C SER B 427 0.34 16.46 -49.01
N LEU B 430 4.43 12.72 -48.45
CA LEU B 430 4.16 11.50 -47.68
C LEU B 430 2.81 10.94 -48.07
N ARG B 431 2.74 9.61 -48.20
CA ARG B 431 1.54 8.93 -48.71
C ARG B 431 1.13 7.78 -47.78
N PRO B 432 -0.21 7.56 -47.56
CA PRO B 432 -0.68 6.43 -46.70
C PRO B 432 -0.25 5.02 -47.11
N GLU B 433 0.03 4.84 -48.40
CA GLU B 433 0.39 3.55 -48.96
C GLU B 433 1.53 2.91 -48.22
N CYS B 434 2.69 3.58 -48.23
CA CYS B 434 3.95 3.03 -47.67
C CYS B 434 3.84 2.69 -46.17
N PHE B 435 3.22 3.61 -45.42
CA PHE B 435 3.09 3.43 -43.99
C PHE B 435 2.09 2.32 -43.68
N VAL B 436 0.93 2.32 -44.32
CA VAL B 436 -0.04 1.23 -44.09
C VAL B 436 0.54 -0.16 -44.41
N GLY B 437 1.40 -0.21 -45.44
CA GLY B 437 2.09 -1.45 -45.80
C GLY B 437 3.09 -1.90 -44.77
N ALA B 438 3.83 -0.93 -44.23
CA ALA B 438 4.75 -1.16 -43.10
C ALA B 438 4.04 -1.61 -41.82
N ILE B 439 2.78 -1.22 -41.65
CA ILE B 439 1.95 -1.61 -40.49
C ILE B 439 1.27 -2.95 -40.75
N LEU B 440 0.68 -3.08 -41.94
CA LEU B 440 0.06 -4.33 -42.35
C LEU B 440 1.12 -5.24 -42.95
N ARG B 442 2.06 -6.27 -45.72
CA ARG B 442 1.53 -6.13 -47.07
C ARG B 442 2.40 -5.23 -47.95
N PRO B 443 2.57 -5.59 -49.25
CA PRO B 443 3.37 -4.72 -50.13
C PRO B 443 2.68 -3.39 -50.41
N CYS B 444 3.47 -2.38 -50.76
CA CYS B 444 2.93 -1.02 -50.93
C CYS B 444 1.93 -0.93 -52.10
N TRP B 445 2.16 -1.66 -53.20
CA TRP B 445 1.17 -1.71 -54.32
C TRP B 445 -0.22 -2.29 -53.90
N ASP B 446 -0.19 -3.34 -53.08
CA ASP B 446 -1.39 -4.05 -52.62
C ASP B 446 -2.34 -3.06 -51.94
N VAL B 447 -1.79 -2.16 -51.14
CA VAL B 447 -2.62 -1.14 -50.47
C VAL B 447 -3.03 -0.07 -51.50
N HIS B 448 -2.11 0.29 -52.38
CA HIS B 448 -2.39 1.27 -53.44
C HIS B 448 -3.69 0.89 -54.18
N ARG B 449 -3.87 -0.39 -54.49
CA ARG B 449 -5.06 -0.86 -55.23
C ARG B 449 -6.29 -1.06 -54.36
N LYS B 450 -6.13 -1.44 -53.09
CA LYS B 450 -7.29 -1.49 -52.20
C LYS B 450 -7.78 -0.04 -51.99
N LEU B 451 -6.83 0.89 -51.87
CA LEU B 451 -7.16 2.31 -51.79
C LEU B 451 -8.05 2.74 -52.98
N GLN B 452 -7.65 2.36 -54.19
CA GLN B 452 -8.40 2.72 -55.40
C GLN B 452 -9.68 1.90 -55.54
N GLU B 453 -9.65 0.62 -55.21
CA GLU B 453 -10.89 -0.17 -55.04
C GLU B 453 -11.93 0.49 -54.12
N LEU B 454 -11.47 1.03 -52.99
CA LEU B 454 -12.36 1.58 -51.95
C LEU B 454 -12.95 2.97 -52.28
N ASP B 455 -12.19 3.75 -53.07
CA ASP B 455 -12.66 5.03 -53.68
C ASP B 455 -12.73 6.12 -52.60
N LEU B 456 -11.68 6.23 -51.79
CA LEU B 456 -11.77 7.01 -50.57
C LEU B 456 -11.61 8.47 -50.84
N ARG B 457 -12.49 9.29 -50.24
CA ARG B 457 -12.43 10.75 -50.44
C ARG B 457 -12.37 11.62 -49.17
N LEU B 458 -11.51 12.64 -49.20
CA LEU B 458 -11.44 13.64 -48.13
C LEU B 458 -12.60 14.66 -48.27
N PRO B 459 -13.29 15.00 -47.15
CA PRO B 459 -14.33 16.04 -47.24
C PRO B 459 -13.69 17.40 -47.39
N ILE B 466 -10.36 34.65 -43.17
CA ILE B 466 -9.86 35.29 -41.95
C ILE B 466 -10.63 36.60 -41.73
N PRO B 467 -11.63 36.62 -40.83
CA PRO B 467 -12.38 37.88 -40.62
C PRO B 467 -11.56 38.91 -39.82
N LYS B 468 -10.78 39.74 -40.54
CA LYS B 468 -9.71 40.59 -39.98
C LYS B 468 -10.05 41.36 -38.68
N GLN B 469 -9.31 41.03 -37.61
CA GLN B 469 -9.53 41.58 -36.27
C GLN B 469 -8.47 42.61 -35.90
N LYS B 470 -8.91 43.66 -35.21
CA LYS B 470 -8.01 44.70 -34.73
C LYS B 470 -7.11 44.19 -33.56
N SER B 471 -5.82 44.47 -33.66
CA SER B 471 -4.87 44.25 -32.56
C SER B 471 -5.34 44.89 -31.25
N LEU B 472 -4.98 44.26 -30.13
CA LEU B 472 -5.38 44.77 -28.82
C LEU B 472 -4.45 45.89 -28.45
N PRO B 473 -4.93 46.87 -27.70
CA PRO B 473 -4.11 47.99 -27.28
C PRO B 473 -3.08 47.66 -26.22
N TRP B 474 -3.23 46.51 -25.57
CA TRP B 474 -2.31 46.10 -24.50
C TRP B 474 -1.33 45.02 -24.94
N TYR B 475 -1.44 44.48 -26.14
CA TYR B 475 -0.58 43.36 -26.52
C TYR B 475 -0.37 43.32 -28.03
N ASP B 476 0.89 43.19 -28.43
CA ASP B 476 1.28 43.11 -29.84
C ASP B 476 1.95 41.80 -30.17
N ARG B 477 1.22 40.90 -30.79
CA ARG B 477 1.74 39.57 -31.05
C ARG B 477 2.71 39.44 -32.22
N ARG B 478 2.91 40.52 -32.96
CA ARG B 478 3.86 40.55 -34.07
C ARG B 478 5.21 40.94 -33.46
N LYS B 479 5.20 42.04 -32.71
CA LYS B 479 6.37 42.52 -31.98
C LYS B 479 6.68 41.78 -30.65
N LYS B 480 5.72 40.99 -30.15
CA LYS B 480 5.87 40.11 -28.97
C LYS B 480 6.15 40.96 -27.75
N GLN B 481 5.26 41.90 -27.52
CA GLN B 481 5.46 43.01 -26.58
C GLN B 481 4.12 43.39 -25.89
N LEU B 482 4.21 43.73 -24.60
CA LEU B 482 3.10 44.22 -23.82
C LEU B 482 3.23 45.71 -23.63
N MET B 483 2.09 46.38 -23.56
CA MET B 483 2.09 47.83 -23.52
C MET B 483 0.92 48.33 -22.73
N SER B 484 1.00 49.61 -22.41
CA SER B 484 -0.15 50.36 -21.91
C SER B 484 -0.52 49.86 -20.53
N ASP B 485 -1.83 49.75 -20.28
CA ASP B 485 -2.40 49.30 -18.98
C ASP B 485 -2.50 47.78 -18.90
N TRP B 486 -1.56 47.05 -19.53
CA TRP B 486 -1.63 45.60 -19.64
C TRP B 486 -1.76 44.86 -18.31
N ALA B 487 -1.18 45.38 -17.24
CA ALA B 487 -1.34 44.79 -15.92
C ALA B 487 -2.75 44.75 -15.41
N ASP B 488 -3.59 45.69 -15.84
CA ASP B 488 -5.00 45.67 -15.44
C ASP B 488 -5.92 45.13 -16.52
N ALA B 489 -5.41 45.02 -17.76
CA ALA B 489 -6.18 44.53 -18.90
C ALA B 489 -6.27 42.98 -19.00
N THR B 490 -5.42 42.27 -18.26
CA THR B 490 -5.32 40.82 -18.39
C THR B 490 -4.95 40.23 -17.09
N ILE B 491 -5.28 38.96 -16.92
CA ILE B 491 -4.80 38.17 -15.77
C ILE B 491 -3.96 37.00 -16.21
N THR B 492 -3.43 37.06 -17.43
CA THR B 492 -2.57 36.02 -17.97
C THR B 492 -1.40 35.70 -17.07
N HIS B 493 -0.91 36.72 -16.39
CA HIS B 493 0.27 36.66 -15.52
C HIS B 493 -0.06 36.51 -14.03
N GLU B 494 -1.33 36.52 -13.67
CA GLU B 494 -1.73 36.56 -12.26
C GLU B 494 -2.31 35.21 -11.95
N HIS B 495 -1.41 34.26 -11.77
CA HIS B 495 -1.81 32.87 -11.66
C HIS B 495 -2.71 32.65 -10.45
N ALA B 496 -2.48 33.38 -9.40
CA ALA B 496 -3.26 33.22 -8.17
C ALA B 496 -4.74 33.50 -8.32
N VAL B 497 -5.12 34.26 -9.36
CA VAL B 497 -6.53 34.55 -9.56
C VAL B 497 -7.15 33.80 -10.71
N ARG B 498 -6.38 32.97 -11.40
CA ARG B 498 -6.87 32.31 -12.59
C ARG B 498 -7.72 31.10 -12.26
N GLU B 499 -8.81 30.98 -12.98
CA GLU B 499 -9.55 29.76 -13.09
C GLU B 499 -9.17 29.16 -14.43
N LEU B 500 -9.12 27.82 -14.45
CA LEU B 500 -8.76 27.02 -15.60
C LEU B 500 -10.01 26.58 -16.34
N PHE B 501 -9.95 26.75 -17.66
CA PHE B 501 -10.97 26.30 -18.58
C PHE B 501 -10.22 25.60 -19.70
N ALA B 502 -10.91 24.73 -20.36
CA ALA B 502 -10.41 24.07 -21.56
C ALA B 502 -9.86 25.07 -22.58
N PRO B 503 -8.76 24.75 -23.29
CA PRO B 503 -8.38 25.67 -24.39
C PRO B 503 -9.52 25.91 -25.37
N CYS B 504 -9.57 27.07 -26.01
CA CYS B 504 -10.77 27.36 -26.80
C CYS B 504 -10.81 26.58 -28.12
N HIS B 505 -12.00 26.22 -28.54
CA HIS B 505 -12.14 25.39 -29.74
C HIS B 505 -13.48 25.74 -30.41
N HIS B 506 -13.61 26.97 -30.88
CA HIS B 506 -14.87 27.48 -31.46
C HIS B 506 -14.41 27.92 -32.81
N ASP B 507 -15.38 28.18 -33.68
CA ASP B 507 -15.08 28.60 -35.05
C ASP B 507 -14.73 30.08 -35.19
N GLY B 508 -15.55 30.94 -34.64
CA GLY B 508 -15.36 32.36 -34.94
C GLY B 508 -14.20 33.02 -34.19
N PRO B 509 -14.24 34.34 -34.05
CA PRO B 509 -13.19 34.98 -33.34
C PRO B 509 -13.27 34.80 -31.81
N CYS B 510 -12.15 35.12 -31.19
CA CYS B 510 -11.95 34.95 -29.74
C CYS B 510 -12.35 36.26 -29.03
N THR B 511 -13.65 36.44 -28.86
CA THR B 511 -14.20 37.59 -28.15
C THR B 511 -15.28 37.12 -27.18
N ALA B 512 -15.69 37.99 -26.27
CA ALA B 512 -16.81 37.71 -25.37
C ALA B 512 -18.17 37.53 -26.08
N ALA B 513 -18.38 38.30 -27.14
CA ALA B 513 -19.55 38.16 -28.03
C ALA B 513 -19.69 36.75 -28.60
N ASN B 514 -18.55 36.14 -28.94
CA ASN B 514 -18.56 34.81 -29.51
C ASN B 514 -18.32 33.70 -28.48
N GLY B 515 -18.53 33.97 -27.19
CA GLY B 515 -18.40 32.97 -26.12
C GLY B 515 -17.01 32.31 -25.92
N CYS B 516 -15.91 32.97 -26.35
CA CYS B 516 -14.60 32.40 -26.19
C CYS B 516 -14.19 32.50 -24.72
N PRO B 517 -13.86 31.37 -24.06
CA PRO B 517 -13.51 31.42 -22.61
C PRO B 517 -12.21 32.13 -22.30
N CYS B 518 -11.24 32.05 -23.19
CA CYS B 518 -10.02 32.85 -23.02
C CYS B 518 -10.32 34.37 -22.87
N ALA B 519 -11.17 34.89 -23.74
CA ALA B 519 -11.56 36.27 -23.74
C ALA B 519 -12.45 36.62 -22.60
N SER B 520 -13.33 35.69 -22.19
CA SER B 520 -14.44 36.08 -21.35
C SER B 520 -14.66 35.35 -20.07
N ALA B 521 -14.08 34.18 -19.90
CA ALA B 521 -14.39 33.37 -18.72
C ALA B 521 -13.90 33.96 -17.40
N GLY B 522 -12.70 34.54 -17.39
CA GLY B 522 -12.20 35.26 -16.18
C GLY B 522 -12.68 36.70 -16.03
N THR B 523 -12.24 37.36 -14.97
CA THR B 523 -12.50 38.79 -14.79
C THR B 523 -11.86 39.68 -15.88
N HIS B 524 -10.80 39.20 -16.53
CA HIS B 524 -10.20 39.88 -17.66
C HIS B 524 -9.80 38.78 -18.65
N PRO B 525 -9.61 39.13 -19.94
CA PRO B 525 -9.16 38.12 -20.87
C PRO B 525 -7.78 37.58 -20.50
N VAL B 526 -7.50 36.35 -20.94
CA VAL B 526 -6.16 35.80 -20.87
C VAL B 526 -5.77 35.52 -22.24
N LEU B 527 -4.48 35.40 -22.47
CA LEU B 527 -4.02 35.05 -23.81
C LEU B 527 -4.46 33.69 -24.22
N CYS B 528 -4.69 33.52 -25.54
CA CYS B 528 -4.88 32.20 -26.13
C CYS B 528 -3.52 31.49 -26.25
N GLU B 529 -3.48 30.19 -25.89
CA GLU B 529 -2.22 29.43 -25.77
C GLU B 529 -2.10 28.37 -26.87
N ARG B 530 -0.99 27.63 -26.87
CA ARG B 530 -0.72 26.63 -27.93
C ARG B 530 -1.82 25.62 -28.22
N PHE B 531 -2.65 25.28 -27.26
CA PHE B 531 -3.72 24.31 -27.52
C PHE B 531 -5.03 24.88 -28.00
N CYS B 532 -5.22 26.19 -27.87
CA CYS B 532 -6.36 26.85 -28.48
C CYS B 532 -6.32 26.64 -30.00
N LEU B 533 -7.46 26.34 -30.60
CA LEU B 533 -7.52 26.01 -32.03
C LEU B 533 -7.31 27.22 -32.98
N CYS B 534 -7.47 28.44 -32.48
CA CYS B 534 -7.14 29.65 -33.25
C CYS B 534 -5.64 29.72 -33.53
N THR B 535 -5.26 30.49 -34.55
CA THR B 535 -3.84 30.69 -34.93
C THR B 535 -3.45 32.12 -34.70
N ALA B 536 -2.15 32.34 -34.71
CA ALA B 536 -1.59 33.65 -34.50
C ALA B 536 -2.02 34.68 -35.55
N GLU B 537 -2.25 34.26 -36.78
CA GLU B 537 -2.60 35.22 -37.84
C GLU B 537 -4.03 35.75 -37.69
N GLU B 538 -4.99 34.89 -37.38
CA GLU B 538 -6.37 35.34 -37.11
C GLU B 538 -6.64 35.91 -35.72
N CYS B 539 -5.91 35.48 -34.68
CA CYS B 539 -6.33 35.80 -33.27
C CYS B 539 -5.45 36.84 -32.54
N PRO B 540 -6.05 37.95 -32.09
CA PRO B 540 -5.25 38.93 -31.38
C PRO B 540 -4.87 38.56 -29.93
N LEU B 541 -5.47 37.51 -29.37
CA LEU B 541 -5.05 36.99 -28.03
C LEU B 541 -3.98 35.89 -28.04
N LYS B 542 -3.61 35.42 -29.23
CA LYS B 542 -2.68 34.34 -29.40
C LYS B 542 -1.31 34.75 -28.95
N PHE B 543 -0.76 33.93 -28.06
CA PHE B 543 0.59 34.11 -27.57
C PHE B 543 1.49 33.56 -28.66
N THR B 544 2.62 34.23 -28.91
CA THR B 544 3.51 33.89 -30.01
C THR B 544 4.98 33.78 -29.62
N GLY B 545 5.27 33.86 -28.33
CA GLY B 545 6.63 33.64 -27.83
C GLY B 545 7.27 34.98 -27.59
N CYS B 546 8.51 34.98 -27.11
CA CYS B 546 9.26 36.25 -26.95
C CYS B 546 10.19 36.53 -28.18
N ALA B 547 10.64 37.76 -28.25
CA ALA B 547 11.45 38.27 -29.38
C ALA B 547 12.94 38.20 -29.07
N CYS B 548 13.28 37.95 -27.81
CA CYS B 548 14.61 38.06 -27.33
C CYS B 548 15.57 37.24 -28.21
N HIS B 549 16.74 37.81 -28.44
CA HIS B 549 17.83 37.18 -29.22
C HIS B 549 19.10 37.90 -28.81
N SER B 550 20.14 37.13 -28.57
CA SER B 550 21.38 37.73 -28.12
C SER B 550 22.48 36.72 -28.32
N SER B 551 23.66 37.23 -28.62
CA SER B 551 24.88 36.47 -28.51
C SER B 551 25.25 36.32 -27.01
N GLY B 552 24.66 37.17 -26.16
CA GLY B 552 24.74 37.04 -24.68
C GLY B 552 23.59 36.27 -23.99
N LYS B 553 23.44 36.54 -22.71
CA LYS B 553 22.37 35.95 -21.91
C LYS B 553 21.11 36.75 -22.20
N THR B 554 19.99 36.07 -22.39
CA THR B 554 18.72 36.76 -22.69
C THR B 554 17.52 36.15 -21.90
N CYS B 555 16.31 36.71 -22.10
CA CYS B 555 15.10 36.37 -21.35
C CYS B 555 15.38 36.47 -19.88
N LEU B 556 15.92 37.59 -19.46
CA LEU B 556 16.37 37.79 -18.10
C LEU B 556 15.34 38.52 -17.28
N GLN B 557 15.35 38.26 -15.98
CA GLN B 557 14.44 38.93 -15.03
C GLN B 557 14.48 40.48 -15.11
N ARG B 558 15.51 41.02 -15.76
CA ARG B 558 15.62 42.44 -16.13
C ARG B 558 16.56 42.54 -17.39
N GLN B 559 16.08 43.12 -18.49
CA GLN B 559 16.86 43.24 -19.74
C GLN B 559 17.34 44.68 -20.01
N GLY B 562 18.09 45.54 -24.38
CA GLY B 562 17.01 46.51 -24.68
C GLY B 562 15.61 46.12 -24.23
N ARG B 563 14.80 45.65 -25.19
CA ARG B 563 13.35 45.36 -24.98
C ARG B 563 13.11 44.16 -24.01
N PRO B 564 12.18 44.29 -23.02
CA PRO B 564 12.05 43.21 -22.04
C PRO B 564 11.40 41.95 -22.60
N CYS B 565 11.64 40.83 -21.92
CA CYS B 565 11.09 39.53 -22.25
C CYS B 565 9.60 39.38 -21.81
N ILE B 566 8.74 39.25 -22.81
CA ILE B 566 7.31 39.12 -22.56
C ILE B 566 7.06 37.88 -21.66
N CYS B 567 7.80 36.80 -21.91
CA CYS B 567 7.72 35.57 -21.09
C CYS B 567 7.95 35.82 -19.59
N VAL B 568 9.03 36.56 -19.30
CA VAL B 568 9.37 36.90 -17.93
C VAL B 568 8.26 37.80 -17.32
N GLN B 569 7.76 38.77 -18.09
CA GLN B 569 6.69 39.64 -17.62
C GLN B 569 5.37 38.95 -17.33
N LEU B 570 5.11 37.88 -18.07
CA LEU B 570 3.89 37.08 -17.92
C LEU B 570 4.00 35.91 -16.90
N ASN B 571 5.17 35.84 -16.24
CA ASN B 571 5.47 34.80 -15.27
C ASN B 571 5.34 33.45 -15.83
N ARG B 572 6.00 33.26 -16.96
CA ARG B 572 6.08 31.98 -17.62
C ARG B 572 7.46 31.76 -18.17
N GLU B 573 7.76 30.49 -18.44
CA GLU B 573 9.06 30.07 -18.96
C GLU B 573 8.89 30.04 -20.45
N CYS B 574 10.01 30.07 -21.17
CA CYS B 574 9.97 30.28 -22.59
C CYS B 574 9.51 28.99 -23.22
N ASP B 575 8.88 29.05 -24.39
CA ASP B 575 8.31 27.83 -25.06
C ASP B 575 9.32 27.34 -26.09
N PRO B 576 9.78 26.08 -25.98
CA PRO B 576 10.83 25.58 -26.89
C PRO B 576 10.52 25.64 -28.41
N THR B 577 9.23 25.72 -28.74
CA THR B 577 8.74 25.89 -30.11
C THR B 577 8.57 27.38 -30.46
N LEU B 578 8.01 28.18 -29.55
CA LEU B 578 7.53 29.53 -29.87
C LEU B 578 8.56 30.62 -29.65
N CYS B 579 9.46 30.41 -28.69
CA CYS B 579 10.52 31.32 -28.44
C CYS B 579 11.72 30.84 -29.31
N LYS B 580 11.70 31.21 -30.59
CA LYS B 580 12.79 30.83 -31.53
C LYS B 580 13.99 31.79 -31.40
N GLY B 581 15.18 31.26 -31.49
CA GLY B 581 16.39 32.09 -31.30
C GLY B 581 16.50 32.91 -30.03
N CYS B 582 16.09 32.37 -28.88
CA CYS B 582 16.60 32.84 -27.60
C CYS B 582 17.61 31.98 -26.88
N GLY B 583 17.86 30.71 -27.12
CA GLY B 583 17.13 29.70 -27.86
C GLY B 583 16.70 28.63 -26.82
N ALA B 584 15.47 28.84 -26.36
CA ALA B 584 14.79 27.93 -25.51
C ALA B 584 14.74 26.53 -26.10
N ARG B 585 14.81 26.39 -27.43
CA ARG B 585 14.82 25.06 -28.07
C ARG B 585 15.86 24.17 -27.42
N GLU B 586 17.10 24.62 -27.37
CA GLU B 586 18.23 23.76 -26.95
C GLU B 586 18.27 23.70 -25.45
N ARG B 587 17.97 24.81 -24.78
CA ARG B 587 18.19 24.99 -23.35
C ARG B 587 17.06 24.45 -22.39
N ALA B 588 15.85 24.24 -22.93
CA ALA B 588 14.76 23.57 -22.22
C ALA B 588 14.78 22.09 -22.47
N ASP B 589 15.79 21.62 -23.20
CA ASP B 589 15.99 20.20 -23.51
C ASP B 589 16.77 19.58 -22.34
N PRO B 590 16.19 18.57 -21.63
CA PRO B 590 16.89 18.05 -20.48
C PRO B 590 18.21 17.40 -20.85
N GLU B 591 18.32 16.82 -22.06
CA GLU B 591 19.61 16.27 -22.50
C GLU B 591 20.76 17.28 -22.51
N ASN B 592 20.48 18.58 -22.51
CA ASN B 592 21.51 19.63 -22.35
C ASN B 592 21.62 20.26 -20.94
N ALA B 593 21.05 19.61 -19.96
CA ALA B 593 20.92 20.23 -18.62
C ALA B 593 22.27 20.70 -18.06
N TYR B 594 23.30 19.89 -18.30
CA TYR B 594 24.63 20.09 -17.72
C TYR B 594 25.66 20.56 -18.73
N ASP B 595 25.20 20.95 -19.91
CA ASP B 595 26.02 21.63 -20.91
C ASP B 595 26.15 23.08 -20.47
N GLU B 596 27.10 23.33 -19.57
CA GLU B 596 27.35 24.66 -18.97
C GLU B 596 27.71 25.75 -19.98
N VAL B 597 28.28 25.36 -21.12
CA VAL B 597 28.70 26.33 -22.15
C VAL B 597 27.46 26.92 -22.85
N LEU B 598 26.55 26.04 -23.25
CA LEU B 598 25.26 26.45 -23.81
C LEU B 598 24.54 27.45 -22.88
N HIS B 599 24.38 27.10 -21.61
CA HIS B 599 23.60 27.94 -20.68
C HIS B 599 24.22 29.26 -20.26
N SER B 600 25.50 29.48 -20.60
CA SER B 600 26.18 30.77 -20.31
C SER B 600 25.69 31.93 -21.20
N THR B 601 25.11 31.58 -22.34
CA THR B 601 24.42 32.52 -23.22
C THR B 601 22.96 32.04 -23.50
N GLY B 602 22.23 32.88 -24.18
CA GLY B 602 20.89 32.54 -24.56
C GLY B 602 19.94 32.56 -23.39
N CYS B 603 18.92 31.73 -23.50
CA CYS B 603 17.74 31.80 -22.65
C CYS B 603 18.05 31.40 -21.21
N GLN B 604 17.76 32.31 -20.29
CA GLN B 604 17.85 32.12 -18.84
C GLN B 604 16.46 31.92 -18.18
N ASN B 605 15.43 31.52 -18.96
CA ASN B 605 14.06 31.44 -18.44
C ASN B 605 13.43 30.09 -18.76
N VAL B 606 14.27 29.04 -18.73
CA VAL B 606 13.81 27.67 -18.89
C VAL B 606 14.31 26.78 -17.75
N ALA B 607 14.48 27.33 -16.57
CA ALA B 607 15.17 26.62 -15.47
C ALA B 607 14.41 25.38 -14.98
N LEU B 608 13.09 25.47 -14.84
CA LEU B 608 12.29 24.33 -14.48
C LEU B 608 12.38 23.21 -15.50
N GLN B 609 12.37 23.59 -16.76
CA GLN B 609 12.42 22.60 -17.88
C GLN B 609 13.81 21.98 -17.96
N ARG B 610 14.83 22.82 -17.86
CA ARG B 610 16.24 22.41 -17.83
C ARG B 610 16.50 21.40 -16.75
N GLY B 611 16.02 21.70 -15.54
CA GLY B 611 15.91 20.75 -14.47
C GLY B 611 17.14 20.56 -13.60
N ALA B 612 18.12 21.43 -13.78
CA ALA B 612 19.39 21.37 -13.08
C ALA B 612 19.28 22.12 -11.76
N ALA B 613 18.88 21.42 -10.71
CA ALA B 613 18.87 22.05 -9.40
C ALA B 613 20.30 22.21 -8.85
N LYS B 614 20.45 23.19 -7.98
CA LYS B 614 21.65 23.29 -7.18
C LYS B 614 21.81 22.15 -6.20
N ALA B 615 23.07 21.87 -5.87
CA ALA B 615 23.45 20.83 -4.95
C ALA B 615 23.00 21.22 -3.54
N VAL B 616 22.24 20.34 -2.89
CA VAL B 616 21.76 20.64 -1.54
C VAL B 616 21.94 19.42 -0.63
N VAL B 617 21.81 19.63 0.68
CA VAL B 617 21.99 18.55 1.60
C VAL B 617 21.05 18.68 2.76
N LEU B 618 20.38 17.56 3.09
CA LEU B 618 19.47 17.50 4.25
C LEU B 618 20.31 17.64 5.52
N GLY B 619 19.84 18.38 6.51
CA GLY B 619 20.46 18.36 7.81
C GLY B 619 19.43 18.69 8.87
N LYS B 620 19.89 18.81 10.10
CA LYS B 620 19.09 19.30 11.20
C LYS B 620 19.11 20.83 11.20
N SER B 621 17.94 21.43 11.27
CA SER B 621 17.79 22.88 11.20
C SER B 621 18.48 23.56 12.37
N GLN B 622 18.99 24.77 12.10
CA GLN B 622 19.50 25.68 13.15
C GLN B 622 18.38 26.28 13.96
N LEU B 623 17.17 26.37 13.43
CA LEU B 623 16.06 26.82 14.26
C LEU B 623 15.80 25.82 15.40
N GLU B 624 15.64 26.36 16.62
CA GLU B 624 15.46 25.55 17.85
C GLU B 624 14.24 24.57 17.74
N ALA B 625 14.50 23.28 17.97
CA ALA B 625 13.48 22.24 17.96
C ALA B 625 12.63 22.26 16.65
N CYS B 626 13.28 22.40 15.49
CA CYS B 626 12.60 22.64 14.21
C CYS B 626 12.92 21.53 13.21
N GLY B 627 13.22 20.33 13.72
CA GLY B 627 13.36 19.19 12.86
C GLY B 627 14.43 19.31 11.80
N TYR B 628 14.12 18.86 10.59
CA TYR B 628 15.02 18.95 9.45
C TYR B 628 14.99 20.36 8.83
N GLY B 629 16.06 20.67 8.08
CA GLY B 629 16.19 21.83 7.25
C GLY B 629 17.06 21.50 6.07
N LEU B 630 17.06 22.34 5.05
CA LEU B 630 17.81 22.07 3.84
C LEU B 630 18.99 23.07 3.76
N PHE B 631 20.16 22.57 3.36
CA PHE B 631 21.43 23.32 3.36
C PHE B 631 22.04 23.31 1.96
N ALA B 632 22.61 24.43 1.57
CA ALA B 632 23.31 24.51 0.28
C ALA B 632 24.57 23.67 0.31
N ALA B 633 24.89 23.02 -0.78
CA ALA B 633 26.11 22.22 -0.86
C ALA B 633 27.04 22.72 -1.96
N GLU B 634 26.76 23.89 -2.52
CA GLU B 634 27.71 24.64 -3.34
C GLU B 634 27.30 26.09 -3.12
N ASP B 635 28.11 27.02 -3.60
CA ASP B 635 27.77 28.44 -3.51
C ASP B 635 26.74 28.71 -4.58
N ILE B 636 25.81 29.56 -4.21
CA ILE B 636 24.70 29.91 -5.08
C ILE B 636 24.75 31.44 -5.21
N GLU B 637 24.79 31.95 -6.45
CA GLU B 637 24.71 33.43 -6.68
C GLU B 637 23.25 33.95 -6.66
N GLU B 638 23.05 35.16 -6.13
CA GLU B 638 21.79 35.90 -6.27
C GLU B 638 21.26 35.72 -7.69
N GLY B 639 19.95 35.45 -7.81
CA GLY B 639 19.30 35.28 -9.14
C GLY B 639 19.25 33.89 -9.75
N GLU B 640 20.03 32.97 -9.21
CA GLU B 640 20.07 31.57 -9.70
C GLU B 640 18.86 30.76 -9.24
N PHE B 641 18.44 29.88 -10.13
CA PHE B 641 17.47 28.84 -9.82
C PHE B 641 18.05 27.86 -8.80
N VAL B 642 17.32 27.62 -7.71
CA VAL B 642 17.80 26.67 -6.66
C VAL B 642 17.23 25.24 -6.84
N ILE B 643 15.90 25.16 -6.83
CA ILE B 643 15.14 23.92 -6.69
C ILE B 643 13.65 24.19 -6.97
N GLU B 644 12.93 23.14 -7.38
CA GLU B 644 11.47 23.19 -7.61
C GLU B 644 10.76 22.61 -6.42
N TYR B 645 9.64 23.17 -5.99
CA TYR B 645 8.80 22.48 -4.96
C TYR B 645 7.88 21.48 -5.64
N THR B 646 8.22 20.18 -5.56
CA THR B 646 7.34 19.14 -6.10
C THR B 646 6.52 18.46 -5.00
N GLY B 647 5.50 17.74 -5.44
CA GLY B 647 4.56 17.07 -4.57
C GLY B 647 3.33 16.54 -5.30
N GLU B 648 2.38 16.03 -4.52
CA GLU B 648 1.12 15.60 -4.98
C GLU B 648 0.19 16.81 -5.22
N LEU B 649 -0.46 16.82 -6.37
CA LEU B 649 -1.43 17.82 -6.75
C LEU B 649 -2.79 17.39 -6.21
N ILE B 650 -3.36 18.20 -5.35
CA ILE B 650 -4.58 17.87 -4.62
C ILE B 650 -5.48 19.10 -4.61
N SER B 651 -6.76 18.88 -4.40
CA SER B 651 -7.70 20.01 -4.24
C SER B 651 -7.63 20.56 -2.84
N HIS B 652 -8.20 21.74 -2.66
CA HIS B 652 -8.29 22.40 -1.37
C HIS B 652 -8.96 21.46 -0.39
N ASP B 653 -10.06 20.88 -0.81
CA ASP B 653 -10.77 19.96 0.03
C ASP B 653 -10.05 18.69 0.44
N GLU B 654 -9.28 18.12 -0.48
CA GLU B 654 -8.45 16.95 -0.15
C GLU B 654 -7.41 17.39 0.87
N GLY B 655 -6.87 18.60 0.72
CA GLY B 655 -5.92 19.12 1.69
C GLY B 655 -6.49 19.26 3.11
N VAL B 656 -7.72 19.75 3.20
CA VAL B 656 -8.44 19.81 4.47
C VAL B 656 -8.62 18.41 5.02
N ARG B 657 -9.16 17.47 4.24
CA ARG B 657 -9.26 16.07 4.74
C ARG B 657 -7.91 15.53 5.26
N ARG B 658 -6.85 15.68 4.44
CA ARG B 658 -5.52 15.19 4.82
C ARG B 658 -4.99 15.82 6.08
N GLU B 659 -5.06 17.14 6.17
CA GLU B 659 -4.49 17.87 7.28
C GLU B 659 -5.21 17.49 8.60
N HIS B 660 -6.52 17.22 8.51
CA HIS B 660 -7.33 16.89 9.68
C HIS B 660 -7.15 15.44 10.11
N ARG B 661 -7.06 14.49 9.16
CA ARG B 661 -6.71 13.10 9.45
C ARG B 661 -5.35 12.96 10.15
N ARG B 662 -4.37 13.76 9.75
CA ARG B 662 -3.01 13.69 10.30
C ARG B 662 -2.81 14.54 11.57
N GLY B 663 -3.84 15.26 12.04
CA GLY B 663 -3.66 16.20 13.15
C GLY B 663 -3.69 15.51 14.50
N ASP B 664 -3.51 16.31 15.55
CA ASP B 664 -3.63 15.84 16.93
C ASP B 664 -4.35 16.90 17.80
N VAL B 665 -5.63 16.67 18.11
CA VAL B 665 -6.41 17.60 18.96
C VAL B 665 -5.89 17.79 20.40
N PHE B 666 -5.01 16.90 20.86
CA PHE B 666 -4.29 17.06 22.13
C PHE B 666 -2.89 17.72 22.01
N ASP B 667 -2.36 17.85 20.78
CA ASP B 667 -1.10 18.54 20.54
C ASP B 667 -1.00 19.14 19.13
N LYS B 671 0.99 20.17 13.61
CA LYS B 671 2.08 21.15 13.64
C LYS B 671 2.99 21.17 12.37
N VAL B 672 3.46 20.00 11.89
CA VAL B 672 4.22 19.92 10.61
C VAL B 672 3.28 19.76 9.37
N SER B 673 3.45 20.66 8.38
CA SER B 673 2.65 20.68 7.12
C SER B 673 3.59 20.86 5.91
N TYR B 674 3.28 20.20 4.83
CA TYR B 674 4.08 20.33 3.61
C TYR B 674 3.24 20.78 2.44
N LEU B 675 2.18 21.54 2.72
CA LEU B 675 1.31 22.10 1.70
C LEU B 675 1.88 23.39 1.12
N PHE B 676 1.67 23.51 -0.20
CA PHE B 676 1.96 24.73 -0.96
C PHE B 676 0.77 25.04 -1.89
N THR B 677 0.18 26.23 -1.75
CA THR B 677 -0.82 26.71 -2.71
C THR B 677 -0.17 26.96 -4.03
N LEU B 678 -0.62 26.30 -5.09
CA LEU B 678 -0.15 26.42 -6.47
C LEU B 678 -1.05 27.40 -7.23
N LEU B 679 -2.35 27.13 -7.20
CA LEU B 679 -3.36 28.00 -7.89
C LEU B 679 -4.49 28.27 -6.94
N GLU B 680 -4.36 29.37 -6.22
CA GLU B 680 -5.29 29.75 -5.15
C GLU B 680 -6.77 29.69 -5.50
N GLN B 681 -7.12 30.36 -6.59
CA GLN B 681 -8.47 30.56 -7.01
C GLN B 681 -9.01 29.29 -7.59
N GLU B 682 -8.21 28.60 -8.39
CA GLU B 682 -8.61 27.31 -8.91
C GLU B 682 -8.74 26.26 -7.78
N GLY B 683 -8.00 26.42 -6.70
CA GLY B 683 -7.98 25.42 -5.61
C GLY B 683 -7.00 24.24 -5.81
N ILE B 684 -5.81 24.50 -6.34
CA ILE B 684 -4.82 23.42 -6.52
C ILE B 684 -3.68 23.67 -5.57
N TRP B 685 -3.37 22.63 -4.78
CA TRP B 685 -2.33 22.64 -3.75
C TRP B 685 -1.39 21.53 -4.09
N VAL B 686 -0.15 21.66 -3.63
CA VAL B 686 0.88 20.66 -3.82
C VAL B 686 1.21 20.13 -2.39
N ASP B 687 1.07 18.83 -2.16
CA ASP B 687 1.38 18.19 -0.87
C ASP B 687 2.62 17.33 -0.98
N ALA B 688 3.68 17.68 -0.26
CA ALA B 688 4.96 16.93 -0.24
C ALA B 688 5.20 16.06 1.03
N ALA B 689 4.10 15.74 1.73
CA ALA B 689 4.14 14.92 2.92
C ALA B 689 4.75 13.59 2.66
N ILE B 690 4.52 13.04 1.45
CA ILE B 690 5.08 11.74 1.07
C ILE B 690 5.98 11.80 -0.13
N TYR B 691 5.43 12.32 -1.23
CA TYR B 691 6.15 12.48 -2.46
C TYR B 691 6.46 13.98 -2.70
N GLY B 692 7.69 14.24 -3.13
CA GLY B 692 8.23 15.58 -3.28
C GLY B 692 9.72 15.55 -3.59
N ASN B 693 10.43 16.56 -3.07
CA ASN B 693 11.89 16.52 -3.08
C ASN B 693 12.43 17.18 -1.86
N LEU B 694 13.73 17.42 -1.78
CA LEU B 694 14.34 18.00 -0.58
C LEU B 694 13.87 19.44 -0.23
N SER B 695 13.16 20.09 -1.15
CA SER B 695 12.61 21.42 -0.88
C SER B 695 11.51 21.38 0.17
N ARG B 696 10.91 20.22 0.44
CA ARG B 696 9.87 20.13 1.49
C ARG B 696 10.42 20.40 2.87
N TYR B 697 11.74 20.26 3.01
CA TYR B 697 12.44 20.57 4.29
C TYR B 697 12.97 22.00 4.46
N ILE B 698 12.71 22.90 3.51
CA ILE B 698 13.17 24.31 3.67
C ILE B 698 12.27 24.94 4.69
N ASN B 699 12.85 25.45 5.76
CA ASN B 699 12.15 26.10 6.82
C ASN B 699 11.80 27.56 6.55
N HIS B 700 10.87 28.08 7.34
CA HIS B 700 10.44 29.46 7.27
C HIS B 700 11.35 30.47 7.97
N ALA B 701 11.58 31.61 7.31
CA ALA B 701 12.13 32.84 7.90
C ALA B 701 11.57 33.98 7.05
N THR B 702 11.05 35.02 7.71
CA THR B 702 10.48 36.18 6.99
C THR B 702 11.53 36.86 6.13
N ASP B 703 12.76 36.88 6.62
CA ASP B 703 13.90 37.40 5.88
C ASP B 703 14.71 36.23 5.32
N GLY B 704 14.29 35.70 4.17
CA GLY B 704 14.83 34.45 3.66
C GLY B 704 15.96 34.76 2.72
N ASN B 705 16.65 33.73 2.26
CA ASN B 705 17.65 33.82 1.22
C ASN B 705 17.26 33.21 -0.12
N ILE B 706 16.05 32.63 -0.19
CA ILE B 706 15.45 32.21 -1.46
C ILE B 706 14.01 32.68 -1.52
N MET B 707 13.45 32.63 -2.74
CA MET B 707 12.10 33.17 -3.06
C MET B 707 11.32 32.24 -3.98
N PRO B 708 10.12 31.75 -3.55
CA PRO B 708 9.31 30.98 -4.45
C PRO B 708 8.54 31.83 -5.43
N LYS B 709 8.17 31.25 -6.56
CA LYS B 709 7.35 31.95 -7.56
C LYS B 709 6.60 30.92 -8.37
N ILE B 710 5.33 31.18 -8.65
CA ILE B 710 4.54 30.29 -9.52
C ILE B 710 4.80 30.68 -10.97
N MET B 711 5.18 29.70 -11.79
CA MET B 711 5.43 29.88 -13.18
C MET B 711 4.54 29.03 -14.07
N TYR B 712 4.13 29.61 -15.20
CA TYR B 712 3.48 28.85 -16.25
C TYR B 712 4.60 28.27 -17.11
N VAL B 713 4.58 26.94 -17.27
CA VAL B 713 5.59 26.22 -18.03
C VAL B 713 4.89 25.23 -18.90
N ASN B 714 4.65 25.61 -20.16
CA ASN B 714 4.07 24.74 -21.16
C ASN B 714 2.72 24.16 -20.73
N HIS B 715 1.93 24.99 -20.10
CA HIS B 715 0.60 24.65 -19.65
C HIS B 715 0.57 23.72 -18.40
N GLU B 716 1.66 23.74 -17.62
CA GLU B 716 1.71 23.20 -16.28
C GLU B 716 2.04 24.41 -15.44
N TRP B 717 1.47 24.52 -14.24
CA TRP B 717 1.87 25.52 -13.26
C TRP B 717 2.81 24.86 -12.23
N ARG B 718 3.89 25.54 -11.94
CA ARG B 718 5.02 24.97 -11.16
C ARG B 718 5.65 25.98 -10.25
N ILE B 719 6.28 25.50 -9.17
CA ILE B 719 6.86 26.38 -8.15
C ILE B 719 8.35 26.33 -8.26
N LYS B 720 8.99 27.47 -8.50
CA LYS B 720 10.44 27.53 -8.55
C LYS B 720 10.94 28.37 -7.42
N PHE B 721 12.17 28.10 -6.98
CA PHE B 721 12.84 28.90 -5.93
C PHE B 721 14.09 29.49 -6.56
N THR B 722 14.26 30.79 -6.26
CA THR B 722 15.35 31.59 -6.83
C THR B 722 16.07 32.21 -5.65
N ALA B 723 17.39 32.23 -5.70
CA ALA B 723 18.18 32.85 -4.64
C ALA B 723 18.00 34.37 -4.63
N ILE B 724 17.73 34.95 -3.46
CA ILE B 724 17.63 36.40 -3.27
C ILE B 724 18.79 37.06 -2.50
N LYS B 725 19.85 36.29 -2.27
CA LYS B 725 21.15 36.74 -1.69
C LYS B 725 22.15 35.75 -2.26
N ASP B 726 23.42 36.08 -2.17
CA ASP B 726 24.48 35.12 -2.39
C ASP B 726 24.43 34.17 -1.18
N ILE B 727 24.46 32.86 -1.43
CA ILE B 727 24.39 31.84 -0.36
C ILE B 727 25.63 30.98 -0.52
N LYS B 728 26.29 30.72 0.62
CA LYS B 728 27.55 29.96 0.69
C LYS B 728 27.29 28.50 1.08
N ALA B 729 28.01 27.58 0.43
CA ALA B 729 27.98 26.16 0.77
C ALA B 729 27.97 25.97 2.25
N GLY B 730 26.98 25.25 2.79
CA GLY B 730 26.84 24.97 4.22
C GLY B 730 25.80 25.81 4.88
N GLU B 731 25.38 26.88 4.21
CA GLU B 731 24.35 27.74 4.79
C GLU B 731 22.98 27.11 4.63
N GLU B 732 22.12 27.33 5.62
CA GLU B 732 20.78 26.81 5.61
C GLU B 732 19.88 27.68 4.68
N LEU B 733 19.00 27.04 3.90
CA LEU B 733 18.05 27.75 3.03
C LEU B 733 16.79 28.03 3.80
N PHE B 734 16.26 29.24 3.58
CA PHE B 734 15.03 29.71 4.18
C PHE B 734 14.21 30.55 3.18
N PHE B 735 12.88 30.53 3.35
CA PHE B 735 12.01 31.42 2.59
C PHE B 735 10.80 31.84 3.44
N ASN B 736 10.23 32.94 3.04
CA ASN B 736 9.04 33.46 3.70
C ASN B 736 7.84 32.66 3.16
N TYR B 737 7.32 31.79 4.02
CA TYR B 737 6.13 30.98 3.78
C TYR B 737 4.90 31.85 3.45
N GLY B 738 4.90 33.13 3.86
CA GLY B 738 3.80 34.02 3.54
C GLY B 738 2.75 34.14 4.64
N ASP B 739 1.57 34.62 4.24
CA ASP B 739 0.56 35.17 5.16
C ASP B 739 -0.38 34.12 5.74
N ASN B 740 -0.43 32.95 5.12
CA ASN B 740 -1.41 31.95 5.45
C ASN B 740 -0.77 30.78 6.16
N PHE B 741 0.18 31.07 7.03
CA PHE B 741 0.83 30.06 7.84
C PHE B 741 1.26 30.80 9.12
N PRO B 742 0.47 30.70 10.22
CA PRO B 742 0.59 31.70 11.30
C PRO B 742 1.73 31.53 12.35
N ASN B 743 1.71 30.48 13.17
CA ASN B 743 2.62 30.33 14.35
C ASN B 743 4.08 29.93 14.04
N LEU B 744 4.77 30.68 13.17
CA LEU B 744 6.11 30.35 12.73
C LEU B 744 7.12 31.29 13.41
N THR B 745 7.25 31.17 14.73
CA THR B 745 7.96 32.19 15.53
C THR B 745 9.51 31.99 15.63
N LYS B 746 10.07 30.82 15.26
CA LYS B 746 11.51 30.54 15.47
C LYS B 746 12.38 31.35 14.52
N LYS B 747 13.50 31.88 15.01
CA LYS B 747 14.37 32.80 14.24
C LYS B 747 15.87 32.48 14.39
N LEU B 748 16.70 33.10 13.54
CA LEU B 748 18.20 33.02 13.57
C LEU B 748 18.67 31.69 12.96
N PRO B 796 34.10 18.21 -8.18
CA PRO B 796 33.55 17.11 -7.37
C PRO B 796 32.73 17.65 -6.17
N LEU B 797 31.46 17.29 -6.07
CA LEU B 797 30.57 17.87 -5.03
C LEU B 797 30.73 17.16 -3.71
N LEU B 798 30.94 17.94 -2.67
CA LEU B 798 31.33 17.42 -1.37
C LEU B 798 30.32 17.82 -0.31
N VAL B 799 30.27 17.05 0.78
CA VAL B 799 29.42 17.41 1.87
C VAL B 799 30.07 18.68 2.44
N PRO B 800 29.30 19.75 2.67
CA PRO B 800 29.86 21.02 3.18
C PRO B 800 30.15 21.10 4.66
N LYS B 801 30.97 22.08 5.04
CA LYS B 801 31.31 22.28 6.44
C LYS B 801 30.15 22.99 7.11
N THR B 802 29.64 22.45 8.18
CA THR B 802 28.62 23.13 9.00
C THR B 802 28.63 22.54 10.41
N THR B 803 28.19 23.31 11.38
CA THR B 803 28.04 22.79 12.73
C THR B 803 26.92 21.77 12.82
N GLN B 804 25.96 21.82 11.88
CA GLN B 804 24.77 21.01 11.97
C GLN B 804 25.00 19.55 11.51
N PRO B 805 24.40 18.58 12.22
CA PRO B 805 24.26 17.22 11.64
C PRO B 805 23.60 17.28 10.22
N LEU B 806 24.23 16.62 9.25
CA LEU B 806 23.74 16.46 7.89
C LEU B 806 23.35 15.01 7.70
N PHE B 807 22.33 14.72 6.89
CA PHE B 807 21.86 13.36 6.70
C PHE B 807 21.76 12.92 5.27
N ASP B 808 21.97 11.65 5.00
CA ASP B 808 21.56 11.08 3.74
C ASP B 808 20.00 11.02 3.77
N PRO B 809 19.34 11.51 2.72
CA PRO B 809 17.84 11.50 2.74
C PRO B 809 17.11 10.13 2.86
N LEU B 810 17.70 9.04 2.40
CA LEU B 810 17.09 7.71 2.47
C LEU B 810 17.52 6.84 3.63
N SER B 811 18.82 6.69 3.80
CA SER B 811 19.39 5.91 4.93
C SER B 811 19.29 6.64 6.27
N LYS B 812 19.22 7.96 6.24
CA LYS B 812 19.23 8.80 7.42
C LYS B 812 20.49 8.67 8.27
N VAL B 813 21.52 8.15 7.64
CA VAL B 813 22.86 8.05 8.22
C VAL B 813 23.43 9.49 8.22
N GLN B 814 24.26 9.81 9.17
CA GLN B 814 24.98 11.11 9.11
C GLN B 814 26.12 11.16 8.14
N LEU B 815 26.32 12.35 7.58
CA LEU B 815 27.38 12.64 6.60
C LEU B 815 28.58 13.38 7.25
N LEU B 816 29.78 13.08 6.73
CA LEU B 816 31.03 13.75 7.13
C LEU B 816 31.48 14.84 6.13
N PRO B 817 31.47 16.13 6.55
CA PRO B 817 32.01 17.17 5.67
C PRO B 817 33.33 16.80 5.01
N GLY B 818 33.50 17.11 3.74
CA GLY B 818 34.67 16.65 3.01
C GLY B 818 34.54 15.37 2.22
N GLN B 819 33.62 14.48 2.62
CA GLN B 819 33.26 13.32 1.77
C GLN B 819 32.37 13.67 0.55
N PRO B 820 32.31 12.76 -0.50
CA PRO B 820 31.40 12.99 -1.63
C PRO B 820 29.94 13.21 -1.19
N LEU B 821 29.30 14.23 -1.76
CA LEU B 821 27.87 14.47 -1.58
C LEU B 821 27.06 13.30 -2.14
N PRO B 822 26.20 12.68 -1.31
CA PRO B 822 25.27 11.71 -1.89
C PRO B 822 24.21 12.42 -2.82
N GLN B 823 24.07 11.85 -4.01
CA GLN B 823 23.01 12.23 -4.94
C GLN B 823 22.51 10.95 -5.60
N HIS B 824 21.28 10.58 -5.24
CA HIS B 824 20.73 9.32 -5.67
C HIS B 824 19.83 9.65 -6.83
N PRO B 825 20.00 8.96 -7.98
CA PRO B 825 19.05 9.14 -9.07
C PRO B 825 17.64 8.75 -8.63
N ILE B 826 16.67 9.44 -9.21
CA ILE B 826 15.27 9.30 -8.87
C ILE B 826 14.85 7.97 -9.38
N ASP B 827 14.16 7.21 -8.54
CA ASP B 827 13.53 5.97 -8.99
C ASP B 827 12.03 6.13 -9.22
N ASP B 828 11.60 6.10 -10.49
CA ASP B 828 10.17 6.23 -10.83
C ASP B 828 9.47 4.93 -11.29
N SER B 829 10.14 3.79 -11.17
CA SER B 829 9.51 2.54 -11.58
C SER B 829 8.18 2.25 -10.81
N TRP B 830 8.07 2.67 -9.55
CA TRP B 830 6.81 2.54 -8.81
C TRP B 830 5.67 3.35 -9.41
N LEU B 831 6.03 4.52 -9.90
CA LEU B 831 5.15 5.43 -10.56
C LEU B 831 4.76 4.95 -11.94
N LEU B 832 5.68 4.40 -12.71
CA LEU B 832 5.29 3.79 -13.98
C LEU B 832 4.37 2.61 -13.76
N LEU B 833 4.55 1.90 -12.68
CA LEU B 833 3.75 0.75 -12.43
C LEU B 833 2.32 1.17 -12.17
N LYS B 834 2.13 2.28 -11.45
CA LYS B 834 0.80 2.77 -11.09
C LYS B 834 0.06 3.15 -12.38
N HIS B 835 0.72 3.87 -13.28
CA HIS B 835 0.10 4.27 -14.54
C HIS B 835 -0.23 3.11 -15.43
N ARG B 836 0.66 2.11 -15.50
CA ARG B 836 0.32 0.85 -16.23
C ARG B 836 -0.93 0.18 -15.65
N ASP B 837 -0.93 0.02 -14.35
CA ASP B 837 -2.06 -0.61 -13.67
C ASP B 837 -3.35 0.18 -13.81
N ASN B 838 -3.28 1.52 -13.78
CA ASN B 838 -4.51 2.30 -14.00
C ASN B 838 -5.15 1.89 -15.35
N LEU B 839 -4.34 1.76 -16.40
CA LEU B 839 -4.83 1.40 -17.73
C LEU B 839 -5.43 0.00 -17.72
N GLN B 840 -4.71 -0.92 -17.12
CA GLN B 840 -5.19 -2.29 -16.94
C GLN B 840 -6.55 -2.41 -16.30
N ASP B 841 -6.96 -1.48 -15.45
CA ASP B 841 -8.24 -1.61 -14.75
C ASP B 841 -9.40 -0.94 -15.46
N PHE B 842 -9.18 -0.27 -16.57
CA PHE B 842 -10.31 0.26 -17.34
C PHE B 842 -11.14 -0.83 -18.00
N ILE B 843 -12.42 -0.86 -17.69
CA ILE B 843 -13.35 -1.73 -18.40
C ILE B 843 -13.46 -1.30 -19.85
N ASP B 844 -13.42 0.02 -20.08
CA ASP B 844 -13.66 0.61 -21.40
C ASP B 844 -12.60 0.29 -22.43
N LEU B 845 -11.41 -0.15 -22.02
CA LEU B 845 -10.37 -0.42 -23.01
C LEU B 845 -10.36 -1.89 -23.38
N ARG B 846 -10.01 -2.18 -24.62
CA ARG B 846 -9.90 -3.57 -25.05
C ARG B 846 -8.45 -4.03 -24.86
N PRO B 847 -8.25 -5.31 -24.46
CA PRO B 847 -6.92 -5.86 -24.14
C PRO B 847 -5.85 -5.52 -25.13
N GLU B 848 -6.20 -5.45 -26.40
CA GLU B 848 -5.24 -5.13 -27.46
C GLU B 848 -4.81 -3.65 -27.37
N GLU B 849 -5.73 -2.79 -26.96
CA GLU B 849 -5.45 -1.37 -26.72
C GLU B 849 -4.61 -1.20 -25.44
N LYS B 850 -5.09 -1.75 -24.31
CA LYS B 850 -4.27 -1.81 -23.06
C LYS B 850 -2.81 -2.14 -23.34
N GLU B 851 -2.58 -3.21 -24.10
CA GLU B 851 -1.23 -3.69 -24.38
C GLU B 851 -0.40 -2.60 -25.08
N PHE B 852 -0.96 -2.01 -26.13
CA PHE B 852 -0.16 -1.01 -26.85
C PHE B 852 0.07 0.23 -26.00
N LEU B 853 -1.00 0.72 -25.39
CA LEU B 853 -0.99 1.98 -24.64
C LEU B 853 -0.03 1.91 -23.48
N GLN B 854 -0.09 0.79 -22.76
CA GLN B 854 0.84 0.49 -21.68
C GLN B 854 2.29 0.59 -22.13
N GLU B 855 2.59 -0.02 -23.26
CA GLU B 855 3.97 -0.02 -23.78
C GLU B 855 4.41 1.37 -24.18
N TRP B 856 3.57 2.08 -24.96
CA TRP B 856 3.87 3.49 -25.32
C TRP B 856 4.11 4.38 -24.06
N ASP B 857 3.17 4.31 -23.10
CA ASP B 857 3.28 5.10 -21.87
C ASP B 857 4.49 4.77 -21.00
N ALA B 858 4.81 3.49 -20.85
CA ALA B 858 5.98 3.17 -20.08
C ALA B 858 7.16 3.87 -20.67
N PHE B 859 7.27 3.88 -21.99
CA PHE B 859 8.36 4.58 -22.67
C PHE B 859 8.24 6.10 -22.56
N ILE B 860 7.09 6.67 -22.90
CA ILE B 860 7.00 8.13 -22.97
C ILE B 860 6.94 8.82 -21.59
N LEU B 861 6.34 8.20 -20.57
CA LEU B 861 6.32 8.81 -19.21
C LEU B 861 7.72 9.07 -18.64
N ARG B 862 8.64 8.17 -18.91
CA ARG B 862 10.05 8.29 -18.56
C ARG B 862 10.73 9.54 -19.09
N ARG B 863 10.21 10.12 -20.18
CA ARG B 863 10.85 11.27 -20.80
C ARG B 863 10.37 12.59 -20.25
N HIS B 864 9.32 12.58 -19.44
CA HIS B 864 8.87 13.81 -18.77
C HIS B 864 8.67 14.97 -19.76
N ILE B 865 7.91 14.69 -20.81
CA ILE B 865 7.73 15.65 -21.89
C ILE B 865 6.65 16.67 -21.51
N SER B 866 6.95 17.95 -21.71
CA SER B 866 5.88 18.98 -21.68
C SER B 866 5.81 19.84 -22.96
N SER B 867 6.70 19.59 -23.91
CA SER B 867 6.70 20.31 -25.16
C SER B 867 6.70 19.41 -26.38
N GLU B 868 5.82 19.70 -27.33
CA GLU B 868 5.81 18.99 -28.63
C GLU B 868 7.15 18.99 -29.35
N GLN B 869 7.97 20.00 -29.12
CA GLN B 869 9.28 20.08 -29.72
C GLN B 869 10.09 18.82 -29.66
N TYR B 870 10.03 18.09 -28.53
CA TYR B 870 10.87 16.92 -28.37
C TYR B 870 10.15 15.65 -28.70
N LEU B 871 8.86 15.69 -29.01
CA LEU B 871 8.14 14.46 -29.35
C LEU B 871 8.73 13.61 -30.53
N PRO B 872 9.11 14.24 -31.67
CA PRO B 872 9.64 13.51 -32.84
C PRO B 872 10.89 12.66 -32.55
N ARG B 873 11.84 13.26 -31.84
CA ARG B 873 12.97 12.52 -31.33
C ARG B 873 12.57 11.28 -30.49
N TYR B 874 11.63 11.42 -29.55
CA TYR B 874 11.22 10.27 -28.71
C TYR B 874 10.35 9.27 -29.43
N PHE B 875 9.52 9.76 -30.33
CA PHE B 875 8.76 8.86 -31.20
C PHE B 875 9.70 7.96 -32.00
N LEU B 876 10.69 8.54 -32.68
CA LEU B 876 11.65 7.74 -33.45
C LEU B 876 12.35 6.71 -32.57
N ARG B 877 12.93 7.15 -31.46
CA ARG B 877 13.48 6.19 -30.48
C ARG B 877 12.45 5.09 -30.08
N PHE B 878 11.18 5.43 -29.89
CA PHE B 878 10.19 4.37 -29.56
C PHE B 878 10.07 3.33 -30.67
N VAL B 879 9.94 3.81 -31.89
CA VAL B 879 9.83 2.94 -33.10
C VAL B 879 11.09 2.07 -33.32
N ARG B 880 12.28 2.65 -33.14
CA ARG B 880 13.54 1.90 -33.22
C ARG B 880 13.66 0.80 -32.16
N GLU B 881 13.27 1.12 -30.93
CA GLU B 881 13.36 0.16 -29.84
C GLU B 881 12.29 -0.89 -29.91
N LYS B 882 11.09 -0.52 -30.32
CA LYS B 882 9.97 -1.45 -30.29
C LYS B 882 9.66 -2.03 -31.66
N ALA B 883 10.55 -1.73 -32.61
CA ALA B 883 10.49 -2.27 -33.98
C ALA B 883 10.02 -3.73 -34.01
N ASP B 884 10.77 -4.56 -33.29
CA ASP B 884 10.56 -6.01 -33.28
C ASP B 884 9.24 -6.39 -32.56
N TRP B 885 9.06 -5.83 -31.36
CA TRP B 885 7.82 -5.97 -30.57
C TRP B 885 6.57 -5.62 -31.41
N LEU B 886 6.65 -4.50 -32.13
CA LEU B 886 5.52 -3.98 -32.93
C LEU B 886 5.13 -4.85 -34.12
N VAL B 887 6.12 -5.20 -34.93
CA VAL B 887 5.88 -6.12 -36.08
C VAL B 887 5.43 -7.55 -35.65
N SER B 888 5.83 -8.02 -34.47
CA SER B 888 5.55 -9.40 -34.06
C SER B 888 4.13 -9.82 -33.84
N LYS B 889 3.20 -8.87 -33.76
CA LYS B 889 1.78 -9.20 -33.56
C LYS B 889 1.00 -8.12 -34.30
N ARG B 890 -0.09 -8.55 -34.93
CA ARG B 890 -0.77 -7.72 -35.92
C ARG B 890 -1.48 -6.56 -35.19
N SER B 891 -2.09 -6.86 -34.03
CA SER B 891 -2.85 -5.88 -33.24
C SER B 891 -1.96 -4.73 -32.68
N ARG B 892 -0.71 -5.02 -32.37
CA ARG B 892 0.24 -3.97 -31.96
C ARG B 892 0.48 -2.91 -33.02
N GLY B 893 0.80 -3.33 -34.24
CA GLY B 893 0.93 -2.39 -35.37
C GLY B 893 -0.34 -1.57 -35.66
N GLU B 894 -1.52 -2.19 -35.55
CA GLU B 894 -2.80 -1.53 -35.75
C GLU B 894 -2.98 -0.40 -34.72
N GLU B 895 -2.90 -0.77 -33.45
CA GLU B 895 -2.92 0.17 -32.34
C GLU B 895 -1.87 1.27 -32.44
N PHE B 896 -0.66 0.94 -32.86
CA PHE B 896 0.36 1.95 -33.16
C PHE B 896 0.00 2.90 -34.25
N SER B 897 -0.62 2.39 -35.30
CA SER B 897 -1.11 3.23 -36.40
C SER B 897 -2.18 4.24 -35.87
N LYS B 898 -3.09 3.78 -34.99
CA LYS B 898 -4.07 4.71 -34.40
C LYS B 898 -3.38 5.91 -33.64
N LEU B 899 -2.34 5.63 -32.88
CA LEU B 899 -1.62 6.69 -32.21
C LEU B 899 -1.06 7.68 -33.20
N VAL B 900 -0.29 7.17 -34.18
CA VAL B 900 0.36 8.00 -35.23
C VAL B 900 -0.68 8.86 -35.97
N ALA B 901 -1.84 8.27 -36.25
CA ALA B 901 -3.01 8.98 -36.82
C ALA B 901 -3.40 10.16 -35.94
N THR B 902 -3.59 9.87 -34.65
CA THR B 902 -4.00 10.89 -33.69
C THR B 902 -2.99 12.03 -33.56
N LEU B 903 -1.73 11.68 -33.53
CA LEU B 903 -0.68 12.70 -33.53
C LEU B 903 -0.52 13.48 -34.88
N LEU B 904 -0.82 12.83 -36.02
CA LEU B 904 -0.81 13.56 -37.31
C LEU B 904 -1.97 14.52 -37.36
N ALA B 905 -3.15 14.07 -36.93
CA ALA B 905 -4.35 14.92 -36.85
C ALA B 905 -4.12 16.25 -36.09
N ARG B 906 -3.32 16.18 -35.02
CA ARG B 906 -3.00 17.29 -34.12
C ARG B 906 -1.83 18.12 -34.65
N ARG B 907 -1.24 17.69 -35.75
CA ARG B 907 -0.12 18.36 -36.41
C ARG B 907 1.17 18.40 -35.59
N VAL B 908 1.26 17.50 -34.61
CA VAL B 908 2.38 17.42 -33.69
C VAL B 908 3.50 16.56 -34.25
N LEU B 909 3.13 15.54 -35.00
CA LEU B 909 4.08 14.61 -35.59
C LEU B 909 4.41 15.03 -37.04
N PRO B 910 5.63 15.48 -37.31
CA PRO B 910 6.03 15.79 -38.67
C PRO B 910 6.11 14.60 -39.63
N GLU B 911 5.89 14.89 -40.91
CA GLU B 911 5.88 13.90 -41.98
C GLU B 911 7.22 13.17 -42.06
N ARG B 912 8.33 13.92 -41.95
CA ARG B 912 9.72 13.33 -41.89
C ARG B 912 9.85 12.08 -40.99
N VAL B 913 9.22 12.07 -39.81
CA VAL B 913 9.36 10.91 -38.91
C VAL B 913 8.43 9.76 -39.29
N VAL B 914 7.29 10.01 -39.94
CA VAL B 914 6.40 8.88 -40.32
C VAL B 914 6.96 8.12 -41.53
N ILE B 915 7.60 8.86 -42.43
CA ILE B 915 8.41 8.29 -43.50
C ILE B 915 9.53 7.43 -42.89
N GLU B 916 10.26 7.99 -41.93
CA GLU B 916 11.37 7.25 -41.30
C GLU B 916 10.90 6.00 -40.53
N ALA B 917 9.79 6.12 -39.82
CA ALA B 917 9.15 4.97 -39.16
C ALA B 917 8.73 3.85 -40.10
N THR B 918 8.38 4.22 -41.35
CA THR B 918 8.02 3.24 -42.42
C THR B 918 9.26 2.36 -42.76
N GLN B 919 10.41 3.01 -42.97
CA GLN B 919 11.69 2.34 -43.14
C GLN B 919 12.06 1.41 -41.97
N VAL B 920 11.93 1.89 -40.73
CA VAL B 920 12.33 1.12 -39.54
C VAL B 920 11.42 -0.07 -39.33
N LEU B 921 10.12 0.10 -39.54
CA LEU B 921 9.20 -1.03 -39.48
C LEU B 921 9.42 -2.05 -40.62
N ASN B 922 9.56 -1.57 -41.87
CA ASN B 922 9.71 -2.49 -43.03
C ASN B 922 10.98 -3.33 -42.90
N ASP B 923 12.08 -2.66 -42.57
CA ASP B 923 13.35 -3.28 -42.15
C ASP B 923 13.23 -4.30 -40.97
N ALA B 924 12.36 -4.04 -40.00
CA ALA B 924 12.16 -4.91 -38.84
C ALA B 924 11.42 -6.19 -39.20
N ARG B 925 10.30 -6.09 -39.92
CA ARG B 925 9.75 -7.27 -40.58
C ARG B 925 10.76 -7.57 -41.69
N GLY B 926 10.86 -8.79 -42.16
CA GLY B 926 11.86 -9.11 -43.21
C GLY B 926 13.22 -9.44 -42.64
N ARG B 927 13.70 -8.64 -41.68
CA ARG B 927 14.66 -9.13 -40.66
C ARG B 927 14.02 -10.27 -39.82
N LEU B 928 12.70 -10.19 -39.59
CA LEU B 928 11.87 -11.31 -39.09
C LEU B 928 11.57 -12.45 -40.14
N ARG B 929 11.68 -12.14 -41.44
CA ARG B 929 11.39 -13.01 -42.61
C ARG B 929 10.04 -13.76 -42.56
N LYS C 2 -16.49 2.49 23.44
CA LYS C 2 -16.34 3.54 22.38
C LYS C 2 -14.87 3.62 21.90
N ALA C 3 -13.99 4.28 22.67
CA ALA C 3 -12.61 4.49 22.23
C ALA C 3 -11.74 3.32 22.67
N ALA C 4 -10.76 3.02 21.83
CA ALA C 4 -9.79 1.99 22.11
C ALA C 4 -8.81 2.48 23.20
N ARG C 5 -8.22 1.56 23.96
CA ARG C 5 -7.29 1.90 25.05
C ARG C 5 -6.08 0.95 25.02
N SER C 7 -3.32 1.42 27.49
CA SER C 7 -2.94 1.24 28.90
C SER C 7 -3.88 0.30 29.63
N ALA C 8 -3.41 -0.30 30.72
CA ALA C 8 -4.27 -1.16 31.62
C ALA C 8 -5.37 -0.35 32.32
N PRO C 9 -6.57 -0.95 32.53
CA PRO C 9 -7.68 -0.19 33.18
C PRO C 9 -7.43 0.22 34.65
N VAL D 1 -12.54 27.55 3.40
CA VAL D 1 -12.18 27.46 4.86
C VAL D 1 -10.64 27.40 5.03
N MET D 2 -10.13 27.75 6.21
CA MET D 2 -8.67 27.98 6.36
C MET D 2 -7.92 26.67 6.16
N LEU D 3 -6.95 26.73 5.27
CA LEU D 3 -5.98 25.66 5.12
C LEU D 3 -4.64 26.34 5.20
N PRO D 4 -3.81 26.00 6.21
CA PRO D 4 -2.54 26.67 6.24
C PRO D 4 -1.54 26.02 5.27
N GLY D 5 -0.88 26.85 4.50
CA GLY D 5 0.15 26.36 3.64
C GLY D 5 1.08 27.46 3.21
N ARG D 6 2.20 27.02 2.66
CA ARG D 6 3.11 27.93 2.05
C ARG D 6 2.33 28.58 0.89
N GLY D 7 2.56 29.84 0.66
CA GLY D 7 1.98 30.56 -0.48
C GLY D 7 3.02 31.59 -0.89
N VAL D 8 2.93 32.09 -2.13
CA VAL D 8 3.75 33.23 -2.53
C VAL D 8 2.97 34.50 -2.02
N PRO D 9 3.58 35.30 -1.09
CA PRO D 9 2.88 36.52 -0.56
C PRO D 9 2.78 37.69 -1.53
#